data_3T6Z
#
_entry.id   3T6Z
#
_cell.length_a   73.510
_cell.length_b   140.040
_cell.length_c   172.980
_cell.angle_alpha   90.00
_cell.angle_beta   90.00
_cell.angle_gamma   90.00
#
_symmetry.space_group_name_H-M   'P 21 21 21'
#
loop_
_entity.id
_entity.type
_entity.pdbx_description
1 polymer Laccase
2 branched 2-acetamido-2-deoxy-beta-D-glucopyranose-(1-4)-2-acetamido-2-deoxy-beta-D-glucopyranose
3 non-polymer 'COPPER (II) ION'
4 non-polymer 'SULFATE ION'
5 non-polymer GLYCEROL
6 water water
#
_entity_poly.entity_id   1
_entity_poly.type   'polypeptide(L)'
_entity_poly.pdbx_seq_one_letter_code
;VQIGPVTDLHIVNADIVPDGFVRPAVNAGGTFPGPVIAGNVGDNFQIVTFNQLIECSMLVDTSIHWHGEFQKGTNWADGP
AFITQCPIIVGNSFSYNFNVPGMAGTYWYHSHLTTQYCDGLRGPFVVYDPNDPDANLYDVDDDTTIITLADWYHVLAKEM
GAGGAITADSTLIDGLGRTHVNVAAVPLSVITVEVGKRYRMRLVSISCDPNYDFSIDGHDMTIIETDGVDSQELTVDEIQ
IFAAQRYSFVLNANQPVGNYWIRANPNSGGEGFDGGINSAILRYDGATTADPVTVASTVHTKCLIETDLHPLSRNGVPGN
PHQGGADCNLNLSLGFACGNFVINGVSFTPPTVPVLLQICSGANTAADLLPSGSVISLPSNSTIEIALPAGAAGGPHPFH
LHGHDFAVSESASNSTSNYDDPIWRDVVSIGGVGDNVTIRFCTDNPGPWFLHCHIDWHLDAGFAIVFAEDIPNTASANPV
PEAWSNLCPSYDSAH
;
_entity_poly.pdbx_strand_id   A,B,C
#
# COMPACT_ATOMS: atom_id res chain seq x y z
N VAL A 1 12.56 -12.83 3.81
CA VAL A 1 13.65 -12.37 4.72
C VAL A 1 13.61 -13.24 5.97
N GLN A 2 14.77 -13.49 6.60
CA GLN A 2 14.87 -14.21 7.89
C GLN A 2 15.34 -13.31 9.03
N ILE A 3 14.65 -13.41 10.16
CA ILE A 3 15.01 -12.73 11.39
C ILE A 3 15.03 -13.75 12.55
N GLY A 4 15.65 -13.37 13.67
CA GLY A 4 15.71 -14.23 14.83
C GLY A 4 17.05 -14.91 15.00
N PRO A 5 17.23 -15.66 16.12
CA PRO A 5 16.14 -15.93 17.08
C PRO A 5 15.79 -14.79 18.06
N VAL A 6 16.70 -13.85 18.22
CA VAL A 6 16.42 -12.68 19.00
C VAL A 6 16.04 -11.55 18.03
N THR A 7 14.81 -11.06 18.12
CA THR A 7 14.33 -10.06 17.14
C THR A 7 13.17 -9.21 17.63
N ASP A 8 13.04 -8.02 17.04
CA ASP A 8 11.79 -7.27 17.16
C ASP A 8 10.85 -7.74 16.07
N LEU A 9 9.56 -7.56 16.33
CA LEU A 9 8.54 -7.87 15.36
C LEU A 9 7.43 -6.88 15.58
N HIS A 10 7.31 -5.92 14.68
CA HIS A 10 6.27 -4.92 14.81
C HIS A 10 5.00 -5.36 14.11
N ILE A 11 3.88 -5.08 14.75
CA ILE A 11 2.61 -5.46 14.23
C ILE A 11 1.94 -4.17 13.82
N VAL A 12 1.80 -4.01 12.50
CA VAL A 12 1.28 -2.79 11.91
C VAL A 12 0.11 -3.03 10.96
N ASN A 13 -0.63 -1.97 10.65
CA ASN A 13 -1.63 -2.01 9.61
C ASN A 13 -1.01 -1.48 8.34
N ALA A 14 -1.44 -2.04 7.22
CA ALA A 14 -0.93 -1.63 5.94
C ALA A 14 -2.02 -2.07 4.98
N ASP A 15 -2.31 -1.26 3.97
CA ASP A 15 -3.06 -1.72 2.81
C ASP A 15 -2.12 -2.49 1.88
N ILE A 16 -2.58 -3.62 1.37
CA ILE A 16 -1.81 -4.43 0.43
C ILE A 16 -2.76 -4.87 -0.70
N VAL A 17 -2.18 -5.20 -1.85
CA VAL A 17 -2.96 -5.62 -3.02
C VAL A 17 -2.40 -6.91 -3.68
N PRO A 18 -2.33 -8.02 -2.93
CA PRO A 18 -1.59 -9.20 -3.47
C PRO A 18 -2.19 -9.79 -4.76
N ASP A 19 -3.50 -9.60 -4.95
CA ASP A 19 -4.18 -10.02 -6.16
C ASP A 19 -4.63 -8.86 -7.04
N GLY A 20 -4.16 -7.65 -6.73
CA GLY A 20 -4.60 -6.42 -7.47
C GLY A 20 -5.72 -5.63 -6.79
N PHE A 21 -6.22 -6.14 -5.67
CA PHE A 21 -7.31 -5.50 -4.96
C PHE A 21 -6.82 -4.96 -3.62
N VAL A 22 -6.71 -3.61 -3.49
CA VAL A 22 -6.26 -3.04 -2.22
C VAL A 22 -7.29 -3.21 -1.12
N ARG A 23 -6.79 -3.63 0.03
CA ARG A 23 -7.58 -3.64 1.26
C ARG A 23 -6.65 -3.57 2.47
N PRO A 24 -7.23 -3.32 3.66
CA PRO A 24 -6.48 -3.22 4.89
C PRO A 24 -5.94 -4.56 5.35
N ALA A 25 -4.85 -4.52 6.11
CA ALA A 25 -4.27 -5.74 6.62
C ALA A 25 -3.61 -5.50 7.97
N VAL A 26 -3.46 -6.60 8.71
CA VAL A 26 -2.67 -6.60 9.92
C VAL A 26 -1.42 -7.42 9.61
N ASN A 27 -0.27 -6.75 9.55
CA ASN A 27 1.04 -7.34 9.16
C ASN A 27 2.03 -7.54 10.32
N ALA A 28 2.68 -8.70 10.36
CA ALA A 28 3.81 -8.91 11.24
C ALA A 28 5.07 -8.60 10.44
N GLY A 29 5.92 -7.76 10.99
CA GLY A 29 7.19 -7.48 10.36
C GLY A 29 7.13 -6.71 9.06
N GLY A 30 5.99 -6.09 8.77
CA GLY A 30 5.86 -5.19 7.63
C GLY A 30 5.46 -5.80 6.30
N THR A 31 5.39 -7.12 6.25
CA THR A 31 5.29 -7.83 4.97
C THR A 31 4.17 -8.90 4.94
N PHE A 32 3.73 -9.31 3.75
CA PHE A 32 2.83 -10.47 3.66
C PHE A 32 3.35 -11.56 2.69
N PRO A 33 3.61 -12.77 3.19
CA PRO A 33 3.52 -13.16 4.61
C PRO A 33 4.57 -12.45 5.47
N GLY A 34 4.47 -12.65 6.78
CA GLY A 34 5.47 -12.13 7.70
C GLY A 34 6.83 -12.69 7.36
N PRO A 35 7.89 -12.06 7.87
CA PRO A 35 9.25 -12.52 7.68
C PRO A 35 9.40 -13.89 8.31
N VAL A 36 10.32 -14.69 7.79
CA VAL A 36 10.57 -15.97 8.39
C VAL A 36 11.34 -15.76 9.69
N ILE A 37 10.78 -16.23 10.79
CA ILE A 37 11.51 -16.32 12.05
C ILE A 37 12.25 -17.68 12.11
N ALA A 38 13.55 -17.61 12.35
CA ALA A 38 14.41 -18.78 12.26
C ALA A 38 15.41 -18.83 13.41
N GLY A 39 15.77 -20.06 13.77
CA GLY A 39 16.86 -20.32 14.70
C GLY A 39 17.29 -21.77 14.53
N ASN A 40 18.21 -22.23 15.39
CA ASN A 40 18.66 -23.63 15.38
C ASN A 40 18.03 -24.31 16.57
N VAL A 41 17.95 -25.66 16.52
CA VAL A 41 17.37 -26.42 17.61
C VAL A 41 18.08 -26.09 18.90
N GLY A 42 17.29 -25.91 19.95
CA GLY A 42 17.80 -25.64 21.28
C GLY A 42 18.05 -24.18 21.55
N ASP A 43 17.82 -23.33 20.55
CA ASP A 43 18.00 -21.87 20.66
C ASP A 43 17.02 -21.23 21.58
N ASN A 44 17.44 -20.11 22.16
CA ASN A 44 16.53 -19.23 22.89
C ASN A 44 15.96 -18.17 21.94
N PHE A 45 14.65 -18.20 21.76
CA PHE A 45 13.94 -17.20 20.97
C PHE A 45 13.44 -16.10 21.88
N GLN A 46 13.71 -14.86 21.49
CA GLN A 46 13.23 -13.71 22.22
C GLN A 46 12.66 -12.78 21.19
N ILE A 47 11.33 -12.83 21.06
CA ILE A 47 10.66 -12.07 20.07
C ILE A 47 9.90 -10.95 20.79
N VAL A 48 10.34 -9.72 20.55
CA VAL A 48 9.65 -8.56 21.11
C VAL A 48 8.60 -8.06 20.13
N THR A 49 7.36 -8.33 20.45
CA THR A 49 6.25 -7.97 19.61
C THR A 49 5.77 -6.57 20.04
N PHE A 50 5.88 -5.60 19.13
CA PHE A 50 5.37 -4.25 19.36
C PHE A 50 4.06 -4.14 18.65
N ASN A 51 3.00 -3.97 19.43
CA ASN A 51 1.70 -3.72 18.86
C ASN A 51 1.57 -2.23 18.50
N GLN A 52 1.60 -1.95 17.20
CA GLN A 52 1.33 -0.60 16.69
C GLN A 52 0.04 -0.46 15.87
N LEU A 53 -0.94 -1.31 16.12
CA LEU A 53 -2.16 -1.33 15.33
C LEU A 53 -3.06 -0.15 15.59
N ILE A 54 -3.72 0.34 14.55
CA ILE A 54 -4.59 1.50 14.69
C ILE A 54 -6.00 1.25 14.14
N GLU A 55 -6.12 0.32 13.20
CA GLU A 55 -7.36 0.08 12.46
C GLU A 55 -8.31 -0.91 13.19
N CYS A 56 -9.34 -0.34 13.82
CA CYS A 56 -10.19 -1.16 14.67
C CYS A 56 -10.97 -2.21 13.90
N SER A 57 -11.12 -1.96 12.60
CA SER A 57 -11.85 -2.81 11.70
C SER A 57 -11.36 -4.24 11.79
N MET A 58 -10.08 -4.40 12.16
CA MET A 58 -9.42 -5.70 12.23
C MET A 58 -8.90 -5.98 13.66
N LEU A 59 -9.31 -5.09 14.58
CA LEU A 59 -8.92 -5.11 16.01
C LEU A 59 -7.51 -4.58 16.18
N VAL A 60 -7.34 -3.74 17.20
CA VAL A 60 -6.02 -3.14 17.50
C VAL A 60 -5.29 -3.86 18.62
N ASP A 61 -5.97 -4.83 19.21
CA ASP A 61 -5.34 -5.72 20.14
C ASP A 61 -4.71 -6.86 19.34
N THR A 62 -3.76 -7.59 19.93
CA THR A 62 -3.18 -8.76 19.25
C THR A 62 -2.53 -9.76 20.21
N SER A 63 -2.34 -10.98 19.72
CA SER A 63 -1.68 -12.01 20.50
C SER A 63 -1.12 -13.00 19.51
N ILE A 64 0.13 -13.42 19.68
CA ILE A 64 0.77 -14.27 18.67
C ILE A 64 1.08 -15.70 19.15
N HIS A 65 0.63 -16.67 18.35
CA HIS A 65 0.93 -18.10 18.56
C HIS A 65 2.08 -18.59 17.67
N TRP A 66 2.89 -19.49 18.22
CA TRP A 66 4.06 -20.07 17.54
C TRP A 66 3.70 -21.53 17.26
N HIS A 67 3.25 -21.79 16.06
CA HIS A 67 2.44 -22.98 15.80
C HIS A 67 3.30 -24.25 15.76
N GLY A 68 2.96 -25.24 16.60
CA GLY A 68 3.76 -26.46 16.74
C GLY A 68 4.98 -26.45 17.67
N GLU A 69 5.35 -25.27 18.16
CA GLU A 69 6.30 -25.09 19.27
C GLU A 69 5.67 -25.56 20.58
N PHE A 70 6.32 -26.50 21.27
CA PHE A 70 5.77 -27.11 22.46
C PHE A 70 5.60 -26.18 23.64
N GLN A 71 6.53 -25.22 23.80
CA GLN A 71 6.46 -24.20 24.87
C GLN A 71 6.48 -24.83 26.27
N LYS A 72 7.34 -25.81 26.49
CA LYS A 72 7.37 -26.48 27.78
C LYS A 72 7.99 -25.55 28.81
N GLY A 73 7.29 -25.32 29.92
CA GLY A 73 7.80 -24.41 30.94
C GLY A 73 7.47 -22.96 30.60
N THR A 74 7.04 -22.72 29.37
CA THR A 74 6.67 -21.38 28.94
C THR A 74 5.26 -21.35 28.35
N ASN A 75 4.33 -22.01 29.03
CA ASN A 75 2.94 -21.98 28.60
C ASN A 75 2.46 -20.52 28.39
N TRP A 76 3.00 -19.59 29.18
CA TRP A 76 2.58 -18.18 29.13
C TRP A 76 2.83 -17.51 27.76
N ALA A 77 3.85 -18.00 27.04
CA ALA A 77 4.25 -17.49 25.74
C ALA A 77 3.55 -18.14 24.52
N ASP A 78 2.61 -19.06 24.77
CA ASP A 78 1.93 -19.80 23.69
C ASP A 78 1.08 -18.94 22.70
N GLY A 79 0.34 -17.96 23.20
CA GLY A 79 -0.34 -17.01 22.32
C GLY A 79 -1.86 -17.03 22.24
N PRO A 80 -2.50 -18.20 22.46
CA PRO A 80 -3.94 -18.20 22.26
C PRO A 80 -4.65 -17.30 23.27
N ALA A 81 -5.38 -16.32 22.76
CA ALA A 81 -6.01 -15.29 23.57
C ALA A 81 -7.02 -15.91 24.51
N PHE A 82 -6.98 -15.47 25.77
CA PHE A 82 -7.89 -15.94 26.81
C PHE A 82 -7.71 -17.43 27.14
N ILE A 83 -6.71 -18.07 26.54
CA ILE A 83 -6.28 -19.36 27.00
C ILE A 83 -5.04 -19.19 27.83
N THR A 84 -3.97 -18.63 27.23
CA THR A 84 -2.69 -18.50 27.95
C THR A 84 -2.27 -17.05 28.25
N GLN A 85 -3.01 -16.09 27.72
CA GLN A 85 -2.67 -14.70 27.92
C GLN A 85 -3.83 -13.83 27.49
N CYS A 86 -3.91 -12.63 28.05
CA CYS A 86 -4.75 -11.57 27.49
C CYS A 86 -4.03 -10.97 26.28
N PRO A 87 -4.78 -10.36 25.34
CA PRO A 87 -4.15 -9.72 24.21
C PRO A 87 -3.27 -8.55 24.62
N ILE A 88 -2.22 -8.31 23.84
CA ILE A 88 -1.43 -7.09 23.95
C ILE A 88 -2.25 -5.94 23.35
N ILE A 89 -2.22 -4.77 24.01
CA ILE A 89 -2.98 -3.62 23.49
C ILE A 89 -2.11 -2.75 22.57
N VAL A 90 -2.75 -1.99 21.68
CA VAL A 90 -1.99 -1.09 20.84
C VAL A 90 -1.15 -0.11 21.69
N GLY A 91 0.10 0.12 21.28
CA GLY A 91 1.00 0.99 22.01
C GLY A 91 1.96 0.25 22.94
N ASN A 92 1.61 -0.97 23.32
CA ASN A 92 2.46 -1.76 24.20
C ASN A 92 3.31 -2.76 23.42
N SER A 93 4.30 -3.33 24.10
CA SER A 93 5.04 -4.43 23.55
C SER A 93 5.03 -5.59 24.53
N PHE A 94 5.47 -6.74 24.05
CA PHE A 94 5.55 -7.92 24.91
C PHE A 94 6.60 -8.88 24.33
N SER A 95 7.44 -9.41 25.20
CA SER A 95 8.53 -10.32 24.84
C SER A 95 8.15 -11.81 24.97
N TYR A 96 7.94 -12.47 23.82
CA TYR A 96 7.79 -13.92 23.76
C TYR A 96 9.18 -14.53 23.84
N ASN A 97 9.46 -15.08 25.00
CA ASN A 97 10.78 -15.53 25.35
C ASN A 97 10.66 -16.99 25.67
N PHE A 98 11.25 -17.82 24.81
CA PHE A 98 11.11 -19.27 24.93
C PHE A 98 12.22 -20.07 24.27
N ASN A 99 12.28 -21.37 24.58
CA ASN A 99 13.27 -22.24 23.98
C ASN A 99 12.56 -23.29 23.14
N VAL A 100 13.32 -23.92 22.24
CA VAL A 100 12.80 -25.02 21.42
C VAL A 100 13.71 -26.24 21.53
N PRO A 101 13.75 -26.86 22.73
CA PRO A 101 14.61 -28.03 22.77
C PRO A 101 13.94 -29.18 22.03
N GLY A 102 14.76 -30.01 21.39
CA GLY A 102 14.27 -31.26 20.80
C GLY A 102 13.50 -31.10 19.48
N MET A 103 13.22 -29.85 19.09
CA MET A 103 12.40 -29.63 17.92
C MET A 103 13.18 -29.01 16.80
N ALA A 104 12.95 -29.49 15.60
CA ALA A 104 13.53 -28.88 14.39
C ALA A 104 12.51 -29.04 13.29
N GLY A 105 12.65 -28.31 12.19
CA GLY A 105 11.69 -28.40 11.10
C GLY A 105 10.92 -27.12 10.80
N THR A 106 9.78 -27.30 10.14
CA THR A 106 9.09 -26.22 9.52
C THR A 106 7.85 -25.92 10.30
N TYR A 107 7.77 -24.68 10.80
CA TYR A 107 6.62 -24.23 11.59
C TYR A 107 6.06 -22.90 11.08
N TRP A 108 5.21 -22.26 11.87
CA TRP A 108 4.72 -20.94 11.50
C TRP A 108 4.18 -20.20 12.70
N TYR A 109 3.88 -18.92 12.51
CA TYR A 109 3.33 -18.09 13.56
C TYR A 109 2.14 -17.28 13.05
N HIS A 110 1.17 -17.01 13.91
CA HIS A 110 -0.03 -16.28 13.50
C HIS A 110 -0.71 -15.63 14.69
N SER A 111 -1.48 -14.57 14.43
CA SER A 111 -2.40 -14.02 15.43
C SER A 111 -3.28 -15.14 15.94
N HIS A 112 -3.47 -15.17 17.24
CA HIS A 112 -4.35 -16.16 17.85
C HIS A 112 -5.45 -15.47 18.64
N LEU A 113 -5.85 -14.31 18.13
CA LEU A 113 -6.97 -13.55 18.66
C LEU A 113 -8.03 -13.55 17.56
N THR A 114 -9.25 -13.93 17.91
CA THR A 114 -10.40 -13.87 16.96
C THR A 114 -9.98 -14.42 15.59
N THR A 115 -10.35 -13.77 14.50
CA THR A 115 -10.00 -14.25 13.16
C THR A 115 -8.93 -13.39 12.51
N GLN A 116 -8.12 -12.77 13.36
CA GLN A 116 -7.14 -11.75 12.97
C GLN A 116 -6.06 -12.27 12.03
N TYR A 117 -5.71 -13.53 12.15
CA TYR A 117 -4.66 -14.02 11.27
C TYR A 117 -5.10 -14.07 9.81
N CYS A 118 -6.40 -14.23 9.56
CA CYS A 118 -6.90 -14.09 8.18
C CYS A 118 -6.53 -12.71 7.58
N ASP A 119 -6.55 -11.67 8.42
CA ASP A 119 -6.33 -10.31 7.99
C ASP A 119 -4.84 -10.02 7.73
N GLY A 120 -3.97 -11.02 7.87
CA GLY A 120 -2.58 -10.87 7.39
C GLY A 120 -1.45 -11.30 8.29
N LEU A 121 -1.71 -11.41 9.59
CA LEU A 121 -0.64 -11.70 10.58
C LEU A 121 -0.34 -13.18 10.55
N ARG A 122 0.50 -13.57 9.59
CA ARG A 122 0.90 -14.95 9.40
C ARG A 122 2.24 -15.01 8.67
N GLY A 123 3.06 -15.95 9.10
CA GLY A 123 4.40 -16.02 8.56
C GLY A 123 5.02 -17.32 8.95
N PRO A 124 6.13 -17.67 8.27
CA PRO A 124 6.83 -18.93 8.53
C PRO A 124 7.85 -18.84 9.66
N PHE A 125 8.09 -19.99 10.28
CA PHE A 125 8.94 -20.12 11.45
C PHE A 125 9.74 -21.40 11.20
N VAL A 126 11.05 -21.29 11.01
CA VAL A 126 11.87 -22.49 10.71
C VAL A 126 12.95 -22.73 11.77
N VAL A 127 12.99 -23.93 12.31
CA VAL A 127 14.06 -24.33 13.23
C VAL A 127 15.04 -25.25 12.52
N TYR A 128 16.20 -24.71 12.19
CA TYR A 128 17.20 -25.46 11.46
C TYR A 128 17.94 -26.45 12.36
N ASP A 129 18.26 -27.62 11.82
CA ASP A 129 19.00 -28.61 12.57
C ASP A 129 20.36 -28.63 11.94
N PRO A 130 21.40 -28.22 12.68
CA PRO A 130 22.72 -28.24 12.05
C PRO A 130 23.19 -29.69 11.80
N ASN A 131 22.48 -30.65 12.37
CA ASN A 131 22.76 -32.08 12.13
C ASN A 131 21.56 -32.83 11.54
N ASP A 132 20.85 -32.16 10.65
CA ASP A 132 19.69 -32.72 9.97
C ASP A 132 20.02 -34.09 9.30
N PRO A 133 19.33 -35.16 9.74
CA PRO A 133 19.64 -36.44 9.12
C PRO A 133 19.26 -36.45 7.63
N ASP A 134 18.45 -35.47 7.21
CA ASP A 134 17.96 -35.36 5.82
C ASP A 134 18.88 -34.57 4.90
N ALA A 135 19.79 -33.83 5.52
CA ALA A 135 20.67 -32.88 4.84
C ALA A 135 21.27 -33.40 3.54
N ASN A 136 21.75 -34.64 3.53
CA ASN A 136 22.41 -35.20 2.36
C ASN A 136 21.49 -35.42 1.15
N LEU A 137 20.18 -35.36 1.35
CA LEU A 137 19.21 -35.56 0.26
C LEU A 137 19.02 -34.33 -0.64
N TYR A 138 19.58 -33.19 -0.27
CA TYR A 138 19.40 -31.97 -1.08
C TYR A 138 20.58 -31.03 -1.05
N ASP A 139 20.59 -30.12 -2.03
CA ASP A 139 21.66 -29.13 -2.14
C ASP A 139 21.30 -27.76 -1.57
N VAL A 140 20.00 -27.45 -1.51
CA VAL A 140 19.59 -26.08 -1.18
C VAL A 140 18.43 -26.09 -0.20
N ASP A 141 18.61 -25.38 0.92
CA ASP A 141 17.56 -25.20 1.93
C ASP A 141 17.78 -23.81 2.46
N ASP A 142 16.94 -22.86 2.08
CA ASP A 142 17.11 -21.49 2.60
C ASP A 142 15.83 -20.71 2.41
N ASP A 143 15.94 -19.38 2.52
CA ASP A 143 14.74 -18.58 2.49
C ASP A 143 14.02 -18.70 1.14
N THR A 144 14.80 -18.85 0.07
CA THR A 144 14.20 -19.03 -1.28
C THR A 144 13.41 -20.33 -1.50
N THR A 145 13.45 -21.27 -0.56
CA THR A 145 12.84 -22.59 -0.80
C THR A 145 11.69 -22.81 0.15
N ILE A 146 11.30 -21.74 0.83
CA ILE A 146 10.05 -21.75 1.61
C ILE A 146 8.88 -21.39 0.70
N ILE A 147 7.82 -22.21 0.72
CA ILE A 147 6.64 -21.93 -0.08
C ILE A 147 5.42 -21.85 0.83
N THR A 148 4.82 -20.67 0.92
CA THR A 148 3.62 -20.54 1.72
C THR A 148 2.42 -20.59 0.82
N LEU A 149 1.33 -21.20 1.30
CA LEU A 149 0.05 -21.16 0.62
C LEU A 149 -0.95 -20.43 1.52
N ALA A 150 -1.57 -19.37 1.00
CA ALA A 150 -2.48 -18.53 1.78
C ALA A 150 -3.78 -18.32 1.04
N ASP A 151 -4.90 -18.45 1.76
CA ASP A 151 -6.20 -17.96 1.29
C ASP A 151 -6.30 -16.45 1.57
N TRP A 152 -6.85 -15.68 0.64
CA TRP A 152 -6.95 -14.25 0.85
C TRP A 152 -8.36 -13.77 0.58
N TYR A 153 -8.82 -12.81 1.38
CA TYR A 153 -10.23 -12.40 1.36
C TYR A 153 -10.33 -10.93 1.04
N HIS A 154 -11.33 -10.54 0.24
CA HIS A 154 -11.54 -9.11 -0.03
C HIS A 154 -12.40 -8.44 1.04
N VAL A 155 -13.12 -9.27 1.78
CA VAL A 155 -13.95 -8.91 2.94
C VAL A 155 -13.12 -9.06 4.21
N LEU A 156 -13.11 -8.02 5.04
CA LEU A 156 -12.43 -8.02 6.34
C LEU A 156 -12.98 -9.12 7.24
N ALA A 157 -12.07 -9.87 7.87
CA ALA A 157 -12.42 -10.98 8.76
C ALA A 157 -13.57 -10.69 9.73
N LYS A 158 -13.51 -9.54 10.41
CA LYS A 158 -14.52 -9.14 11.42
CA LYS A 158 -14.52 -9.15 11.42
C LYS A 158 -15.93 -9.06 10.86
N GLU A 159 -16.02 -8.82 9.54
CA GLU A 159 -17.32 -8.71 8.83
C GLU A 159 -17.78 -9.98 8.14
N MET A 160 -16.96 -11.04 8.18
CA MET A 160 -17.37 -12.33 7.61
C MET A 160 -18.60 -12.86 8.37
N GLY A 161 -19.55 -13.47 7.66
CA GLY A 161 -20.74 -13.96 8.35
C GLY A 161 -21.21 -15.33 7.91
N ALA A 162 -21.04 -16.38 8.71
CA ALA A 162 -20.31 -16.47 10.02
C ALA A 162 -21.09 -17.15 11.16
N GLY A 163 -21.16 -18.47 11.15
CA GLY A 163 -20.79 -19.27 9.98
C GLY A 163 -21.85 -20.32 9.73
N GLY A 164 -22.44 -20.33 8.53
CA GLY A 164 -22.08 -19.41 7.46
C GLY A 164 -20.88 -19.87 6.66
N ALA A 165 -21.14 -20.38 5.47
CA ALA A 165 -20.06 -20.74 4.54
C ALA A 165 -19.30 -19.47 4.13
N ILE A 166 -17.98 -19.52 4.22
CA ILE A 166 -17.14 -18.38 3.85
C ILE A 166 -16.13 -18.87 2.82
N THR A 167 -15.93 -18.11 1.74
CA THR A 167 -14.96 -18.54 0.75
C THR A 167 -13.94 -17.46 0.42
N ALA A 168 -12.70 -17.88 0.13
CA ALA A 168 -11.62 -16.96 -0.24
C ALA A 168 -11.85 -16.29 -1.61
N ASP A 169 -11.13 -15.19 -1.86
CA ASP A 169 -11.20 -14.48 -3.14
C ASP A 169 -9.96 -14.69 -4.01
N SER A 170 -8.90 -15.26 -3.42
CA SER A 170 -7.79 -15.80 -4.20
C SER A 170 -6.89 -16.66 -3.36
N THR A 171 -5.97 -17.32 -4.06
CA THR A 171 -4.97 -18.16 -3.43
C THR A 171 -3.66 -17.45 -3.73
N LEU A 172 -2.89 -17.26 -2.67
CA LEU A 172 -1.62 -16.56 -2.75
C LEU A 172 -0.51 -17.56 -2.49
N ILE A 173 0.47 -17.59 -3.39
CA ILE A 173 1.62 -18.47 -3.22
C ILE A 173 2.83 -17.55 -3.05
N ASP A 174 3.54 -17.69 -1.94
CA ASP A 174 4.55 -16.71 -1.54
C ASP A 174 3.99 -15.29 -1.66
N GLY A 175 2.73 -15.12 -1.26
CA GLY A 175 2.17 -13.78 -1.12
C GLY A 175 1.64 -13.11 -2.37
N LEU A 176 1.71 -13.79 -3.52
CA LEU A 176 1.13 -13.27 -4.75
C LEU A 176 0.21 -14.29 -5.39
N GLY A 177 -0.80 -13.81 -6.11
CA GLY A 177 -1.74 -14.68 -6.82
C GLY A 177 -2.91 -13.88 -7.37
N ARG A 178 -3.76 -14.55 -8.13
CA ARG A 178 -4.80 -13.84 -8.86
C ARG A 178 -6.19 -14.09 -8.29
N THR A 179 -7.01 -13.05 -8.39
CA THR A 179 -8.36 -13.12 -7.87
C THR A 179 -9.18 -14.17 -8.60
N HIS A 180 -9.97 -14.95 -7.85
CA HIS A 180 -10.85 -15.98 -8.42
C HIS A 180 -11.86 -15.35 -9.40
N VAL A 181 -12.47 -14.24 -9.02
CA VAL A 181 -13.45 -13.60 -9.90
C VAL A 181 -12.92 -12.32 -10.57
N ASN A 182 -13.32 -12.11 -11.82
CA ASN A 182 -12.82 -11.02 -12.67
C ASN A 182 -11.30 -10.90 -12.57
N VAL A 183 -10.66 -12.04 -12.77
CA VAL A 183 -9.22 -12.22 -12.66
C VAL A 183 -8.41 -11.15 -13.42
N ALA A 184 -7.67 -10.33 -12.70
CA ALA A 184 -6.76 -9.38 -13.32
C ALA A 184 -5.33 -9.96 -13.43
N ALA A 185 -4.64 -9.59 -14.50
CA ALA A 185 -3.32 -10.12 -14.82
C ALA A 185 -2.24 -9.47 -13.94
N VAL A 186 -2.24 -9.82 -12.67
CA VAL A 186 -1.35 -9.22 -11.68
C VAL A 186 -0.14 -10.15 -11.49
N PRO A 187 0.94 -9.69 -10.86
CA PRO A 187 2.18 -10.50 -10.81
C PRO A 187 2.07 -11.84 -10.06
N LEU A 188 2.63 -12.88 -10.66
CA LEU A 188 2.69 -14.21 -10.04
C LEU A 188 4.07 -14.39 -9.39
N SER A 189 4.13 -15.22 -8.36
CA SER A 189 5.38 -15.52 -7.68
C SER A 189 6.18 -16.49 -8.55
N VAL A 190 7.49 -16.41 -8.44
CA VAL A 190 8.40 -17.27 -9.17
C VAL A 190 9.25 -18.01 -8.16
N ILE A 191 9.47 -19.29 -8.43
CA ILE A 191 10.43 -20.10 -7.67
C ILE A 191 11.49 -20.60 -8.66
N THR A 192 12.72 -20.15 -8.46
CA THR A 192 13.78 -20.39 -9.44
C THR A 192 14.67 -21.58 -9.05
N VAL A 193 14.88 -22.50 -10.00
CA VAL A 193 15.70 -23.68 -9.79
C VAL A 193 16.78 -23.79 -10.86
N GLU A 194 17.82 -24.60 -10.58
CA GLU A 194 18.94 -24.81 -11.50
C GLU A 194 19.00 -26.29 -11.86
N VAL A 195 19.01 -26.57 -13.17
CA VAL A 195 19.13 -27.92 -13.74
C VAL A 195 20.07 -28.77 -12.91
N GLY A 196 19.59 -29.91 -12.43
CA GLY A 196 20.43 -30.82 -11.67
C GLY A 196 20.57 -30.62 -10.17
N LYS A 197 20.03 -29.53 -9.62
CA LYS A 197 20.06 -29.30 -8.17
C LYS A 197 18.81 -29.84 -7.47
N ARG A 198 19.00 -30.26 -6.22
CA ARG A 198 17.91 -30.74 -5.40
C ARG A 198 17.64 -29.73 -4.30
N TYR A 199 16.34 -29.50 -4.07
CA TYR A 199 15.91 -28.43 -3.17
C TYR A 199 15.09 -28.96 -2.03
N ARG A 200 15.38 -28.51 -0.81
CA ARG A 200 14.44 -28.73 0.28
C ARG A 200 13.39 -27.67 0.27
N MET A 201 12.26 -27.99 -0.35
CA MET A 201 11.09 -27.11 -0.39
C MET A 201 10.23 -27.25 0.88
N ARG A 202 10.04 -26.11 1.58
CA ARG A 202 9.31 -26.12 2.82
C ARG A 202 7.91 -25.55 2.58
N LEU A 203 6.96 -26.45 2.42
CA LEU A 203 5.61 -26.13 2.03
C LEU A 203 4.79 -25.86 3.29
N VAL A 204 4.38 -24.60 3.47
CA VAL A 204 3.65 -24.16 4.64
C VAL A 204 2.22 -23.75 4.30
N SER A 205 1.24 -24.43 4.88
CA SER A 205 -0.11 -23.90 4.83
C SER A 205 -0.29 -22.83 5.90
N ILE A 206 -0.49 -21.58 5.47
CA ILE A 206 -0.87 -20.51 6.37
C ILE A 206 -2.35 -20.14 6.16
N SER A 207 -3.13 -21.14 5.74
CA SER A 207 -4.54 -20.99 5.43
C SER A 207 -5.47 -20.76 6.65
N CYS A 208 -6.32 -19.73 6.53
CA CYS A 208 -7.47 -19.59 7.43
C CYS A 208 -8.57 -20.62 7.23
N ASP A 209 -8.57 -21.32 6.11
CA ASP A 209 -9.68 -22.22 5.83
C ASP A 209 -9.36 -23.35 4.83
N PRO A 210 -9.28 -23.06 3.51
CA PRO A 210 -9.20 -24.17 2.54
C PRO A 210 -8.01 -25.11 2.67
N ASN A 211 -8.18 -26.34 2.20
CA ASN A 211 -7.04 -27.24 2.02
C ASN A 211 -6.62 -27.17 0.55
N TYR A 212 -5.36 -27.47 0.24
CA TYR A 212 -4.89 -27.36 -1.14
C TYR A 212 -4.34 -28.62 -1.72
N ASP A 213 -4.73 -28.86 -2.97
CA ASP A 213 -4.16 -29.89 -3.81
C ASP A 213 -2.96 -29.27 -4.51
N PHE A 214 -1.79 -29.55 -3.96
CA PHE A 214 -0.53 -28.95 -4.39
C PHE A 214 0.29 -29.86 -5.29
N SER A 215 0.69 -29.33 -6.44
CA SER A 215 1.47 -30.08 -7.41
C SER A 215 2.35 -29.15 -8.25
N ILE A 216 3.34 -29.75 -8.89
CA ILE A 216 4.26 -29.02 -9.77
C ILE A 216 4.32 -29.79 -11.08
N ASP A 217 3.94 -29.14 -12.19
CA ASP A 217 3.92 -29.82 -13.48
C ASP A 217 5.28 -30.43 -13.81
N GLY A 218 5.29 -31.67 -14.30
CA GLY A 218 6.52 -32.31 -14.77
C GLY A 218 7.45 -32.81 -13.68
N HIS A 219 7.13 -32.53 -12.43
CA HIS A 219 8.05 -32.82 -11.34
C HIS A 219 7.48 -33.73 -10.24
N ASP A 220 8.40 -34.48 -9.63
CA ASP A 220 8.14 -35.30 -8.44
C ASP A 220 8.34 -34.52 -7.15
N MET A 221 7.80 -35.03 -6.06
CA MET A 221 8.07 -34.43 -4.73
C MET A 221 8.37 -35.56 -3.74
N THR A 222 9.52 -35.49 -3.07
CA THR A 222 9.86 -36.49 -2.05
C THR A 222 9.77 -35.91 -0.64
N ILE A 223 8.68 -36.26 0.03
CA ILE A 223 8.41 -35.82 1.39
C ILE A 223 9.40 -36.43 2.40
N ILE A 224 9.91 -35.57 3.28
CA ILE A 224 10.95 -35.92 4.27
C ILE A 224 10.63 -35.36 5.66
N GLU A 225 9.54 -34.57 5.76
CA GLU A 225 9.18 -33.90 7.01
C GLU A 225 7.71 -33.59 6.99
N THR A 226 7.04 -33.81 8.12
CA THR A 226 5.62 -33.49 8.26
C THR A 226 5.36 -32.86 9.62
N ASP A 227 4.85 -31.63 9.60
CA ASP A 227 4.60 -30.86 10.81
C ASP A 227 5.76 -30.89 11.83
N GLY A 228 7.00 -30.84 11.36
CA GLY A 228 8.18 -30.78 12.25
C GLY A 228 8.80 -32.13 12.49
N VAL A 229 8.15 -33.18 11.97
CA VAL A 229 8.60 -34.54 12.25
C VAL A 229 9.25 -35.19 11.05
N ASP A 230 10.55 -35.43 11.14
CA ASP A 230 11.28 -36.11 10.06
C ASP A 230 10.56 -37.39 9.74
N SER A 231 10.37 -37.60 8.45
CA SER A 231 9.67 -38.77 7.95
C SER A 231 10.64 -39.56 7.04
N GLN A 232 10.39 -40.86 6.87
CA GLN A 232 11.07 -41.61 5.80
C GLN A 232 10.65 -41.02 4.44
N GLU A 233 11.52 -41.13 3.44
CA GLU A 233 11.26 -40.61 2.10
C GLU A 233 9.98 -41.13 1.50
N LEU A 234 9.14 -40.22 1.00
CA LEU A 234 7.91 -40.60 0.34
C LEU A 234 7.69 -39.71 -0.89
N THR A 235 7.82 -40.34 -2.04
CA THR A 235 7.68 -39.66 -3.30
C THR A 235 6.24 -39.67 -3.75
N VAL A 236 5.70 -38.47 -3.95
CA VAL A 236 4.33 -38.28 -4.41
C VAL A 236 4.32 -37.34 -5.61
N ASP A 237 3.22 -37.29 -6.36
CA ASP A 237 3.11 -36.28 -7.40
C ASP A 237 2.03 -35.22 -7.08
N GLU A 238 1.38 -35.35 -5.94
CA GLU A 238 0.43 -34.36 -5.45
C GLU A 238 0.36 -34.43 -3.94
N ILE A 239 0.12 -33.28 -3.30
CA ILE A 239 0.00 -33.20 -1.86
C ILE A 239 -1.28 -32.44 -1.48
N GLN A 240 -2.21 -33.11 -0.83
CA GLN A 240 -3.31 -32.38 -0.26
C GLN A 240 -2.81 -31.91 1.10
N ILE A 241 -2.75 -30.59 1.25
CA ILE A 241 -2.23 -29.98 2.49
C ILE A 241 -3.34 -29.18 3.11
N PHE A 242 -3.65 -29.51 4.36
CA PHE A 242 -4.76 -28.91 5.07
C PHE A 242 -4.22 -27.71 5.86
N ALA A 243 -5.13 -26.88 6.38
CA ALA A 243 -4.77 -25.65 7.07
C ALA A 243 -3.81 -25.89 8.20
N ALA A 244 -2.75 -25.08 8.23
CA ALA A 244 -1.72 -25.15 9.28
C ALA A 244 -0.73 -26.35 9.24
N GLN A 245 -0.92 -27.28 8.30
CA GLN A 245 0.08 -28.34 8.06
C GLN A 245 1.35 -27.87 7.33
N ARG A 246 2.45 -28.61 7.53
CA ARG A 246 3.71 -28.36 6.81
C ARG A 246 4.27 -29.66 6.27
N TYR A 247 4.91 -29.58 5.10
CA TYR A 247 5.74 -30.64 4.57
C TYR A 247 7.04 -30.05 4.05
N SER A 248 8.16 -30.68 4.33
CA SER A 248 9.33 -30.45 3.51
C SER A 248 9.32 -31.55 2.47
N PHE A 249 9.60 -31.18 1.23
CA PHE A 249 9.80 -32.17 0.17
C PHE A 249 11.02 -31.87 -0.66
N VAL A 250 11.75 -32.90 -1.09
CA VAL A 250 12.89 -32.69 -1.97
C VAL A 250 12.35 -32.50 -3.38
N LEU A 251 12.71 -31.39 -4.02
CA LEU A 251 12.47 -31.24 -5.44
C LEU A 251 13.77 -31.46 -6.23
N ASN A 252 13.77 -32.44 -7.11
CA ASN A 252 14.93 -32.69 -7.96
C ASN A 252 14.71 -32.00 -9.31
N ALA A 253 15.41 -30.91 -9.57
CA ALA A 253 15.16 -30.14 -10.79
C ALA A 253 15.79 -30.87 -11.99
N ASN A 254 15.07 -31.89 -12.47
CA ASN A 254 15.58 -32.83 -13.46
C ASN A 254 14.88 -32.74 -14.80
N GLN A 255 13.98 -31.76 -14.95
CA GLN A 255 13.27 -31.52 -16.20
C GLN A 255 14.00 -30.55 -17.16
N PRO A 256 13.52 -30.44 -18.42
CA PRO A 256 14.21 -29.52 -19.32
C PRO A 256 14.10 -28.10 -18.82
N VAL A 257 15.14 -27.30 -19.09
CA VAL A 257 15.06 -25.89 -18.76
C VAL A 257 13.74 -25.37 -19.34
N GLY A 258 12.94 -24.77 -18.48
CA GLY A 258 11.70 -24.11 -18.91
C GLY A 258 10.84 -23.65 -17.76
N ASN A 259 9.58 -23.32 -18.08
CA ASN A 259 8.60 -22.81 -17.11
C ASN A 259 7.52 -23.84 -16.87
N TYR A 260 7.28 -24.14 -15.61
CA TYR A 260 6.33 -25.20 -15.21
C TYR A 260 5.38 -24.61 -14.18
N TRP A 261 4.08 -24.86 -14.36
CA TRP A 261 3.08 -24.40 -13.37
C TRP A 261 3.24 -25.09 -12.02
N ILE A 262 3.19 -24.28 -10.97
CA ILE A 262 2.98 -24.74 -9.60
C ILE A 262 1.51 -24.51 -9.29
N ARG A 263 0.85 -25.57 -8.83
CA ARG A 263 -0.59 -25.54 -8.65
C ARG A 263 -0.98 -25.77 -7.20
N ALA A 264 -1.90 -24.96 -6.71
CA ALA A 264 -2.48 -25.22 -5.39
C ALA A 264 -3.99 -25.01 -5.52
N ASN A 265 -4.73 -26.10 -5.76
CA ASN A 265 -6.19 -26.01 -5.86
C ASN A 265 -6.85 -26.12 -4.49
N PRO A 266 -7.51 -25.04 -4.06
CA PRO A 266 -8.28 -25.04 -2.83
C PRO A 266 -9.53 -25.93 -2.93
N ASN A 267 -10.05 -26.41 -1.79
CA ASN A 267 -11.29 -27.19 -1.81
C ASN A 267 -12.55 -26.32 -1.89
N SER A 268 -12.42 -25.00 -1.72
CA SER A 268 -13.52 -24.08 -2.02
C SER A 268 -12.95 -22.86 -2.70
N GLY A 269 -13.81 -22.01 -3.27
CA GLY A 269 -13.32 -20.85 -4.02
C GLY A 269 -13.06 -21.27 -5.44
N GLY A 270 -12.20 -20.51 -6.13
CA GLY A 270 -12.02 -20.71 -7.57
C GLY A 270 -11.51 -22.09 -7.91
N GLU A 271 -12.21 -22.76 -8.82
CA GLU A 271 -11.77 -24.07 -9.29
C GLU A 271 -11.00 -23.98 -10.63
N GLY A 272 -9.81 -24.57 -10.67
CA GLY A 272 -9.06 -24.60 -11.90
C GLY A 272 -8.01 -23.50 -11.93
N PHE A 273 -7.46 -23.25 -13.10
CA PHE A 273 -6.25 -22.45 -13.19
C PHE A 273 -6.35 -21.37 -14.28
N ASP A 274 -7.55 -21.13 -14.76
CA ASP A 274 -7.83 -20.11 -15.78
C ASP A 274 -7.26 -18.75 -15.40
N GLY A 275 -6.51 -18.15 -16.34
CA GLY A 275 -5.89 -16.84 -16.15
C GLY A 275 -4.80 -16.86 -15.09
N GLY A 276 -4.44 -18.07 -14.64
CA GLY A 276 -3.37 -18.30 -13.69
C GLY A 276 -3.72 -18.13 -12.22
N ILE A 277 -5.01 -18.29 -11.89
CA ILE A 277 -5.42 -18.43 -10.51
C ILE A 277 -4.82 -19.75 -10.00
N ASN A 278 -4.68 -19.87 -8.68
CA ASN A 278 -4.17 -21.05 -7.98
C ASN A 278 -2.80 -21.48 -8.44
N SER A 279 -2.04 -20.50 -8.93
CA SER A 279 -0.80 -20.71 -9.62
C SER A 279 0.36 -19.83 -9.15
N ALA A 280 1.55 -20.41 -9.32
CA ALA A 280 2.81 -19.73 -9.27
C ALA A 280 3.69 -20.38 -10.36
N ILE A 281 4.90 -19.88 -10.54
CA ILE A 281 5.80 -20.34 -11.63
C ILE A 281 7.08 -20.99 -11.13
N LEU A 282 7.35 -22.21 -11.58
CA LEU A 282 8.68 -22.81 -11.35
C LEU A 282 9.55 -22.48 -12.57
N ARG A 283 10.56 -21.64 -12.40
CA ARG A 283 11.34 -21.19 -13.55
C ARG A 283 12.76 -21.70 -13.43
N TYR A 284 13.25 -22.40 -14.45
CA TYR A 284 14.66 -22.80 -14.50
C TYR A 284 15.47 -21.59 -14.95
N ASP A 285 16.63 -21.40 -14.32
CA ASP A 285 17.63 -20.46 -14.83
C ASP A 285 17.96 -20.90 -16.28
N GLY A 286 17.90 -19.95 -17.21
CA GLY A 286 18.00 -20.27 -18.63
C GLY A 286 16.67 -20.32 -19.37
N ALA A 287 15.56 -20.40 -18.64
CA ALA A 287 14.23 -20.33 -19.29
C ALA A 287 13.98 -18.91 -19.81
N THR A 288 13.21 -18.80 -20.88
CA THR A 288 12.57 -17.54 -21.27
C THR A 288 11.66 -17.09 -20.13
N THR A 289 11.54 -15.78 -19.97
CA THR A 289 10.61 -15.21 -19.02
C THR A 289 9.26 -15.12 -19.69
N ALA A 290 8.44 -16.13 -19.44
CA ALA A 290 7.13 -16.26 -20.04
C ALA A 290 6.33 -17.13 -19.12
N ASP A 291 5.00 -17.04 -19.19
CA ASP A 291 4.19 -17.94 -18.39
C ASP A 291 4.37 -19.37 -18.87
N PRO A 292 4.30 -20.33 -17.94
CA PRO A 292 4.37 -21.74 -18.33
C PRO A 292 3.19 -22.07 -19.24
N VAL A 293 3.36 -23.07 -20.10
CA VAL A 293 2.23 -23.61 -20.87
C VAL A 293 2.01 -25.10 -20.55
N THR A 294 2.61 -25.53 -19.45
CA THR A 294 2.53 -26.92 -19.01
C THR A 294 1.12 -27.29 -18.55
N VAL A 295 0.84 -28.58 -18.53
CA VAL A 295 -0.44 -29.06 -18.04
C VAL A 295 -0.14 -30.03 -16.91
N ALA A 296 -1.09 -30.16 -16.02
CA ALA A 296 -1.03 -31.14 -14.97
C ALA A 296 -1.27 -32.50 -15.62
N SER A 297 -0.76 -33.56 -15.02
CA SER A 297 -1.12 -34.90 -15.44
C SER A 297 -2.63 -35.07 -15.28
N THR A 298 -3.29 -35.69 -16.26
CA THR A 298 -4.76 -35.91 -16.21
C THR A 298 -5.17 -36.69 -14.99
N VAL A 299 -4.38 -37.70 -14.65
CA VAL A 299 -4.50 -38.36 -13.35
C VAL A 299 -3.14 -38.39 -12.63
N HIS A 300 -3.15 -37.89 -11.40
CA HIS A 300 -2.01 -37.97 -10.50
C HIS A 300 -1.94 -39.42 -10.05
N THR A 301 -0.77 -40.02 -10.22
CA THR A 301 -0.66 -41.46 -9.98
C THR A 301 -0.03 -41.84 -8.64
N LYS A 302 0.51 -40.85 -7.91
CA LYS A 302 1.07 -41.14 -6.58
C LYS A 302 0.83 -40.00 -5.59
N CYS A 303 -0.44 -39.64 -5.39
CA CYS A 303 -0.78 -38.57 -4.47
C CYS A 303 -0.58 -38.97 -3.01
N LEU A 304 -0.24 -38.00 -2.16
CA LEU A 304 -0.04 -38.25 -0.76
C LEU A 304 -1.26 -38.92 -0.15
N ILE A 305 -1.03 -40.07 0.48
CA ILE A 305 -1.96 -40.75 1.38
C ILE A 305 -1.25 -40.76 2.73
N GLU A 306 -1.91 -40.28 3.78
CA GLU A 306 -1.22 -40.02 5.05
C GLU A 306 -0.72 -41.29 5.74
N THR A 307 -1.43 -42.39 5.51
CA THR A 307 -1.04 -43.69 6.04
C THR A 307 0.22 -44.26 5.39
N ASP A 308 0.70 -43.65 4.31
CA ASP A 308 1.99 -44.04 3.71
C ASP A 308 3.20 -43.37 4.39
N LEU A 309 2.94 -42.41 5.26
CA LEU A 309 4.02 -41.70 5.95
C LEU A 309 4.49 -42.47 7.19
N HIS A 310 5.79 -42.51 7.42
CA HIS A 310 6.34 -43.09 8.64
C HIS A 310 7.52 -42.26 9.15
N PRO A 311 7.59 -42.06 10.49
CA PRO A 311 8.67 -41.28 11.08
C PRO A 311 10.03 -41.81 10.72
N LEU A 312 10.96 -40.90 10.57
CA LEU A 312 12.33 -41.30 10.34
C LEU A 312 12.87 -41.98 11.60
N SER A 313 12.51 -41.42 12.76
CA SER A 313 12.91 -41.99 14.04
C SER A 313 11.95 -43.10 14.47
N ARG A 314 12.38 -43.87 15.46
CA ARG A 314 11.58 -44.97 15.98
C ARG A 314 10.63 -44.45 17.05
N ASN A 315 9.68 -43.62 16.62
CA ASN A 315 8.73 -43.00 17.55
C ASN A 315 7.75 -44.00 18.14
N GLY A 316 7.28 -44.93 17.30
CA GLY A 316 6.31 -45.92 17.71
C GLY A 316 5.03 -45.22 18.04
N VAL A 317 4.28 -45.80 18.97
CA VAL A 317 2.99 -45.30 19.41
C VAL A 317 2.88 -45.60 20.89
N PRO A 318 2.58 -44.57 21.71
CA PRO A 318 2.43 -44.83 23.14
C PRO A 318 1.22 -45.68 23.48
N GLY A 319 1.32 -46.45 24.55
CA GLY A 319 0.15 -47.17 25.09
C GLY A 319 -0.09 -48.53 24.47
N ASN A 320 -1.34 -48.96 24.48
CA ASN A 320 -1.71 -50.32 24.07
C ASN A 320 -2.36 -50.41 22.68
N PRO A 321 -2.14 -51.54 21.97
CA PRO A 321 -2.49 -51.57 20.56
C PRO A 321 -3.93 -52.01 20.27
N HIS A 322 -4.88 -51.25 20.81
CA HIS A 322 -6.32 -51.42 20.52
C HIS A 322 -7.04 -50.16 20.97
N GLN A 323 -8.21 -49.85 20.38
CA GLN A 323 -8.91 -48.59 20.71
C GLN A 323 -9.22 -48.45 22.20
N GLY A 324 -8.65 -47.41 22.80
CA GLY A 324 -8.81 -47.18 24.22
C GLY A 324 -7.69 -47.81 25.02
N GLY A 325 -6.70 -48.36 24.32
CA GLY A 325 -5.46 -48.83 24.95
C GLY A 325 -4.60 -47.67 25.44
N ALA A 326 -5.20 -46.81 26.26
CA ALA A 326 -4.52 -45.65 26.83
C ALA A 326 -4.91 -45.52 28.30
N ASP A 327 -4.12 -44.76 29.05
CA ASP A 327 -4.44 -44.47 30.45
C ASP A 327 -5.67 -43.56 30.54
N CYS A 328 -5.78 -42.64 29.59
CA CYS A 328 -6.94 -41.76 29.55
CA CYS A 328 -6.93 -41.74 29.55
C CYS A 328 -7.44 -41.59 28.12
N ASN A 329 -8.38 -42.44 27.73
CA ASN A 329 -8.88 -42.44 26.37
C ASN A 329 -10.16 -41.66 26.24
N LEU A 330 -10.23 -40.82 25.21
CA LEU A 330 -11.33 -39.89 25.03
C LEU A 330 -11.90 -40.05 23.65
N ASN A 331 -13.19 -39.73 23.56
CA ASN A 331 -13.91 -39.70 22.30
C ASN A 331 -14.76 -38.47 22.41
N LEU A 332 -14.59 -37.53 21.49
CA LEU A 332 -15.30 -36.26 21.58
C LEU A 332 -16.47 -36.25 20.63
N SER A 333 -17.60 -35.69 21.08
CA SER A 333 -18.75 -35.47 20.19
C SER A 333 -18.55 -34.10 19.57
N LEU A 334 -18.35 -34.10 18.26
CA LEU A 334 -18.09 -32.90 17.48
C LEU A 334 -19.32 -32.56 16.66
N GLY A 335 -19.92 -31.41 16.91
CA GLY A 335 -21.18 -31.06 16.28
C GLY A 335 -21.20 -29.67 15.73
N PHE A 336 -22.16 -29.43 14.85
CA PHE A 336 -22.49 -28.13 14.35
C PHE A 336 -23.99 -28.03 14.31
N ALA A 337 -24.50 -26.89 14.76
CA ALA A 337 -25.91 -26.58 14.68
C ALA A 337 -26.07 -25.08 14.77
N CYS A 338 -26.98 -24.55 13.97
CA CYS A 338 -27.40 -23.16 14.08
C CYS A 338 -26.20 -22.18 14.08
N GLY A 339 -25.26 -22.38 13.15
CA GLY A 339 -24.13 -21.47 13.00
C GLY A 339 -23.01 -21.56 14.02
N ASN A 340 -23.05 -22.54 14.93
CA ASN A 340 -21.99 -22.72 15.94
C ASN A 340 -21.55 -24.18 16.05
N PHE A 341 -20.27 -24.36 16.39
CA PHE A 341 -19.68 -25.69 16.53
C PHE A 341 -19.64 -26.07 18.00
N VAL A 342 -19.74 -27.35 18.29
CA VAL A 342 -19.67 -27.78 19.68
C VAL A 342 -18.71 -28.92 19.86
N ILE A 343 -18.02 -28.93 21.00
CA ILE A 343 -17.28 -30.10 21.44
C ILE A 343 -17.95 -30.55 22.74
N ASN A 344 -18.39 -31.82 22.76
CA ASN A 344 -19.18 -32.38 23.86
C ASN A 344 -20.34 -31.46 24.27
N GLY A 345 -21.06 -30.97 23.26
CA GLY A 345 -22.25 -30.14 23.49
C GLY A 345 -22.01 -28.68 23.88
N VAL A 346 -20.75 -28.31 24.10
CA VAL A 346 -20.42 -26.94 24.44
C VAL A 346 -19.66 -26.24 23.30
N SER A 347 -20.20 -25.11 22.85
CA SER A 347 -19.50 -24.26 21.92
C SER A 347 -18.50 -23.38 22.71
N PHE A 348 -17.27 -23.22 22.21
CA PHE A 348 -16.27 -22.44 22.94
C PHE A 348 -16.50 -20.94 22.79
N THR A 349 -16.59 -20.25 23.92
CA THR A 349 -16.57 -18.78 23.93
C THR A 349 -15.53 -18.29 24.94
N PRO A 350 -14.61 -17.39 24.50
CA PRO A 350 -13.40 -17.06 25.29
C PRO A 350 -13.75 -16.49 26.67
N PRO A 351 -13.06 -16.96 27.71
CA PRO A 351 -13.36 -16.48 29.06
C PRO A 351 -12.76 -15.09 29.30
N THR A 352 -13.35 -14.37 30.26
CA THR A 352 -12.82 -13.05 30.64
C THR A 352 -11.42 -13.15 31.23
N VAL A 353 -11.18 -14.17 32.05
CA VAL A 353 -9.84 -14.42 32.61
C VAL A 353 -9.20 -15.60 31.85
N PRO A 354 -7.96 -15.42 31.35
CA PRO A 354 -7.30 -16.52 30.64
C PRO A 354 -7.22 -17.75 31.50
N VAL A 355 -7.33 -18.93 30.87
CA VAL A 355 -7.31 -20.19 31.61
C VAL A 355 -6.03 -20.31 32.45
N LEU A 356 -4.89 -19.86 31.91
CA LEU A 356 -3.63 -19.88 32.68
C LEU A 356 -3.65 -19.01 33.94
N LEU A 357 -4.18 -17.80 33.80
CA LEU A 357 -4.32 -16.90 34.96
C LEU A 357 -5.26 -17.51 36.02
N GLN A 358 -6.36 -18.11 35.56
CA GLN A 358 -7.31 -18.82 36.43
C GLN A 358 -6.60 -19.86 37.31
N ILE A 359 -5.68 -20.60 36.70
CA ILE A 359 -4.94 -21.64 37.40
C ILE A 359 -3.94 -21.01 38.37
N CYS A 360 -3.25 -19.97 37.89
CA CYS A 360 -2.27 -19.24 38.71
C CYS A 360 -2.91 -18.57 39.91
N SER A 361 -4.14 -18.08 39.72
CA SER A 361 -4.97 -17.46 40.77
C SER A 361 -5.49 -18.42 41.83
N GLY A 362 -5.41 -19.72 41.61
CA GLY A 362 -5.88 -20.68 42.61
C GLY A 362 -6.79 -21.80 42.15
N ALA A 363 -7.32 -21.72 40.94
CA ALA A 363 -8.08 -22.85 40.37
C ALA A 363 -7.28 -24.19 40.36
N ASN A 364 -7.96 -25.27 40.70
CA ASN A 364 -7.34 -26.60 40.86
C ASN A 364 -7.86 -27.74 39.97
N THR A 365 -9.05 -27.57 39.42
CA THR A 365 -9.70 -28.62 38.66
C THR A 365 -10.46 -27.99 37.48
N ALA A 366 -10.83 -28.82 36.50
CA ALA A 366 -11.62 -28.37 35.37
C ALA A 366 -12.92 -27.68 35.82
N ALA A 367 -13.55 -28.24 36.86
CA ALA A 367 -14.79 -27.69 37.40
C ALA A 367 -14.61 -26.26 37.90
N ASP A 368 -13.43 -25.95 38.44
CA ASP A 368 -13.13 -24.59 38.87
C ASP A 368 -12.97 -23.61 37.71
N LEU A 369 -12.71 -24.12 36.51
CA LEU A 369 -12.23 -23.29 35.41
C LEU A 369 -13.33 -22.84 34.45
N LEU A 370 -13.19 -21.61 33.95
CA LEU A 370 -14.10 -21.13 32.92
C LEU A 370 -13.37 -21.13 31.58
N PRO A 371 -14.11 -21.36 30.47
CA PRO A 371 -15.57 -21.53 30.43
C PRO A 371 -15.99 -22.91 30.93
N SER A 372 -17.20 -23.00 31.48
CA SER A 372 -17.70 -24.26 31.99
C SER A 372 -17.91 -25.23 30.84
N GLY A 373 -17.48 -26.48 31.06
CA GLY A 373 -17.64 -27.55 30.07
C GLY A 373 -16.76 -27.40 28.85
N SER A 374 -15.83 -26.45 28.91
CA SER A 374 -14.93 -26.15 27.79
C SER A 374 -13.49 -26.50 28.16
N VAL A 375 -13.31 -27.20 29.28
CA VAL A 375 -11.99 -27.62 29.77
C VAL A 375 -12.05 -29.08 30.19
N ILE A 376 -11.08 -29.86 29.74
CA ILE A 376 -10.91 -31.22 30.21
C ILE A 376 -9.54 -31.28 30.85
N SER A 377 -9.50 -31.72 32.10
CA SER A 377 -8.23 -31.87 32.80
C SER A 377 -7.54 -33.18 32.42
N LEU A 378 -6.21 -33.16 32.42
CA LEU A 378 -5.46 -34.36 32.06
C LEU A 378 -4.45 -34.60 33.17
N PRO A 379 -4.27 -35.88 33.56
CA PRO A 379 -3.25 -36.24 34.54
C PRO A 379 -1.91 -36.25 33.87
N SER A 380 -0.87 -35.98 34.64
CA SER A 380 0.51 -36.00 34.14
C SER A 380 1.00 -37.41 33.85
N ASN A 381 2.06 -37.52 33.05
CA ASN A 381 2.65 -38.82 32.66
C ASN A 381 1.67 -39.95 32.30
N SER A 382 0.66 -39.59 31.53
CA SER A 382 -0.38 -40.52 31.13
C SER A 382 -0.52 -40.56 29.60
N THR A 383 -0.75 -41.77 29.09
CA THR A 383 -1.06 -41.94 27.67
C THR A 383 -2.50 -41.48 27.42
N ILE A 384 -2.64 -40.50 26.54
CA ILE A 384 -3.94 -39.93 26.17
C ILE A 384 -4.33 -40.46 24.80
N GLU A 385 -5.59 -40.82 24.65
CA GLU A 385 -6.08 -41.15 23.33
C GLU A 385 -7.22 -40.24 23.05
N ILE A 386 -7.25 -39.68 21.86
CA ILE A 386 -8.40 -38.87 21.50
C ILE A 386 -8.94 -39.31 20.15
N ALA A 387 -10.16 -39.83 20.17
CA ALA A 387 -10.89 -40.10 18.95
C ALA A 387 -11.71 -38.87 18.60
N LEU A 388 -11.68 -38.50 17.32
CA LEU A 388 -12.36 -37.29 16.86
C LEU A 388 -13.29 -37.60 15.68
N PRO A 389 -14.31 -38.46 15.90
CA PRO A 389 -15.21 -38.92 14.83
C PRO A 389 -15.88 -37.78 14.06
N ALA A 390 -15.70 -37.80 12.75
CA ALA A 390 -16.18 -36.71 11.90
C ALA A 390 -17.67 -36.78 11.57
N GLY A 391 -18.16 -35.76 10.88
CA GLY A 391 -19.56 -35.66 10.51
C GLY A 391 -20.08 -34.24 10.60
N ALA A 392 -19.44 -33.41 11.42
CA ALA A 392 -19.92 -32.05 11.58
C ALA A 392 -19.76 -31.21 10.33
N ALA A 393 -20.75 -30.37 10.06
CA ALA A 393 -20.79 -29.52 8.87
C ALA A 393 -19.42 -29.01 8.41
N GLY A 394 -19.12 -29.35 7.16
CA GLY A 394 -17.87 -29.12 6.45
C GLY A 394 -16.67 -28.45 7.07
N GLY A 395 -15.58 -29.19 7.27
CA GLY A 395 -15.45 -30.57 6.84
C GLY A 395 -14.80 -30.55 5.46
N PRO A 396 -13.58 -31.13 5.33
CA PRO A 396 -12.81 -31.85 6.33
C PRO A 396 -12.08 -30.93 7.32
N HIS A 397 -12.23 -31.24 8.60
CA HIS A 397 -11.77 -30.40 9.69
C HIS A 397 -10.34 -30.78 10.08
N PRO A 398 -9.41 -29.80 10.01
CA PRO A 398 -8.01 -30.03 10.43
C PRO A 398 -7.77 -29.75 11.91
N PHE A 399 -7.86 -30.78 12.73
CA PHE A 399 -7.69 -30.57 14.17
C PHE A 399 -6.24 -30.44 14.62
N HIS A 400 -6.01 -29.52 15.56
CA HIS A 400 -4.68 -29.18 16.02
C HIS A 400 -4.61 -29.06 17.54
N LEU A 401 -3.56 -29.61 18.13
CA LEU A 401 -3.33 -29.60 19.57
C LEU A 401 -2.11 -28.74 19.83
N HIS A 402 -2.24 -27.77 20.72
CA HIS A 402 -1.11 -26.97 21.17
C HIS A 402 -0.20 -27.75 22.09
N GLY A 403 1.03 -27.28 22.20
CA GLY A 403 2.01 -27.80 23.14
C GLY A 403 2.33 -29.27 23.05
N HIS A 404 2.02 -29.87 21.90
CA HIS A 404 2.20 -31.29 21.65
C HIS A 404 2.17 -31.62 20.16
N ASP A 405 2.86 -32.67 19.77
CA ASP A 405 2.58 -33.31 18.51
C ASP A 405 1.95 -34.66 18.93
N PHE A 406 1.52 -35.49 18.00
CA PHE A 406 0.79 -36.72 18.35
C PHE A 406 0.91 -37.79 17.28
N ALA A 407 0.83 -39.05 17.68
CA ALA A 407 0.69 -40.16 16.74
C ALA A 407 -0.70 -40.19 16.13
N VAL A 408 -0.76 -40.20 14.80
CA VAL A 408 -2.02 -40.35 14.08
C VAL A 408 -2.31 -41.85 13.95
N SER A 409 -2.95 -42.39 14.97
CA SER A 409 -3.26 -43.79 15.02
C SER A 409 -4.25 -44.21 13.95
N GLU A 410 -5.20 -43.33 13.61
CA GLU A 410 -6.07 -43.57 12.48
C GLU A 410 -6.21 -42.32 11.63
N SER A 411 -6.03 -42.48 10.31
CA SER A 411 -6.16 -41.36 9.36
C SER A 411 -7.53 -41.28 8.71
N ALA A 412 -7.77 -40.13 8.04
CA ALA A 412 -8.93 -39.90 7.20
C ALA A 412 -9.18 -41.04 6.20
N SER A 413 -10.45 -41.27 5.90
CA SER A 413 -10.90 -42.18 4.82
C SER A 413 -10.25 -43.57 4.87
N ASN A 414 -9.96 -44.03 6.07
CA ASN A 414 -9.35 -45.33 6.27
C ASN A 414 -9.60 -45.78 7.69
N SER A 415 -10.37 -46.85 7.86
CA SER A 415 -10.78 -47.22 9.20
C SER A 415 -9.85 -48.21 9.87
N THR A 416 -8.68 -48.45 9.28
CA THR A 416 -7.65 -49.31 9.87
C THR A 416 -6.67 -48.52 10.74
N SER A 417 -6.62 -48.85 12.02
CA SER A 417 -5.72 -48.18 12.95
C SER A 417 -4.28 -48.67 12.77
N ASN A 418 -3.31 -47.80 13.07
CA ASN A 418 -1.90 -48.18 13.03
C ASN A 418 -1.29 -47.90 14.39
N TYR A 419 -0.88 -48.97 15.08
CA TYR A 419 -0.29 -48.83 16.40
C TYR A 419 1.16 -49.23 16.32
N ASP A 420 1.66 -49.39 15.10
CA ASP A 420 3.05 -49.73 14.91
C ASP A 420 3.93 -48.53 14.57
N ASP A 421 3.60 -47.84 13.48
CA ASP A 421 4.52 -46.84 12.93
C ASP A 421 3.86 -45.67 12.20
N PRO A 422 2.74 -45.16 12.73
CA PRO A 422 2.12 -44.05 12.02
C PRO A 422 2.93 -42.76 12.15
N ILE A 423 2.79 -41.89 11.17
CA ILE A 423 3.38 -40.57 11.27
C ILE A 423 2.91 -39.86 12.56
N TRP A 424 3.79 -39.07 13.14
CA TRP A 424 3.39 -38.05 14.13
C TRP A 424 3.32 -36.65 13.48
N ARG A 425 2.34 -35.85 13.87
CA ARG A 425 2.21 -34.49 13.35
C ARG A 425 1.46 -33.63 14.40
N ASP A 426 1.14 -32.38 14.08
CA ASP A 426 0.43 -31.53 15.06
C ASP A 426 -0.93 -31.06 14.60
N VAL A 427 -1.18 -31.14 13.29
CA VAL A 427 -2.49 -30.82 12.73
C VAL A 427 -2.90 -31.96 11.80
N VAL A 428 -4.14 -32.44 11.92
CA VAL A 428 -4.60 -33.63 11.18
C VAL A 428 -6.04 -33.48 10.73
N SER A 429 -6.30 -33.87 9.48
CA SER A 429 -7.66 -33.95 8.96
C SER A 429 -8.38 -35.11 9.61
N ILE A 430 -9.56 -34.83 10.14
CA ILE A 430 -10.37 -35.85 10.76
C ILE A 430 -11.32 -36.45 9.75
N GLY A 431 -11.14 -36.02 8.50
CA GLY A 431 -11.78 -36.65 7.35
C GLY A 431 -13.26 -36.39 7.21
N GLY A 432 -13.99 -37.49 7.02
CA GLY A 432 -15.38 -37.43 6.61
C GLY A 432 -16.27 -38.32 7.46
N VAL A 433 -17.58 -38.22 7.20
CA VAL A 433 -18.62 -38.90 7.96
C VAL A 433 -18.32 -40.40 8.01
N GLY A 434 -18.26 -40.92 9.22
CA GLY A 434 -17.96 -42.34 9.41
C GLY A 434 -16.50 -42.58 9.70
N ASP A 435 -15.66 -41.56 9.49
CA ASP A 435 -14.26 -41.70 9.86
C ASP A 435 -14.10 -41.65 11.37
N ASN A 436 -12.97 -42.12 11.85
CA ASN A 436 -12.72 -42.06 13.26
C ASN A 436 -11.26 -41.79 13.51
N VAL A 437 -10.83 -40.60 13.09
CA VAL A 437 -9.45 -40.21 13.23
C VAL A 437 -9.10 -40.16 14.71
N THR A 438 -7.97 -40.74 15.04
CA THR A 438 -7.60 -40.93 16.42
C THR A 438 -6.15 -40.61 16.61
N ILE A 439 -5.87 -39.92 17.71
CA ILE A 439 -4.53 -39.47 18.04
C ILE A 439 -4.12 -39.90 19.44
N ARG A 440 -2.82 -40.06 19.64
CA ARG A 440 -2.27 -40.40 20.94
C ARG A 440 -1.04 -39.58 21.24
N PHE A 441 -0.95 -39.14 22.49
CA PHE A 441 0.24 -38.49 23.02
C PHE A 441 0.40 -38.81 24.52
N CYS A 442 1.52 -38.39 25.08
CA CYS A 442 1.81 -38.54 26.49
C CYS A 442 1.85 -37.18 27.15
N THR A 443 1.21 -37.07 28.33
CA THR A 443 1.21 -35.82 29.08
C THR A 443 2.54 -35.57 29.77
N ASP A 444 3.41 -34.84 29.08
CA ASP A 444 4.70 -34.49 29.67
CA ASP A 444 4.76 -34.50 29.47
C ASP A 444 4.93 -32.98 29.64
N ASN A 445 3.83 -32.23 29.60
CA ASN A 445 3.89 -30.76 29.44
C ASN A 445 2.77 -30.00 30.15
N PRO A 446 2.93 -29.76 31.48
CA PRO A 446 1.80 -29.14 32.23
C PRO A 446 1.50 -27.74 31.71
N GLY A 447 0.20 -27.45 31.58
CA GLY A 447 -0.28 -26.20 31.01
C GLY A 447 -1.65 -26.36 30.37
N PRO A 448 -2.38 -25.24 30.17
CA PRO A 448 -3.62 -25.32 29.41
C PRO A 448 -3.35 -25.29 27.90
N TRP A 449 -3.65 -26.39 27.21
CA TRP A 449 -3.32 -26.56 25.79
C TRP A 449 -4.55 -26.55 24.94
N PHE A 450 -4.57 -25.64 23.95
CA PHE A 450 -5.73 -25.51 23.05
C PHE A 450 -5.87 -26.72 22.10
N LEU A 451 -7.10 -27.15 21.87
CA LEU A 451 -7.42 -28.13 20.82
C LEU A 451 -8.55 -27.56 20.00
N HIS A 452 -8.30 -27.34 18.72
CA HIS A 452 -9.33 -26.77 17.89
C HIS A 452 -9.20 -27.16 16.44
N CYS A 453 -10.28 -26.95 15.69
CA CYS A 453 -10.20 -27.02 14.24
C CYS A 453 -9.39 -25.83 13.81
N HIS A 454 -8.44 -26.03 12.90
CA HIS A 454 -7.64 -24.89 12.46
C HIS A 454 -8.27 -24.10 11.29
N ILE A 455 -9.53 -24.38 10.98
CA ILE A 455 -10.27 -23.48 10.11
C ILE A 455 -10.69 -22.35 11.05
N ASP A 456 -10.10 -21.19 10.86
CA ASP A 456 -10.23 -20.10 11.83
C ASP A 456 -11.69 -19.69 12.04
N TRP A 457 -12.48 -19.69 10.97
CA TRP A 457 -13.89 -19.33 11.03
C TRP A 457 -14.64 -20.31 11.91
N HIS A 458 -14.11 -21.53 12.03
CA HIS A 458 -14.77 -22.55 12.85
C HIS A 458 -14.36 -22.41 14.30
N LEU A 459 -13.09 -22.04 14.51
CA LEU A 459 -12.59 -21.64 15.82
C LEU A 459 -13.44 -20.50 16.37
N ASP A 460 -13.62 -19.41 15.61
CA ASP A 460 -14.47 -18.30 16.03
C ASP A 460 -15.92 -18.73 16.26
N ALA A 461 -16.35 -19.77 15.53
CA ALA A 461 -17.68 -20.35 15.71
C ALA A 461 -17.74 -21.39 16.85
N GLY A 462 -16.64 -21.58 17.56
CA GLY A 462 -16.63 -22.30 18.84
C GLY A 462 -16.14 -23.73 18.83
N PHE A 463 -15.43 -24.14 17.76
CA PHE A 463 -14.97 -25.53 17.62
C PHE A 463 -13.63 -25.72 18.34
N ALA A 464 -13.67 -25.74 19.68
CA ALA A 464 -12.47 -25.72 20.49
C ALA A 464 -12.73 -26.16 21.94
N ILE A 465 -11.76 -26.83 22.54
CA ILE A 465 -11.72 -27.05 24.00
C ILE A 465 -10.28 -26.93 24.50
N VAL A 466 -10.12 -26.77 25.81
CA VAL A 466 -8.82 -26.68 26.43
C VAL A 466 -8.53 -27.98 27.18
N PHE A 467 -7.39 -28.61 26.87
CA PHE A 467 -6.85 -29.65 27.74
C PHE A 467 -5.98 -28.95 28.80
N ALA A 468 -6.49 -28.91 30.02
CA ALA A 468 -5.75 -28.39 31.18
C ALA A 468 -4.91 -29.54 31.72
N GLU A 469 -3.67 -29.58 31.30
CA GLU A 469 -2.81 -30.70 31.61
C GLU A 469 -2.07 -30.45 32.93
N ASP A 470 -2.21 -31.38 33.88
CA ASP A 470 -1.55 -31.30 35.18
C ASP A 470 -1.74 -29.91 35.76
N ILE A 471 -2.99 -29.61 36.10
CA ILE A 471 -3.35 -28.36 36.77
C ILE A 471 -2.58 -28.10 38.06
N PRO A 472 -2.42 -29.12 38.94
CA PRO A 472 -1.64 -28.87 40.16
C PRO A 472 -0.20 -28.44 39.94
N ASN A 473 0.44 -28.89 38.86
CA ASN A 473 1.86 -28.54 38.63
C ASN A 473 2.08 -27.37 37.65
N THR A 474 0.97 -26.77 37.19
CA THR A 474 0.99 -25.77 36.11
C THR A 474 1.71 -24.47 36.50
N ALA A 475 1.52 -24.02 37.74
CA ALA A 475 2.14 -22.78 38.20
C ALA A 475 3.63 -22.95 38.43
N SER A 476 4.00 -24.09 39.00
CA SER A 476 5.38 -24.39 39.32
C SER A 476 6.21 -24.62 38.07
N ALA A 477 5.62 -25.30 37.09
CA ALA A 477 6.28 -25.51 35.79
C ALA A 477 6.43 -24.26 34.91
N ASN A 478 5.49 -23.33 35.02
CA ASN A 478 5.41 -22.17 34.12
C ASN A 478 5.54 -20.79 34.82
N PRO A 479 6.72 -20.47 35.41
CA PRO A 479 6.81 -19.16 36.06
C PRO A 479 6.66 -18.03 35.02
N VAL A 480 5.92 -16.99 35.37
CA VAL A 480 5.62 -15.91 34.44
C VAL A 480 6.42 -14.64 34.74
N PRO A 481 6.82 -13.90 33.68
CA PRO A 481 7.43 -12.60 33.84
C PRO A 481 6.34 -11.59 34.21
N GLU A 482 6.72 -10.50 34.86
CA GLU A 482 5.76 -9.48 35.24
C GLU A 482 5.02 -8.93 34.01
N ALA A 483 5.69 -8.83 32.86
CA ALA A 483 5.02 -8.30 31.65
C ALA A 483 3.79 -9.13 31.30
N TRP A 484 3.86 -10.44 31.52
CA TRP A 484 2.70 -11.30 31.30
C TRP A 484 1.60 -10.91 32.28
N SER A 485 1.95 -10.81 33.57
CA SER A 485 0.97 -10.43 34.58
C SER A 485 0.39 -9.06 34.29
N ASN A 486 1.12 -8.20 33.58
CA ASN A 486 0.59 -6.87 33.24
C ASN A 486 -0.42 -6.85 32.08
N LEU A 487 -0.52 -7.97 31.35
CA LEU A 487 -1.30 -8.02 30.13
C LEU A 487 -2.79 -7.82 30.38
N CYS A 488 -3.35 -8.61 31.29
CA CYS A 488 -4.81 -8.56 31.58
C CYS A 488 -5.33 -7.27 32.22
N PRO A 489 -4.58 -6.69 33.18
CA PRO A 489 -4.88 -5.35 33.72
C PRO A 489 -4.86 -4.26 32.65
N SER A 490 -3.86 -4.28 31.77
CA SER A 490 -3.80 -3.32 30.66
C SER A 490 -4.95 -3.52 29.69
N TYR A 491 -5.26 -4.78 29.41
CA TYR A 491 -6.28 -5.10 28.42
C TYR A 491 -7.67 -4.73 28.94
N ASP A 492 -7.99 -5.20 30.16
CA ASP A 492 -9.30 -4.95 30.76
C ASP A 492 -9.54 -3.48 31.04
N SER A 493 -8.48 -2.79 31.48
CA SER A 493 -8.54 -1.35 31.66
C SER A 493 -8.84 -0.58 30.37
N ALA A 494 -8.27 -1.03 29.25
CA ALA A 494 -8.48 -0.36 27.96
C ALA A 494 -9.89 -0.64 27.36
N HIS A 495 -10.54 -1.71 27.81
CA HIS A 495 -11.82 -2.15 27.23
C HIS A 495 -13.03 -1.99 28.17
N VAL B 1 -17.28 -6.07 -3.07
CA VAL B 1 -17.77 -6.43 -1.70
C VAL B 1 -18.93 -5.51 -1.36
N GLN B 2 -19.98 -6.08 -0.75
CA GLN B 2 -21.16 -5.32 -0.36
C GLN B 2 -21.40 -5.37 1.14
N ILE B 3 -21.91 -4.24 1.64
CA ILE B 3 -22.42 -3.98 2.98
C ILE B 3 -23.54 -2.98 2.62
N GLY B 4 -24.45 -2.58 3.49
CA GLY B 4 -24.79 -3.11 4.78
C GLY B 4 -26.09 -3.86 4.57
N PRO B 5 -27.28 -3.29 4.77
CA PRO B 5 -27.60 -1.89 5.09
C PRO B 5 -27.32 -1.44 6.51
N VAL B 6 -27.15 -2.40 7.42
CA VAL B 6 -26.61 -2.08 8.74
C VAL B 6 -25.11 -2.38 8.72
N THR B 7 -24.28 -1.36 8.95
CA THR B 7 -22.83 -1.60 8.88
C THR B 7 -21.95 -0.55 9.52
N ASP B 8 -20.72 -0.97 9.80
CA ASP B 8 -19.65 -0.09 10.14
C ASP B 8 -18.94 0.39 8.84
N LEU B 9 -18.49 1.65 8.84
CA LEU B 9 -17.66 2.15 7.75
C LEU B 9 -16.50 2.93 8.35
N HIS B 10 -15.30 2.35 8.35
CA HIS B 10 -14.12 3.01 8.91
C HIS B 10 -13.47 3.86 7.84
N ILE B 11 -13.14 5.09 8.20
CA ILE B 11 -12.45 5.97 7.28
C ILE B 11 -10.99 6.04 7.73
N VAL B 12 -10.11 5.65 6.82
CA VAL B 12 -8.69 5.54 7.12
C VAL B 12 -7.84 6.15 6.02
N ASN B 13 -6.57 6.36 6.35
CA ASN B 13 -5.59 6.71 5.34
C ASN B 13 -4.86 5.45 4.93
N ALA B 14 -4.44 5.40 3.69
CA ALA B 14 -3.63 4.28 3.20
C ALA B 14 -3.02 4.77 1.92
N ASP B 15 -1.82 4.30 1.59
CA ASP B 15 -1.27 4.53 0.26
C ASP B 15 -1.79 3.46 -0.72
N ILE B 16 -2.14 3.90 -1.92
CA ILE B 16 -2.61 3.02 -2.98
C ILE B 16 -1.91 3.39 -4.30
N VAL B 17 -1.79 2.39 -5.19
CA VAL B 17 -1.08 2.54 -6.46
C VAL B 17 -1.95 2.11 -7.64
N PRO B 18 -3.15 2.70 -7.80
CA PRO B 18 -4.10 2.10 -8.80
C PRO B 18 -3.56 2.06 -10.23
N ASP B 19 -2.63 2.96 -10.55
CA ASP B 19 -2.05 3.06 -11.87
C ASP B 19 -0.54 2.80 -11.78
N GLY B 20 -0.12 2.22 -10.65
CA GLY B 20 1.30 1.93 -10.42
C GLY B 20 2.09 3.02 -9.72
N PHE B 21 1.41 4.10 -9.38
CA PHE B 21 2.01 5.24 -8.68
C PHE B 21 1.48 5.32 -7.24
N VAL B 22 2.28 4.89 -6.26
CA VAL B 22 1.86 4.98 -4.85
C VAL B 22 1.63 6.41 -4.36
N ARG B 23 0.45 6.65 -3.78
CA ARG B 23 0.14 7.94 -3.17
C ARG B 23 -0.86 7.78 -2.04
N PRO B 24 -0.93 8.78 -1.15
CA PRO B 24 -1.83 8.72 0.00
C PRO B 24 -3.27 8.78 -0.43
N ALA B 25 -4.13 8.18 0.39
CA ALA B 25 -5.55 8.21 0.07
C ALA B 25 -6.36 8.36 1.31
N VAL B 26 -7.59 8.81 1.12
CA VAL B 26 -8.63 8.72 2.14
C VAL B 26 -9.65 7.70 1.69
N ASN B 27 -9.71 6.59 2.41
CA ASN B 27 -10.48 5.42 2.03
C ASN B 27 -11.67 5.19 2.94
N ALA B 28 -12.84 4.92 2.37
CA ALA B 28 -13.98 4.47 3.16
C ALA B 28 -13.98 2.96 3.05
N GLY B 29 -13.96 2.28 4.18
CA GLY B 29 -14.05 0.82 4.18
C GLY B 29 -12.79 0.11 3.69
N GLY B 30 -11.71 0.87 3.55
CA GLY B 30 -10.38 0.33 3.26
C GLY B 30 -9.94 0.04 1.84
N THR B 31 -10.79 0.38 0.87
CA THR B 31 -10.59 -0.04 -0.52
C THR B 31 -10.83 1.15 -1.47
N PHE B 32 -10.25 1.12 -2.67
CA PHE B 32 -10.66 2.08 -3.69
C PHE B 32 -11.19 1.42 -4.97
N PRO B 33 -12.46 1.68 -5.33
CA PRO B 33 -13.42 2.52 -4.56
C PRO B 33 -13.82 1.89 -3.24
N GLY B 34 -14.53 2.65 -2.40
CA GLY B 34 -15.09 2.12 -1.16
C GLY B 34 -16.02 0.94 -1.45
N PRO B 35 -16.28 0.09 -0.43
CA PRO B 35 -17.15 -1.04 -0.68
C PRO B 35 -18.52 -0.56 -1.16
N VAL B 36 -19.21 -1.39 -1.94
CA VAL B 36 -20.59 -1.03 -2.30
C VAL B 36 -21.47 -1.13 -1.05
N ILE B 37 -22.13 -0.04 -0.71
CA ILE B 37 -23.15 -0.10 0.31
C ILE B 37 -24.50 -0.43 -0.32
N ALA B 38 -25.21 -1.42 0.21
CA ALA B 38 -26.41 -1.95 -0.43
C ALA B 38 -27.55 -2.28 0.53
N GLY B 39 -28.75 -2.34 -0.01
CA GLY B 39 -29.92 -2.85 0.72
C GLY B 39 -31.09 -2.97 -0.26
N ASN B 40 -32.30 -3.07 0.29
CA ASN B 40 -33.52 -3.11 -0.52
C ASN B 40 -34.34 -1.85 -0.34
N VAL B 41 -35.17 -1.49 -1.32
CA VAL B 41 -36.13 -0.38 -1.17
C VAL B 41 -36.83 -0.45 0.19
N GLY B 42 -36.97 0.71 0.82
CA GLY B 42 -37.69 0.80 2.08
C GLY B 42 -36.84 0.53 3.31
N ASP B 43 -35.63 0.03 3.10
CA ASP B 43 -34.76 -0.39 4.22
C ASP B 43 -34.31 0.80 5.07
N ASN B 44 -34.08 0.52 6.35
CA ASN B 44 -33.42 1.44 7.26
C ASN B 44 -31.92 1.25 7.15
N PHE B 45 -31.23 2.22 6.58
CA PHE B 45 -29.77 2.19 6.57
C PHE B 45 -29.21 2.69 7.89
N GLN B 46 -28.23 1.97 8.43
CA GLN B 46 -27.61 2.33 9.71
C GLN B 46 -26.11 2.14 9.55
N ILE B 47 -25.46 3.24 9.20
CA ILE B 47 -24.09 3.22 8.78
C ILE B 47 -23.28 4.00 9.78
N VAL B 48 -22.58 3.29 10.65
CA VAL B 48 -21.78 3.97 11.67
C VAL B 48 -20.44 4.31 11.03
N THR B 49 -20.22 5.61 10.81
CA THR B 49 -18.93 6.06 10.26
C THR B 49 -17.90 6.33 11.37
N PHE B 50 -16.81 5.56 11.36
CA PHE B 50 -15.67 5.70 12.29
C PHE B 50 -14.58 6.47 11.57
N ASN B 51 -14.26 7.66 12.05
CA ASN B 51 -13.21 8.49 11.44
C ASN B 51 -11.91 8.19 12.15
N GLN B 52 -10.97 7.60 11.43
CA GLN B 52 -9.67 7.15 11.97
C GLN B 52 -8.50 7.81 11.18
N LEU B 53 -8.80 8.96 10.57
CA LEU B 53 -7.85 9.61 9.67
C LEU B 53 -6.71 10.31 10.44
N ILE B 54 -5.48 10.23 9.94
CA ILE B 54 -4.35 10.88 10.63
C ILE B 54 -3.52 11.79 9.75
N GLU B 55 -3.58 11.57 8.45
CA GLU B 55 -2.79 12.35 7.50
C GLU B 55 -3.49 13.67 7.17
N CYS B 56 -3.08 14.73 7.88
CA CYS B 56 -3.59 16.10 7.68
C CYS B 56 -3.41 16.64 6.27
N SER B 57 -2.52 16.03 5.49
CA SER B 57 -2.30 16.44 4.11
C SER B 57 -3.61 16.40 3.31
N MET B 58 -4.55 15.56 3.76
CA MET B 58 -5.82 15.36 3.09
C MET B 58 -7.01 15.63 4.03
N LEU B 59 -6.71 16.22 5.18
CA LEU B 59 -7.71 16.55 6.23
C LEU B 59 -8.09 15.34 7.07
N VAL B 60 -8.18 15.54 8.38
CA VAL B 60 -8.52 14.47 9.32
C VAL B 60 -10.00 14.50 9.73
N ASP B 61 -10.70 15.56 9.34
CA ASP B 61 -12.16 15.63 9.56
C ASP B 61 -12.81 15.03 8.34
N THR B 62 -14.06 14.58 8.48
CA THR B 62 -14.77 14.06 7.33
C THR B 62 -16.29 14.22 7.45
N SER B 63 -16.99 14.12 6.33
CA SER B 63 -18.44 14.12 6.32
C SER B 63 -18.90 13.44 5.05
N ILE B 64 -19.85 12.52 5.18
CA ILE B 64 -20.24 11.63 4.08
C ILE B 64 -21.66 11.90 3.56
N HIS B 65 -21.77 12.01 2.24
CA HIS B 65 -23.03 12.22 1.55
C HIS B 65 -23.44 10.96 0.81
N TRP B 66 -24.75 10.71 0.79
CA TRP B 66 -25.32 9.55 0.13
C TRP B 66 -26.07 10.15 -1.02
N HIS B 67 -25.40 10.09 -2.17
CA HIS B 67 -25.76 10.92 -3.30
C HIS B 67 -26.98 10.35 -3.98
N GLY B 68 -28.04 11.15 -4.04
CA GLY B 68 -29.28 10.68 -4.67
C GLY B 68 -30.36 10.15 -3.74
N GLU B 69 -30.02 9.92 -2.48
CA GLU B 69 -31.00 9.66 -1.41
C GLU B 69 -31.77 10.91 -1.04
N PHE B 70 -33.10 10.83 -0.99
CA PHE B 70 -33.93 11.99 -0.65
C PHE B 70 -33.76 12.50 0.78
N GLN B 71 -33.42 11.59 1.70
CA GLN B 71 -33.33 11.88 3.15
C GLN B 71 -34.53 12.62 3.78
N LYS B 72 -35.76 12.22 3.46
CA LYS B 72 -36.91 12.98 3.98
C LYS B 72 -37.11 12.65 5.44
N GLY B 73 -37.17 13.65 6.31
CA GLY B 73 -37.19 13.38 7.75
C GLY B 73 -35.81 13.20 8.38
N THR B 74 -34.79 12.96 7.54
CA THR B 74 -33.44 12.84 8.02
C THR B 74 -32.51 13.78 7.28
N ASN B 75 -32.88 15.06 7.19
CA ASN B 75 -31.98 16.06 6.58
C ASN B 75 -30.59 16.16 7.24
N TRP B 76 -30.53 15.92 8.55
CA TRP B 76 -29.27 15.94 9.33
C TRP B 76 -28.28 14.86 8.87
N ALA B 77 -28.82 13.85 8.19
CA ALA B 77 -28.03 12.69 7.76
C ALA B 77 -27.45 12.87 6.36
N ASP B 78 -27.72 14.02 5.73
CA ASP B 78 -27.45 14.22 4.30
C ASP B 78 -25.95 14.30 3.95
N GLY B 79 -25.14 14.87 4.83
CA GLY B 79 -23.68 14.84 4.67
C GLY B 79 -22.92 16.09 4.24
N PRO B 80 -23.56 17.03 3.50
CA PRO B 80 -22.77 18.19 3.05
C PRO B 80 -22.35 19.07 4.22
N ALA B 81 -21.04 19.25 4.36
CA ALA B 81 -20.45 19.95 5.50
C ALA B 81 -20.88 21.42 5.54
N PHE B 82 -21.35 21.87 6.72
CA PHE B 82 -21.81 23.26 6.95
C PHE B 82 -23.09 23.59 6.19
N ILE B 83 -23.70 22.58 5.56
CA ILE B 83 -25.08 22.69 5.12
C ILE B 83 -25.98 21.94 6.11
N THR B 84 -25.71 20.64 6.29
CA THR B 84 -26.51 19.78 7.15
C THR B 84 -25.74 19.30 8.39
N GLN B 85 -24.42 19.49 8.43
CA GLN B 85 -23.64 19.08 9.61
C GLN B 85 -22.28 19.72 9.72
N CYS B 86 -21.73 19.67 10.94
CA CYS B 86 -20.31 19.90 11.16
C CYS B 86 -19.58 18.58 10.90
N PRO B 87 -18.35 18.66 10.39
CA PRO B 87 -17.66 17.41 10.07
C PRO B 87 -17.44 16.58 11.31
N ILE B 88 -17.35 15.27 11.13
CA ILE B 88 -16.90 14.34 12.17
C ILE B 88 -15.39 14.51 12.33
N ILE B 89 -14.90 14.61 13.55
CA ILE B 89 -13.46 14.81 13.78
C ILE B 89 -12.80 13.47 13.99
N VAL B 90 -11.48 13.41 13.81
CA VAL B 90 -10.79 12.13 13.97
C VAL B 90 -10.91 11.59 15.40
N GLY B 91 -11.10 10.27 15.50
CA GLY B 91 -11.27 9.56 16.77
C GLY B 91 -12.73 9.37 17.15
N ASN B 92 -13.62 10.06 16.43
CA ASN B 92 -15.05 9.97 16.68
C ASN B 92 -15.77 9.18 15.60
N SER B 93 -16.97 8.72 15.97
CA SER B 93 -17.87 8.07 15.06
C SER B 93 -19.20 8.83 15.02
N PHE B 94 -20.00 8.51 14.02
CA PHE B 94 -21.30 9.10 13.87
C PHE B 94 -22.18 8.16 13.04
N SER B 95 -23.41 7.94 13.50
CA SER B 95 -24.33 7.02 12.88
C SER B 95 -25.25 7.73 11.89
N TYR B 96 -25.03 7.49 10.60
CA TYR B 96 -25.99 7.85 9.59
C TYR B 96 -27.11 6.81 9.51
N ASN B 97 -28.24 7.15 10.11
CA ASN B 97 -29.40 6.27 10.19
C ASN B 97 -30.52 6.96 9.47
N PHE B 98 -30.95 6.36 8.36
CA PHE B 98 -31.95 6.96 7.49
C PHE B 98 -32.63 5.86 6.74
N ASN B 99 -33.76 6.17 6.12
CA ASN B 99 -34.51 5.20 5.33
C ASN B 99 -34.55 5.56 3.85
N VAL B 100 -34.87 4.60 2.99
CA VAL B 100 -34.95 4.88 1.55
C VAL B 100 -36.32 4.58 0.95
N PRO B 101 -37.39 5.22 1.48
CA PRO B 101 -38.72 4.95 0.92
C PRO B 101 -38.87 5.40 -0.54
N GLY B 102 -39.57 4.58 -1.33
CA GLY B 102 -39.88 4.88 -2.71
C GLY B 102 -38.67 5.08 -3.62
N MET B 103 -37.50 4.63 -3.18
CA MET B 103 -36.28 4.77 -3.98
C MET B 103 -35.61 3.41 -4.25
N ALA B 104 -35.18 3.21 -5.49
CA ALA B 104 -34.40 2.03 -5.82
C ALA B 104 -33.61 2.35 -7.05
N GLY B 105 -32.35 1.97 -7.04
CA GLY B 105 -31.53 2.08 -8.24
C GLY B 105 -30.10 2.14 -7.81
N THR B 106 -29.29 2.79 -8.64
CA THR B 106 -27.85 2.86 -8.50
C THR B 106 -27.48 4.27 -8.06
N TYR B 107 -26.78 4.34 -6.93
CA TYR B 107 -26.38 5.59 -6.29
C TYR B 107 -24.90 5.48 -5.94
N TRP B 108 -24.45 6.39 -5.10
CA TRP B 108 -23.10 6.34 -4.58
C TRP B 108 -22.95 7.22 -3.35
N TYR B 109 -21.84 7.07 -2.66
CA TYR B 109 -21.54 7.89 -1.53
C TYR B 109 -20.14 8.47 -1.63
N HIS B 110 -19.95 9.61 -0.96
CA HIS B 110 -18.72 10.32 -1.05
C HIS B 110 -18.56 11.33 0.06
N SER B 111 -17.31 11.63 0.39
CA SER B 111 -17.00 12.74 1.28
C SER B 111 -17.60 14.03 0.69
N HIS B 112 -18.21 14.83 1.56
CA HIS B 112 -18.75 16.13 1.15
C HIS B 112 -18.10 17.23 1.95
N LEU B 113 -16.80 17.06 2.21
CA LEU B 113 -15.98 18.10 2.88
C LEU B 113 -14.88 18.51 1.93
N THR B 114 -14.87 19.79 1.58
CA THR B 114 -13.86 20.35 0.67
C THR B 114 -13.77 19.41 -0.53
N THR B 115 -12.56 19.09 -0.98
CA THR B 115 -12.39 18.26 -2.17
C THR B 115 -11.89 16.88 -1.78
N GLN B 116 -12.30 16.45 -0.60
CA GLN B 116 -11.73 15.24 0.01
C GLN B 116 -12.07 13.94 -0.71
N TYR B 117 -13.24 13.87 -1.37
CA TYR B 117 -13.62 12.64 -2.10
C TYR B 117 -12.70 12.29 -3.27
N CYS B 118 -12.10 13.31 -3.86
CA CYS B 118 -11.07 13.14 -4.88
C CYS B 118 -9.91 12.31 -4.34
N ASP B 119 -9.48 12.59 -3.11
CA ASP B 119 -8.45 11.80 -2.40
C ASP B 119 -8.85 10.35 -2.04
N GLY B 120 -10.06 9.91 -2.41
CA GLY B 120 -10.37 8.47 -2.35
C GLY B 120 -11.68 8.02 -1.74
N LEU B 121 -12.34 8.92 -1.00
CA LEU B 121 -13.55 8.57 -0.26
C LEU B 121 -14.76 8.68 -1.17
N ARG B 122 -14.93 7.63 -1.97
CA ARG B 122 -16.01 7.45 -2.92
C ARG B 122 -16.26 5.97 -3.13
N GLY B 123 -17.53 5.57 -3.16
CA GLY B 123 -17.89 4.18 -3.38
C GLY B 123 -19.31 4.04 -3.91
N PRO B 124 -19.66 2.84 -4.41
CA PRO B 124 -21.03 2.72 -4.95
C PRO B 124 -22.04 2.49 -3.83
N PHE B 125 -23.32 2.74 -4.15
CA PHE B 125 -24.38 2.65 -3.19
C PHE B 125 -25.60 2.12 -3.94
N VAL B 126 -26.03 0.92 -3.62
CA VAL B 126 -27.08 0.31 -4.44
C VAL B 126 -28.28 -0.09 -3.60
N VAL B 127 -29.45 0.33 -4.08
CA VAL B 127 -30.72 -0.04 -3.47
C VAL B 127 -31.45 -0.94 -4.45
N TYR B 128 -31.41 -2.24 -4.17
CA TYR B 128 -32.07 -3.24 -5.00
C TYR B 128 -33.58 -3.20 -4.78
N ASP B 129 -34.32 -3.67 -5.78
CA ASP B 129 -35.77 -3.82 -5.72
C ASP B 129 -36.20 -5.31 -5.90
N PRO B 130 -36.77 -5.95 -4.86
CA PRO B 130 -37.14 -7.37 -5.08
C PRO B 130 -38.23 -7.58 -6.14
N ASN B 131 -38.95 -6.50 -6.48
CA ASN B 131 -39.88 -6.49 -7.61
C ASN B 131 -39.52 -5.46 -8.67
N ASP B 132 -38.21 -5.31 -8.89
CA ASP B 132 -37.69 -4.37 -9.85
C ASP B 132 -38.38 -4.61 -11.19
N PRO B 133 -39.12 -3.60 -11.69
CA PRO B 133 -39.80 -3.67 -12.98
C PRO B 133 -38.91 -4.05 -14.18
N ASP B 134 -37.60 -4.04 -14.01
CA ASP B 134 -36.69 -4.44 -15.07
C ASP B 134 -36.05 -5.84 -14.89
N ALA B 135 -36.32 -6.52 -13.79
CA ALA B 135 -35.53 -7.72 -13.41
C ALA B 135 -35.43 -8.79 -14.51
N ASN B 136 -36.51 -8.96 -15.26
CA ASN B 136 -36.63 -9.96 -16.34
C ASN B 136 -35.75 -9.67 -17.56
N LEU B 137 -35.14 -8.47 -17.62
CA LEU B 137 -34.32 -8.06 -18.77
C LEU B 137 -32.87 -8.54 -18.66
N TYR B 138 -32.51 -9.08 -17.51
CA TYR B 138 -31.13 -9.57 -17.28
C TYR B 138 -31.12 -10.80 -16.39
N ASP B 139 -30.02 -11.54 -16.45
CA ASP B 139 -29.82 -12.72 -15.64
C ASP B 139 -29.01 -12.44 -14.37
N VAL B 140 -28.05 -11.53 -14.48
CA VAL B 140 -27.06 -11.30 -13.41
C VAL B 140 -27.00 -9.83 -13.02
N ASP B 141 -27.26 -9.55 -11.75
CA ASP B 141 -27.16 -8.17 -11.20
C ASP B 141 -26.58 -8.28 -9.82
N ASP B 142 -25.27 -8.15 -9.70
CA ASP B 142 -24.62 -8.29 -8.42
C ASP B 142 -23.41 -7.37 -8.33
N ASP B 143 -22.57 -7.56 -7.32
CA ASP B 143 -21.39 -6.74 -7.17
C ASP B 143 -20.43 -6.86 -8.37
N THR B 144 -20.48 -7.97 -9.10
CA THR B 144 -19.59 -8.17 -10.25
C THR B 144 -20.06 -7.43 -11.52
N THR B 145 -21.22 -6.75 -11.44
CA THR B 145 -21.73 -5.99 -12.60
C THR B 145 -21.78 -4.49 -12.35
N ILE B 146 -21.22 -4.07 -11.20
CA ILE B 146 -21.11 -2.66 -10.92
C ILE B 146 -19.87 -2.19 -11.66
N ILE B 147 -19.96 -1.11 -12.43
CA ILE B 147 -18.77 -0.55 -13.06
C ILE B 147 -18.56 0.89 -12.65
N THR B 148 -17.44 1.19 -11.97
CA THR B 148 -17.16 2.58 -11.57
C THR B 148 -16.14 3.27 -12.47
N LEU B 149 -16.44 4.54 -12.76
CA LEU B 149 -15.54 5.38 -13.52
C LEU B 149 -15.01 6.45 -12.57
N ALA B 150 -13.68 6.56 -12.48
CA ALA B 150 -13.03 7.44 -11.53
C ALA B 150 -11.82 8.12 -12.17
N ASP B 151 -11.75 9.44 -12.00
CA ASP B 151 -10.56 10.22 -12.34
C ASP B 151 -9.59 10.09 -11.20
N TRP B 152 -8.30 9.97 -11.52
CA TRP B 152 -7.30 9.81 -10.50
C TRP B 152 -6.10 10.77 -10.66
N TYR B 153 -5.61 11.30 -9.53
CA TYR B 153 -4.67 12.42 -9.50
C TYR B 153 -3.41 12.03 -8.78
N HIS B 154 -2.26 12.43 -9.30
CA HIS B 154 -0.97 12.21 -8.59
C HIS B 154 -0.63 13.34 -7.61
N VAL B 155 -1.37 14.45 -7.74
CA VAL B 155 -1.30 15.57 -6.83
C VAL B 155 -2.45 15.47 -5.82
N LEU B 156 -2.13 15.62 -4.53
CA LEU B 156 -3.12 15.63 -3.48
C LEU B 156 -4.10 16.81 -3.64
N ALA B 157 -5.39 16.50 -3.40
CA ALA B 157 -6.51 17.45 -3.57
C ALA B 157 -6.34 18.83 -2.93
N LYS B 158 -5.77 18.86 -1.72
CA LYS B 158 -5.56 20.12 -1.03
C LYS B 158 -4.43 20.93 -1.66
N GLU B 159 -3.55 20.25 -2.39
CA GLU B 159 -2.46 20.95 -3.10
C GLU B 159 -2.80 21.38 -4.55
N MET B 160 -4.01 21.07 -5.01
CA MET B 160 -4.51 21.74 -6.21
C MET B 160 -4.84 23.20 -5.85
N GLY B 161 -4.95 24.10 -6.81
CA GLY B 161 -4.87 23.85 -8.22
C GLY B 161 -4.77 25.29 -8.69
N ALA B 162 -5.83 26.13 -8.55
CA ALA B 162 -7.23 25.83 -8.11
C ALA B 162 -8.11 27.09 -7.82
N GLY B 163 -8.91 27.56 -8.78
CA GLY B 163 -8.96 27.02 -10.13
C GLY B 163 -8.94 28.10 -11.21
N GLY B 164 -8.05 27.98 -12.19
CA GLY B 164 -7.13 26.85 -12.26
C GLY B 164 -7.75 25.59 -12.86
N ALA B 165 -7.56 25.40 -14.17
CA ALA B 165 -7.95 24.14 -14.78
C ALA B 165 -7.11 23.04 -14.12
N ILE B 166 -7.80 22.03 -13.64
CA ILE B 166 -7.15 20.94 -12.95
C ILE B 166 -7.41 19.73 -13.83
N THR B 167 -6.38 18.93 -14.11
CA THR B 167 -6.55 17.72 -14.91
C THR B 167 -6.02 16.47 -14.19
N ALA B 168 -6.73 15.36 -14.41
CA ALA B 168 -6.39 14.04 -13.82
C ALA B 168 -5.11 13.45 -14.41
N ASP B 169 -4.66 12.33 -13.86
CA ASP B 169 -3.45 11.61 -14.30
C ASP B 169 -3.70 10.16 -14.73
N SER B 170 -4.90 9.67 -14.46
CA SER B 170 -5.30 8.35 -14.89
C SER B 170 -6.80 8.22 -14.78
N THR B 171 -7.38 7.38 -15.66
CA THR B 171 -8.75 6.96 -15.55
C THR B 171 -8.72 5.58 -14.90
N LEU B 172 -9.53 5.41 -13.85
CA LEU B 172 -9.69 4.12 -13.22
C LEU B 172 -11.08 3.56 -13.49
N ILE B 173 -11.12 2.32 -13.94
CA ILE B 173 -12.38 1.62 -14.14
C ILE B 173 -12.34 0.50 -13.13
N ASP B 174 -13.35 0.43 -12.27
CA ASP B 174 -13.31 -0.48 -11.10
C ASP B 174 -11.96 -0.42 -10.36
N GLY B 175 -11.44 0.81 -10.15
CA GLY B 175 -10.29 1.03 -9.28
C GLY B 175 -8.93 0.73 -9.91
N LEU B 176 -8.92 0.41 -11.20
CA LEU B 176 -7.67 0.13 -11.92
C LEU B 176 -7.60 0.84 -13.28
N GLY B 177 -6.45 1.44 -13.58
CA GLY B 177 -6.27 2.12 -14.84
C GLY B 177 -4.82 2.47 -15.00
N ARG B 178 -4.43 2.87 -16.21
CA ARG B 178 -3.05 3.25 -16.48
C ARG B 178 -2.88 4.75 -16.66
N THR B 179 -1.71 5.23 -16.26
CA THR B 179 -1.44 6.65 -16.22
C THR B 179 -1.33 7.30 -17.60
N HIS B 180 -1.81 8.54 -17.72
CA HIS B 180 -1.77 9.31 -18.95
C HIS B 180 -0.32 9.60 -19.42
N VAL B 181 0.56 9.97 -18.49
CA VAL B 181 1.93 10.27 -18.91
C VAL B 181 2.85 9.14 -18.51
N ASN B 182 3.81 8.82 -19.39
CA ASN B 182 4.80 7.78 -19.15
C ASN B 182 4.11 6.52 -18.65
N VAL B 183 3.08 6.10 -19.38
CA VAL B 183 2.19 5.00 -19.02
C VAL B 183 3.02 3.75 -18.80
N ALA B 184 2.82 3.12 -17.63
CA ALA B 184 3.47 1.86 -17.25
C ALA B 184 2.41 0.77 -17.41
N ALA B 185 2.84 -0.44 -17.78
CA ALA B 185 1.91 -1.53 -18.11
C ALA B 185 1.37 -2.20 -16.85
N VAL B 186 0.57 -1.44 -16.10
CA VAL B 186 0.00 -1.88 -14.81
C VAL B 186 -1.32 -2.60 -15.07
N PRO B 187 -1.79 -3.42 -14.09
CA PRO B 187 -2.90 -4.32 -14.42
C PRO B 187 -4.22 -3.60 -14.63
N LEU B 188 -5.03 -4.15 -15.52
CA LEU B 188 -6.31 -3.56 -15.85
C LEU B 188 -7.44 -4.35 -15.24
N SER B 189 -8.54 -3.66 -14.95
CA SER B 189 -9.76 -4.34 -14.53
C SER B 189 -10.37 -5.22 -15.60
N VAL B 190 -10.95 -6.33 -15.18
CA VAL B 190 -11.57 -7.28 -16.09
C VAL B 190 -13.05 -7.44 -15.67
N ILE B 191 -13.95 -7.54 -16.64
CA ILE B 191 -15.33 -7.86 -16.38
C ILE B 191 -15.69 -9.09 -17.22
N THR B 192 -16.08 -10.18 -16.54
CA THR B 192 -16.35 -11.43 -17.24
C THR B 192 -17.83 -11.59 -17.53
N VAL B 193 -18.12 -12.12 -18.71
CA VAL B 193 -19.48 -12.51 -19.05
C VAL B 193 -19.41 -13.92 -19.62
N GLU B 194 -20.57 -14.54 -19.77
CA GLU B 194 -20.70 -15.87 -20.37
C GLU B 194 -21.74 -15.81 -21.47
N VAL B 195 -21.40 -16.39 -22.61
CA VAL B 195 -22.32 -16.40 -23.77
C VAL B 195 -23.72 -16.75 -23.37
N GLY B 196 -24.67 -15.96 -23.87
CA GLY B 196 -26.09 -16.29 -23.71
C GLY B 196 -26.74 -15.52 -22.60
N LYS B 197 -25.94 -15.05 -21.64
CA LYS B 197 -26.48 -14.40 -20.45
C LYS B 197 -26.58 -12.88 -20.64
N ARG B 198 -27.52 -12.26 -19.93
CA ARG B 198 -27.69 -10.80 -19.95
C ARG B 198 -27.36 -10.21 -18.57
N TYR B 199 -26.66 -9.08 -18.57
CA TYR B 199 -26.11 -8.52 -17.33
C TYR B 199 -26.63 -7.11 -17.13
N ARG B 200 -27.09 -6.80 -15.91
CA ARG B 200 -27.35 -5.40 -15.54
C ARG B 200 -26.06 -4.70 -15.08
N MET B 201 -25.39 -4.02 -16.03
CA MET B 201 -24.22 -3.20 -15.68
C MET B 201 -24.64 -1.90 -14.99
N ARG B 202 -24.14 -1.67 -13.79
CA ARG B 202 -24.45 -0.45 -13.08
C ARG B 202 -23.25 0.47 -13.19
N LEU B 203 -23.38 1.44 -14.09
CA LEU B 203 -22.31 2.33 -14.47
C LEU B 203 -22.37 3.57 -13.59
N VAL B 204 -21.38 3.73 -12.70
CA VAL B 204 -21.38 4.84 -11.75
C VAL B 204 -20.21 5.76 -12.04
N SER B 205 -20.52 7.03 -12.29
CA SER B 205 -19.46 8.04 -12.30
C SER B 205 -19.11 8.49 -10.91
N ILE B 206 -17.95 8.10 -10.41
CA ILE B 206 -17.52 8.65 -9.13
C ILE B 206 -16.48 9.77 -9.36
N SER B 207 -16.66 10.46 -10.47
CA SER B 207 -15.70 11.45 -10.94
C SER B 207 -15.72 12.76 -10.13
N CYS B 208 -14.55 13.32 -9.96
CA CYS B 208 -14.37 14.65 -9.39
C CYS B 208 -14.48 15.73 -10.46
N ASP B 209 -14.41 15.32 -11.72
CA ASP B 209 -14.31 16.32 -12.77
C ASP B 209 -14.72 15.82 -14.16
N PRO B 210 -13.89 14.97 -14.83
CA PRO B 210 -14.23 14.62 -16.22
C PRO B 210 -15.58 13.95 -16.41
N ASN B 211 -16.19 14.21 -17.57
CA ASN B 211 -17.22 13.31 -18.08
C ASN B 211 -16.54 12.28 -18.97
N TYR B 212 -17.20 11.14 -19.16
CA TYR B 212 -16.60 10.06 -19.94
C TYR B 212 -17.48 9.67 -21.11
N ASP B 213 -16.85 9.42 -22.25
CA ASP B 213 -17.51 8.73 -23.35
C ASP B 213 -17.24 7.24 -23.11
N PHE B 214 -18.30 6.54 -22.73
CA PHE B 214 -18.19 5.15 -22.35
C PHE B 214 -18.73 4.22 -23.43
N SER B 215 -17.96 3.20 -23.76
CA SER B 215 -18.39 2.17 -24.70
C SER B 215 -17.71 0.83 -24.47
N ILE B 216 -18.26 -0.20 -25.09
CA ILE B 216 -17.69 -1.52 -25.07
C ILE B 216 -17.56 -2.02 -26.53
N ASP B 217 -16.32 -2.24 -27.00
CA ASP B 217 -16.09 -2.69 -28.36
C ASP B 217 -16.92 -3.92 -28.64
N GLY B 218 -17.47 -3.99 -29.84
CA GLY B 218 -18.34 -5.10 -30.26
C GLY B 218 -19.74 -5.17 -29.66
N HIS B 219 -20.08 -4.26 -28.76
CA HIS B 219 -21.34 -4.37 -28.01
C HIS B 219 -22.23 -3.12 -27.97
N ASP B 220 -23.54 -3.35 -27.92
CA ASP B 220 -24.59 -2.38 -27.63
C ASP B 220 -24.89 -2.33 -26.14
N MET B 221 -25.46 -1.21 -25.70
CA MET B 221 -25.85 -1.06 -24.31
C MET B 221 -27.30 -0.61 -24.20
N THR B 222 -28.11 -1.30 -23.40
CA THR B 222 -29.50 -0.90 -23.30
C THR B 222 -29.80 -0.29 -21.96
N ILE B 223 -29.99 1.02 -21.96
CA ILE B 223 -30.28 1.77 -20.74
C ILE B 223 -31.66 1.48 -20.19
N ILE B 224 -31.70 1.17 -18.89
CA ILE B 224 -32.93 0.85 -18.19
C ILE B 224 -33.07 1.63 -16.88
N GLU B 225 -32.09 2.49 -16.57
CA GLU B 225 -32.14 3.28 -15.34
C GLU B 225 -31.30 4.53 -15.47
N THR B 226 -31.85 5.68 -15.07
CA THR B 226 -31.00 6.89 -14.98
C THR B 226 -31.07 7.66 -13.67
N ASP B 227 -29.92 7.82 -13.00
CA ASP B 227 -29.85 8.48 -11.68
C ASP B 227 -30.95 7.95 -10.74
N GLY B 228 -31.10 6.63 -10.68
CA GLY B 228 -32.11 6.02 -9.84
C GLY B 228 -33.53 5.95 -10.43
N VAL B 229 -33.78 6.62 -11.57
CA VAL B 229 -35.12 6.59 -12.18
C VAL B 229 -35.17 5.47 -13.24
N ASP B 230 -36.17 4.61 -13.15
CA ASP B 230 -36.33 3.56 -14.16
C ASP B 230 -36.69 4.24 -15.46
N SER B 231 -36.10 3.75 -16.56
CA SER B 231 -36.29 4.32 -17.90
C SER B 231 -36.77 3.25 -18.87
N GLN B 232 -37.48 3.70 -19.92
CA GLN B 232 -37.78 2.85 -21.04
C GLN B 232 -36.47 2.41 -21.71
N GLU B 233 -36.47 1.27 -22.38
CA GLU B 233 -35.23 0.76 -22.95
C GLU B 233 -34.71 1.66 -24.07
N LEU B 234 -33.44 2.03 -23.98
CA LEU B 234 -32.78 2.82 -25.02
C LEU B 234 -31.42 2.22 -25.34
N THR B 235 -31.33 1.62 -26.52
CA THR B 235 -30.11 0.97 -26.94
C THR B 235 -29.16 1.97 -27.57
N VAL B 236 -27.97 2.02 -27.00
CA VAL B 236 -26.91 2.93 -27.45
C VAL B 236 -25.59 2.18 -27.69
N ASP B 237 -24.72 2.78 -28.51
CA ASP B 237 -23.35 2.25 -28.65
C ASP B 237 -22.29 3.03 -27.85
N GLU B 238 -22.70 4.15 -27.26
CA GLU B 238 -21.83 5.02 -26.46
C GLU B 238 -22.65 5.81 -25.45
N ILE B 239 -22.06 6.03 -24.28
CA ILE B 239 -22.70 6.80 -23.23
C ILE B 239 -21.76 7.89 -22.77
N GLN B 240 -22.14 9.14 -23.00
CA GLN B 240 -21.45 10.26 -22.37
C GLN B 240 -22.02 10.43 -20.96
N ILE B 241 -21.17 10.15 -19.97
CA ILE B 241 -21.60 10.15 -18.58
C ILE B 241 -20.85 11.22 -17.81
N PHE B 242 -21.61 12.14 -17.19
CA PHE B 242 -21.04 13.27 -16.46
C PHE B 242 -20.78 12.92 -14.99
N ALA B 243 -19.90 13.65 -14.31
CA ALA B 243 -19.58 13.36 -12.91
C ALA B 243 -20.84 13.20 -12.05
N ALA B 244 -20.92 12.06 -11.35
CA ALA B 244 -22.00 11.79 -10.36
C ALA B 244 -23.29 11.17 -10.91
N GLN B 245 -23.38 11.07 -12.24
CA GLN B 245 -24.49 10.40 -12.91
C GLN B 245 -24.36 8.87 -12.80
N ARG B 246 -25.48 8.17 -12.96
CA ARG B 246 -25.48 6.71 -13.00
C ARG B 246 -26.37 6.22 -14.14
N TYR B 247 -26.00 5.10 -14.74
CA TYR B 247 -26.86 4.39 -15.69
C TYR B 247 -26.79 2.92 -15.41
N SER B 248 -27.93 2.23 -15.44
CA SER B 248 -27.93 0.79 -15.58
C SER B 248 -28.08 0.50 -17.08
N PHE B 249 -27.27 -0.40 -17.61
CA PHE B 249 -27.52 -0.87 -18.96
C PHE B 249 -27.53 -2.40 -19.02
N VAL B 250 -28.43 -2.96 -19.82
CA VAL B 250 -28.35 -4.38 -20.14
C VAL B 250 -27.21 -4.60 -21.11
N LEU B 251 -26.30 -5.48 -20.71
CA LEU B 251 -25.30 -6.03 -21.61
C LEU B 251 -25.75 -7.44 -21.97
N ASN B 252 -25.93 -7.68 -23.27
CA ASN B 252 -26.27 -9.01 -23.78
C ASN B 252 -24.98 -9.67 -24.26
N ALA B 253 -24.54 -10.72 -23.59
CA ALA B 253 -23.28 -11.34 -23.95
C ALA B 253 -23.45 -12.28 -25.16
N ASN B 254 -23.84 -11.70 -26.30
CA ASN B 254 -24.12 -12.43 -27.54
C ASN B 254 -23.02 -12.41 -28.62
N GLN B 255 -21.80 -12.00 -28.27
CA GLN B 255 -20.77 -11.89 -29.28
C GLN B 255 -19.82 -13.08 -29.24
N PRO B 256 -19.05 -13.29 -30.33
CA PRO B 256 -18.14 -14.44 -30.33
C PRO B 256 -17.24 -14.39 -29.11
N VAL B 257 -17.04 -15.55 -28.48
CA VAL B 257 -16.19 -15.67 -27.29
C VAL B 257 -14.84 -15.02 -27.52
N GLY B 258 -14.56 -13.99 -26.74
CA GLY B 258 -13.27 -13.32 -26.81
C GLY B 258 -13.06 -12.18 -25.85
N ASN B 259 -12.15 -11.32 -26.26
CA ASN B 259 -11.69 -10.19 -25.47
C ASN B 259 -12.07 -8.89 -26.19
N TYR B 260 -12.70 -7.99 -25.44
CA TYR B 260 -13.22 -6.73 -25.98
C TYR B 260 -12.81 -5.55 -25.09
N TRP B 261 -12.27 -4.51 -25.69
CA TRP B 261 -11.93 -3.31 -24.90
C TRP B 261 -13.16 -2.62 -24.36
N ILE B 262 -13.12 -2.30 -23.06
CA ILE B 262 -14.06 -1.36 -22.44
C ILE B 262 -13.38 -0.01 -22.45
N ARG B 263 -14.13 1.01 -22.89
CA ARG B 263 -13.59 2.32 -23.18
C ARG B 263 -14.31 3.41 -22.38
N ALA B 264 -13.53 4.28 -21.74
CA ALA B 264 -14.04 5.43 -21.02
C ALA B 264 -13.09 6.59 -21.28
N ASN B 265 -13.38 7.40 -22.29
CA ASN B 265 -12.48 8.51 -22.66
C ASN B 265 -12.96 9.78 -21.99
N PRO B 266 -12.12 10.36 -21.11
CA PRO B 266 -12.44 11.61 -20.42
C PRO B 266 -12.31 12.81 -21.37
N ASN B 267 -13.01 13.90 -21.03
CA ASN B 267 -13.05 15.12 -21.85
C ASN B 267 -11.82 15.97 -21.64
N SER B 268 -11.09 15.73 -20.56
CA SER B 268 -9.75 16.30 -20.41
C SER B 268 -8.80 15.19 -19.95
N GLY B 269 -7.51 15.50 -19.87
CA GLY B 269 -6.50 14.48 -19.55
C GLY B 269 -6.17 13.63 -20.78
N GLY B 270 -5.69 12.41 -20.59
CA GLY B 270 -5.16 11.61 -21.69
C GLY B 270 -6.20 11.35 -22.76
N GLU B 271 -5.84 11.53 -24.02
CA GLU B 271 -6.77 11.26 -25.12
C GLU B 271 -6.46 9.95 -25.80
N GLY B 272 -7.49 9.17 -26.11
CA GLY B 272 -7.28 7.91 -26.79
C GLY B 272 -6.97 6.79 -25.82
N PHE B 273 -6.30 5.76 -26.32
CA PHE B 273 -6.21 4.47 -25.63
C PHE B 273 -4.83 3.78 -25.80
N ASP B 274 -3.82 4.54 -26.24
CA ASP B 274 -2.46 3.99 -26.37
C ASP B 274 -1.96 3.36 -25.05
N GLY B 275 -1.27 2.22 -25.16
CA GLY B 275 -0.81 1.45 -24.00
C GLY B 275 -1.90 1.02 -23.01
N GLY B 276 -3.17 1.09 -23.40
CA GLY B 276 -4.28 0.66 -22.53
C GLY B 276 -4.81 1.67 -21.50
N ILE B 277 -4.49 2.95 -21.67
CA ILE B 277 -5.10 4.00 -20.83
C ILE B 277 -6.57 4.08 -21.17
N ASN B 278 -7.36 4.62 -20.24
CA ASN B 278 -8.78 4.83 -20.49
C ASN B 278 -9.54 3.54 -20.80
N SER B 279 -9.04 2.43 -20.29
CA SER B 279 -9.50 1.12 -20.75
C SER B 279 -9.69 0.13 -19.63
N ALA B 280 -10.58 -0.82 -19.88
CA ALA B 280 -10.68 -2.03 -19.08
C ALA B 280 -11.01 -3.13 -20.08
N ILE B 281 -11.18 -4.35 -19.59
CA ILE B 281 -11.31 -5.51 -20.47
C ILE B 281 -12.61 -6.26 -20.20
N LEU B 282 -13.39 -6.48 -21.26
CA LEU B 282 -14.55 -7.40 -21.22
C LEU B 282 -14.14 -8.77 -21.78
N ARG B 283 -14.26 -9.79 -20.94
CA ARG B 283 -13.80 -11.10 -21.33
C ARG B 283 -14.93 -12.13 -21.21
N TYR B 284 -15.14 -12.89 -22.29
CA TYR B 284 -16.06 -14.03 -22.25
C TYR B 284 -15.40 -15.19 -21.58
N ASP B 285 -16.15 -15.91 -20.74
CA ASP B 285 -15.68 -17.15 -20.12
C ASP B 285 -15.30 -18.10 -21.27
N GLY B 286 -14.07 -18.57 -21.25
CA GLY B 286 -13.60 -19.44 -22.31
C GLY B 286 -12.68 -18.76 -23.30
N ALA B 287 -12.63 -17.43 -23.27
CA ALA B 287 -11.67 -16.72 -24.09
C ALA B 287 -10.26 -16.99 -23.59
N THR B 288 -9.29 -16.86 -24.50
CA THR B 288 -7.89 -16.89 -24.13
C THR B 288 -7.68 -15.66 -23.28
N THR B 289 -6.95 -15.82 -22.17
CA THR B 289 -6.63 -14.67 -21.35
C THR B 289 -5.49 -13.90 -22.03
N ALA B 290 -5.89 -12.90 -22.79
CA ALA B 290 -4.97 -11.95 -23.39
C ALA B 290 -5.68 -10.59 -23.53
N ASP B 291 -4.90 -9.53 -23.74
CA ASP B 291 -5.47 -8.23 -24.06
C ASP B 291 -6.33 -8.31 -25.33
N PRO B 292 -7.50 -7.64 -25.31
CA PRO B 292 -8.28 -7.50 -26.53
C PRO B 292 -7.43 -6.88 -27.62
N VAL B 293 -7.77 -7.18 -28.86
CA VAL B 293 -7.21 -6.47 -30.02
C VAL B 293 -8.31 -5.76 -30.81
N THR B 294 -9.50 -5.61 -30.21
CA THR B 294 -10.58 -4.87 -30.88
C THR B 294 -10.28 -3.37 -31.06
N VAL B 295 -11.05 -2.75 -31.94
CA VAL B 295 -11.00 -1.32 -32.20
C VAL B 295 -12.40 -0.76 -32.00
N ALA B 296 -12.51 0.50 -31.57
CA ALA B 296 -13.82 1.17 -31.49
C ALA B 296 -14.39 1.42 -32.90
N SER B 297 -15.71 1.53 -32.99
CA SER B 297 -16.33 2.08 -34.23
C SER B 297 -15.71 3.44 -34.63
N THR B 298 -15.51 3.65 -35.92
CA THR B 298 -14.91 4.91 -36.38
C THR B 298 -15.85 6.07 -36.07
N VAL B 299 -17.13 5.87 -36.36
CA VAL B 299 -18.14 6.78 -35.87
C VAL B 299 -19.12 5.98 -35.02
N HIS B 300 -19.45 6.49 -33.85
CA HIS B 300 -20.52 5.95 -33.04
C HIS B 300 -21.89 6.35 -33.60
N THR B 301 -22.76 5.35 -33.63
CA THR B 301 -23.90 5.37 -34.50
C THR B 301 -25.25 5.55 -33.77
N LYS B 302 -25.27 5.23 -32.48
CA LYS B 302 -26.44 5.49 -31.64
C LYS B 302 -25.97 5.96 -30.27
N CYS B 303 -25.36 7.11 -30.28
CA CYS B 303 -24.88 7.80 -29.10
CA CYS B 303 -24.87 7.73 -29.06
C CYS B 303 -26.03 8.16 -28.18
N LEU B 304 -25.84 8.03 -26.86
CA LEU B 304 -26.87 8.45 -25.94
C LEU B 304 -27.14 9.96 -26.07
N ILE B 305 -28.40 10.31 -26.32
CA ILE B 305 -28.89 11.70 -26.25
C ILE B 305 -29.90 11.74 -25.14
N GLU B 306 -29.74 12.68 -24.20
CA GLU B 306 -30.62 12.76 -23.01
C GLU B 306 -32.11 12.93 -23.34
N THR B 307 -32.40 13.57 -24.48
CA THR B 307 -33.81 13.73 -24.90
C THR B 307 -34.45 12.39 -25.38
N ASP B 308 -33.64 11.36 -25.61
CA ASP B 308 -34.16 10.05 -26.03
C ASP B 308 -34.55 9.21 -24.82
N LEU B 309 -34.22 9.70 -23.63
CA LEU B 309 -34.49 8.97 -22.43
C LEU B 309 -35.89 9.35 -21.87
N HIS B 310 -36.63 8.35 -21.40
CA HIS B 310 -37.96 8.57 -20.82
C HIS B 310 -38.20 7.62 -19.66
N PRO B 311 -38.88 8.12 -18.59
CA PRO B 311 -39.16 7.25 -17.44
C PRO B 311 -39.92 5.99 -17.85
N LEU B 312 -39.64 4.88 -17.16
CA LEU B 312 -40.34 3.62 -17.47
C LEU B 312 -41.81 3.74 -16.99
N SER B 313 -42.01 4.44 -15.88
CA SER B 313 -43.33 4.76 -15.38
C SER B 313 -43.82 6.01 -16.04
N ARG B 314 -45.14 6.23 -16.00
CA ARG B 314 -45.74 7.43 -16.53
C ARG B 314 -45.57 8.48 -15.43
N ASN B 315 -44.47 9.22 -15.53
CA ASN B 315 -44.11 10.25 -14.55
C ASN B 315 -44.63 11.64 -14.92
N GLY B 316 -44.72 11.92 -16.22
CA GLY B 316 -45.08 13.27 -16.68
C GLY B 316 -44.15 14.38 -16.20
N VAL B 317 -44.74 15.53 -15.88
CA VAL B 317 -44.00 16.73 -15.47
C VAL B 317 -44.89 17.47 -14.48
N PRO B 318 -44.30 18.01 -13.41
CA PRO B 318 -45.07 18.92 -12.56
C PRO B 318 -45.33 20.26 -13.27
N GLY B 319 -46.48 20.88 -13.00
CA GLY B 319 -46.78 22.23 -13.50
C GLY B 319 -47.38 22.34 -14.89
N ASN B 320 -47.16 23.50 -15.52
CA ASN B 320 -47.80 23.87 -16.79
C ASN B 320 -46.90 23.63 -18.02
N PRO B 321 -47.45 22.98 -19.06
CA PRO B 321 -46.72 22.75 -20.32
C PRO B 321 -46.32 24.02 -21.06
N HIS B 322 -45.54 24.89 -20.37
CA HIS B 322 -44.96 26.11 -20.96
C HIS B 322 -43.86 26.71 -20.07
N GLN B 323 -43.02 27.55 -20.66
CA GLN B 323 -41.88 28.13 -19.96
C GLN B 323 -42.31 29.15 -18.90
N GLY B 324 -41.71 29.05 -17.72
CA GLY B 324 -42.17 29.80 -16.55
C GLY B 324 -43.45 29.25 -15.95
N GLY B 325 -43.89 28.08 -16.42
CA GLY B 325 -45.16 27.48 -16.01
C GLY B 325 -45.10 26.69 -14.71
N ALA B 326 -44.60 27.33 -13.66
CA ALA B 326 -44.55 26.75 -12.34
C ALA B 326 -44.98 27.79 -11.33
N ASP B 327 -45.30 27.34 -10.11
CA ASP B 327 -45.59 28.23 -8.98
C ASP B 327 -44.39 29.13 -8.69
N CYS B 328 -43.19 28.54 -8.75
CA CYS B 328 -41.95 29.17 -8.32
C CYS B 328 -40.79 28.99 -9.32
N ASN B 329 -40.80 29.78 -10.38
CA ASN B 329 -39.81 29.63 -11.45
C ASN B 329 -38.60 30.53 -11.26
N LEU B 330 -37.42 29.91 -11.28
CA LEU B 330 -36.18 30.59 -10.99
C LEU B 330 -35.22 30.50 -12.16
N ASN B 331 -34.62 31.63 -12.47
CA ASN B 331 -33.56 31.68 -13.44
C ASN B 331 -32.28 32.09 -12.71
N LEU B 332 -31.34 31.16 -12.61
CA LEU B 332 -30.11 31.42 -11.88
C LEU B 332 -29.07 32.00 -12.82
N SER B 333 -28.34 33.02 -12.35
CA SER B 333 -27.21 33.60 -13.09
C SER B 333 -25.94 32.87 -12.65
N LEU B 334 -25.39 32.07 -13.56
CA LEU B 334 -24.21 31.27 -13.24
C LEU B 334 -22.98 31.95 -13.83
N GLY B 335 -22.02 32.31 -12.97
CA GLY B 335 -20.82 33.00 -13.46
C GLY B 335 -19.51 32.45 -12.96
N PHE B 336 -18.42 32.86 -13.61
CA PHE B 336 -17.07 32.64 -13.13
C PHE B 336 -16.21 33.85 -13.44
N ALA B 337 -15.41 34.25 -12.45
CA ALA B 337 -14.49 35.39 -12.53
C ALA B 337 -13.52 35.35 -11.37
N CYS B 338 -12.27 35.75 -11.62
CA CYS B 338 -11.26 35.92 -10.54
C CYS B 338 -10.98 34.64 -9.74
N GLY B 339 -10.89 33.51 -10.44
CA GLY B 339 -10.68 32.22 -9.79
C GLY B 339 -11.81 31.77 -8.87
N ASN B 340 -13.00 32.31 -9.06
CA ASN B 340 -14.17 31.95 -8.21
C ASN B 340 -15.48 31.90 -9.00
N PHE B 341 -16.36 30.95 -8.63
CA PHE B 341 -17.66 30.81 -9.29
C PHE B 341 -18.72 31.55 -8.51
N VAL B 342 -19.76 32.02 -9.20
CA VAL B 342 -20.85 32.70 -8.49
C VAL B 342 -22.21 32.19 -8.92
N ILE B 343 -23.17 32.22 -8.00
CA ILE B 343 -24.56 32.02 -8.37
C ILE B 343 -25.32 33.28 -7.95
N ASN B 344 -25.98 33.91 -8.91
CA ASN B 344 -26.68 35.17 -8.65
C ASN B 344 -25.74 36.12 -7.90
N GLY B 345 -24.56 36.35 -8.51
CA GLY B 345 -23.53 37.25 -7.95
C GLY B 345 -22.81 36.83 -6.67
N VAL B 346 -23.15 35.65 -6.12
CA VAL B 346 -22.55 35.21 -4.86
C VAL B 346 -21.76 33.89 -4.93
N SER B 347 -20.52 33.95 -4.44
CA SER B 347 -19.68 32.76 -4.40
C SER B 347 -19.94 32.04 -3.08
N PHE B 348 -20.11 30.72 -3.16
CA PHE B 348 -20.38 29.97 -1.96
C PHE B 348 -19.10 29.77 -1.17
N THR B 349 -19.11 30.24 0.07
CA THR B 349 -18.07 29.92 1.04
C THR B 349 -18.84 29.41 2.29
N PRO B 350 -18.50 28.19 2.77
CA PRO B 350 -19.24 27.49 3.85
C PRO B 350 -19.37 28.30 5.13
N PRO B 351 -20.58 28.39 5.71
CA PRO B 351 -20.78 29.12 6.97
C PRO B 351 -20.15 28.41 8.17
N THR B 352 -19.89 29.15 9.23
CA THR B 352 -19.34 28.54 10.45
C THR B 352 -20.40 27.71 11.18
N VAL B 353 -21.65 28.12 11.12
CA VAL B 353 -22.72 27.29 11.66
C VAL B 353 -23.45 26.63 10.50
N PRO B 354 -23.62 25.29 10.53
CA PRO B 354 -24.34 24.61 9.46
C PRO B 354 -25.72 25.20 9.21
N VAL B 355 -26.06 25.38 7.94
CA VAL B 355 -27.36 25.94 7.57
C VAL B 355 -28.49 25.28 8.37
N LEU B 356 -28.50 23.95 8.45
CA LEU B 356 -29.52 23.25 9.23
C LEU B 356 -29.56 23.64 10.72
N LEU B 357 -28.39 23.96 11.29
CA LEU B 357 -28.33 24.31 12.70
C LEU B 357 -28.79 25.75 12.92
N GLN B 358 -28.52 26.60 11.94
CA GLN B 358 -29.04 27.96 12.00
C GLN B 358 -30.56 27.90 12.00
N ILE B 359 -31.15 27.00 11.22
CA ILE B 359 -32.60 26.83 11.18
C ILE B 359 -33.14 26.39 12.54
N CYS B 360 -32.51 25.39 13.14
CA CYS B 360 -32.94 24.85 14.42
C CYS B 360 -32.87 25.92 15.53
N SER B 361 -31.86 26.80 15.43
CA SER B 361 -31.69 27.92 16.37
C SER B 361 -32.62 29.12 16.07
N GLY B 362 -33.56 28.94 15.15
CA GLY B 362 -34.66 29.88 14.99
C GLY B 362 -34.68 30.73 13.75
N ALA B 363 -33.74 30.49 12.83
CA ALA B 363 -33.75 31.21 11.57
C ALA B 363 -35.06 30.91 10.81
N ASN B 364 -35.71 31.95 10.28
CA ASN B 364 -37.00 31.80 9.59
C ASN B 364 -36.93 32.03 8.08
N THR B 365 -35.86 32.69 7.64
CA THR B 365 -35.81 33.23 6.28
C THR B 365 -34.42 33.13 5.65
N ALA B 366 -34.38 33.25 4.33
CA ALA B 366 -33.13 33.32 3.59
C ALA B 366 -32.25 34.47 4.12
N ALA B 367 -32.83 35.66 4.25
CA ALA B 367 -32.12 36.83 4.77
C ALA B 367 -31.59 36.59 6.20
N ASP B 368 -32.29 35.77 6.98
CA ASP B 368 -31.83 35.36 8.31
C ASP B 368 -30.58 34.48 8.28
N LEU B 369 -30.35 33.81 7.15
CA LEU B 369 -29.37 32.74 7.09
C LEU B 369 -28.03 33.14 6.52
N LEU B 370 -26.99 32.53 7.06
CA LEU B 370 -25.65 32.60 6.50
C LEU B 370 -25.34 31.33 5.70
N PRO B 371 -24.51 31.46 4.65
CA PRO B 371 -23.93 32.72 4.14
C PRO B 371 -24.96 33.61 3.47
N SER B 372 -24.81 34.93 3.65
CA SER B 372 -25.69 35.91 3.01
C SER B 372 -25.65 35.76 1.50
N GLY B 373 -26.82 35.73 0.86
CA GLY B 373 -26.91 35.65 -0.59
C GLY B 373 -26.80 34.23 -1.13
N SER B 374 -26.55 33.27 -0.25
CA SER B 374 -26.29 31.89 -0.67
C SER B 374 -27.47 30.96 -0.36
N VAL B 375 -28.56 31.53 0.15
CA VAL B 375 -29.76 30.76 0.44
C VAL B 375 -30.98 31.39 -0.23
N ILE B 376 -31.66 30.55 -1.01
CA ILE B 376 -32.95 30.88 -1.58
C ILE B 376 -33.97 29.99 -0.86
N SER B 377 -34.94 30.61 -0.19
CA SER B 377 -35.99 29.82 0.45
C SER B 377 -37.01 29.37 -0.60
N LEU B 378 -37.67 28.25 -0.30
CA LEU B 378 -38.71 27.71 -1.15
C LEU B 378 -39.95 27.37 -0.32
N PRO B 379 -41.14 27.71 -0.84
CA PRO B 379 -42.39 27.42 -0.15
C PRO B 379 -42.77 25.97 -0.35
N SER B 380 -43.60 25.43 0.54
CA SER B 380 -43.92 24.01 0.48
C SER B 380 -44.96 23.66 -0.59
N ASN B 381 -45.11 22.36 -0.87
CA ASN B 381 -46.07 21.85 -1.83
C ASN B 381 -46.23 22.70 -3.10
N SER B 382 -45.09 23.10 -3.70
CA SER B 382 -45.08 23.93 -4.91
C SER B 382 -44.27 23.30 -6.00
N THR B 383 -44.57 23.67 -7.24
CA THR B 383 -43.82 23.26 -8.40
C THR B 383 -42.70 24.27 -8.62
N ILE B 384 -41.47 23.84 -8.39
CA ILE B 384 -40.31 24.67 -8.70
C ILE B 384 -39.81 24.40 -10.13
N GLU B 385 -39.36 25.45 -10.80
CA GLU B 385 -38.68 25.32 -12.08
C GLU B 385 -37.39 26.12 -12.02
N ILE B 386 -36.28 25.50 -12.40
CA ILE B 386 -34.97 26.16 -12.34
C ILE B 386 -34.25 26.11 -13.68
N ALA B 387 -34.07 27.28 -14.28
CA ALA B 387 -33.27 27.44 -15.47
C ALA B 387 -31.83 27.71 -15.07
N LEU B 388 -30.92 27.05 -15.77
CA LEU B 388 -29.51 27.08 -15.41
C LEU B 388 -28.67 27.41 -16.66
N PRO B 389 -28.88 28.60 -17.25
CA PRO B 389 -28.26 28.86 -18.54
C PRO B 389 -26.73 28.78 -18.46
N ALA B 390 -26.15 28.05 -19.40
CA ALA B 390 -24.74 27.75 -19.41
C ALA B 390 -23.95 28.92 -19.98
N GLY B 391 -22.62 28.85 -19.83
CA GLY B 391 -21.75 29.94 -20.29
C GLY B 391 -20.50 30.09 -19.43
N ALA B 392 -20.68 30.09 -18.11
CA ALA B 392 -19.58 30.09 -17.16
C ALA B 392 -18.50 29.08 -17.57
N ALA B 393 -17.23 29.49 -17.46
CA ALA B 393 -16.09 28.60 -17.69
C ALA B 393 -16.15 27.55 -16.57
N GLY B 394 -15.62 26.34 -16.71
CA GLY B 394 -15.29 25.67 -17.95
C GLY B 394 -16.21 24.45 -17.93
N GLY B 395 -17.15 24.43 -18.87
CA GLY B 395 -18.18 23.43 -18.92
C GLY B 395 -17.74 22.16 -19.64
N PRO B 396 -18.65 21.18 -19.78
CA PRO B 396 -20.04 21.34 -19.32
C PRO B 396 -20.16 21.05 -17.83
N HIS B 397 -20.89 21.92 -17.12
CA HIS B 397 -21.12 21.76 -15.68
C HIS B 397 -22.28 20.83 -15.40
N PRO B 398 -22.01 19.74 -14.66
CA PRO B 398 -23.00 18.79 -14.16
C PRO B 398 -23.65 19.25 -12.84
N PHE B 399 -24.80 19.89 -12.93
CA PHE B 399 -25.46 20.46 -11.75
C PHE B 399 -26.30 19.43 -11.06
N HIS B 400 -26.23 19.43 -9.72
CA HIS B 400 -26.87 18.45 -8.87
C HIS B 400 -27.66 19.08 -7.72
N LEU B 401 -28.83 18.49 -7.44
CA LEU B 401 -29.66 18.92 -6.34
C LEU B 401 -29.84 17.79 -5.37
N HIS B 402 -29.55 18.07 -4.11
CA HIS B 402 -29.74 17.13 -3.00
C HIS B 402 -31.22 17.01 -2.70
N GLY B 403 -31.57 15.95 -2.01
CA GLY B 403 -32.90 15.73 -1.49
C GLY B 403 -34.00 15.57 -2.51
N HIS B 404 -33.65 15.58 -3.79
CA HIS B 404 -34.62 15.46 -4.86
C HIS B 404 -34.08 14.78 -6.09
N ASP B 405 -35.00 14.43 -6.96
CA ASP B 405 -34.69 14.17 -8.34
C ASP B 405 -35.62 15.11 -9.08
N PHE B 406 -35.36 15.37 -10.33
CA PHE B 406 -36.13 16.40 -11.04
C PHE B 406 -36.39 15.98 -12.46
N ALA B 407 -37.44 16.56 -13.03
CA ALA B 407 -37.75 16.41 -14.44
C ALA B 407 -36.87 17.35 -15.23
N VAL B 408 -36.14 16.83 -16.21
CA VAL B 408 -35.34 17.67 -17.13
C VAL B 408 -36.18 18.13 -18.33
N SER B 409 -36.93 19.21 -18.15
CA SER B 409 -37.80 19.77 -19.19
C SER B 409 -37.00 20.20 -20.41
N GLU B 410 -35.83 20.77 -20.19
CA GLU B 410 -34.95 21.13 -21.30
C GLU B 410 -33.53 20.65 -21.05
N SER B 411 -32.97 19.93 -22.04
CA SER B 411 -31.65 19.32 -21.95
C SER B 411 -30.60 20.11 -22.70
N ALA B 412 -29.33 19.69 -22.56
CA ALA B 412 -28.23 20.36 -23.23
C ALA B 412 -28.39 20.32 -24.73
N SER B 413 -27.89 21.37 -25.39
CA SER B 413 -27.65 21.32 -26.85
C SER B 413 -28.96 21.26 -27.65
N ASN B 414 -30.05 21.72 -27.02
CA ASN B 414 -31.38 21.50 -27.58
C ASN B 414 -32.40 22.43 -26.96
N SER B 415 -32.76 23.45 -27.73
CA SER B 415 -33.68 24.49 -27.28
C SER B 415 -35.12 23.99 -27.02
N THR B 416 -35.47 22.79 -27.52
CA THR B 416 -36.84 22.29 -27.47
C THR B 416 -37.16 21.59 -26.16
N SER B 417 -38.00 22.25 -25.36
CA SER B 417 -38.50 21.69 -24.13
C SER B 417 -39.33 20.40 -24.36
N ASN B 418 -39.57 19.66 -23.29
CA ASN B 418 -40.45 18.47 -23.31
C ASN B 418 -41.30 18.41 -22.04
N TYR B 419 -42.59 18.70 -22.17
CA TYR B 419 -43.47 18.73 -21.00
C TYR B 419 -44.35 17.49 -20.92
N ASP B 420 -44.07 16.50 -21.76
CA ASP B 420 -44.86 15.28 -21.80
C ASP B 420 -44.14 14.13 -21.11
N ASP B 421 -42.98 13.72 -21.65
CA ASP B 421 -42.24 12.60 -21.06
C ASP B 421 -40.72 12.80 -20.84
N PRO B 422 -40.28 13.97 -20.34
CA PRO B 422 -38.84 14.10 -20.05
C PRO B 422 -38.36 13.08 -19.00
N ILE B 423 -37.11 12.60 -19.13
CA ILE B 423 -36.44 11.87 -18.06
C ILE B 423 -36.39 12.70 -16.79
N TRP B 424 -36.53 12.02 -15.66
CA TRP B 424 -36.19 12.62 -14.40
C TRP B 424 -34.82 12.11 -14.01
N ARG B 425 -34.06 12.90 -13.25
CA ARG B 425 -32.71 12.51 -12.79
C ARG B 425 -32.25 13.44 -11.65
N ASP B 426 -31.01 13.27 -11.15
CA ASP B 426 -30.53 14.14 -10.09
C ASP B 426 -29.22 14.90 -10.40
N VAL B 427 -28.56 14.57 -11.51
CA VAL B 427 -27.37 15.31 -11.97
C VAL B 427 -27.47 15.51 -13.47
N VAL B 428 -27.41 16.76 -13.92
CA VAL B 428 -27.63 17.07 -15.34
C VAL B 428 -26.59 18.02 -15.88
N SER B 429 -26.01 17.68 -17.02
CA SER B 429 -25.14 18.66 -17.69
C SER B 429 -25.97 19.86 -18.13
N ILE B 430 -25.51 21.05 -17.75
CA ILE B 430 -26.14 22.29 -18.19
C ILE B 430 -25.70 22.75 -19.59
N GLY B 431 -24.79 22.01 -20.20
CA GLY B 431 -24.47 22.20 -21.62
C GLY B 431 -23.39 23.21 -21.94
N GLY B 432 -23.58 23.98 -23.00
CA GLY B 432 -22.61 25.01 -23.44
C GLY B 432 -23.27 26.37 -23.66
N VAL B 433 -22.48 27.40 -23.98
CA VAL B 433 -23.05 28.77 -24.07
C VAL B 433 -24.23 28.77 -25.03
N GLY B 434 -25.34 29.38 -24.62
CA GLY B 434 -26.57 29.36 -25.42
C GLY B 434 -27.66 28.44 -24.88
N ASP B 435 -27.27 27.31 -24.29
CA ASP B 435 -28.24 26.39 -23.70
C ASP B 435 -29.00 27.00 -22.55
N ASN B 436 -30.18 26.46 -22.29
CA ASN B 436 -30.99 26.87 -21.12
C ASN B 436 -31.59 25.67 -20.41
N VAL B 437 -30.73 24.76 -19.95
CA VAL B 437 -31.14 23.54 -19.27
C VAL B 437 -32.07 23.89 -18.10
N THR B 438 -33.22 23.21 -18.05
CA THR B 438 -34.28 23.57 -17.12
C THR B 438 -34.87 22.34 -16.45
N ILE B 439 -35.06 22.44 -15.14
CA ILE B 439 -35.54 21.34 -14.30
C ILE B 439 -36.76 21.73 -13.47
N ARG B 440 -37.61 20.73 -13.23
CA ARG B 440 -38.79 20.90 -12.41
C ARG B 440 -38.87 19.87 -11.32
N PHE B 441 -39.33 20.33 -10.15
CA PHE B 441 -39.62 19.44 -9.04
C PHE B 441 -40.67 20.04 -8.10
N CYS B 442 -41.18 19.21 -7.20
CA CYS B 442 -42.12 19.64 -6.16
C CYS B 442 -41.46 19.71 -4.82
N THR B 443 -41.81 20.74 -4.05
CA THR B 443 -41.31 20.91 -2.71
C THR B 443 -42.09 20.12 -1.67
N ASP B 444 -41.93 18.79 -1.66
CA ASP B 444 -42.51 17.96 -0.59
C ASP B 444 -41.46 17.41 0.43
N ASN B 445 -40.36 18.11 0.63
CA ASN B 445 -39.26 17.59 1.46
C ASN B 445 -38.54 18.71 2.23
N PRO B 446 -39.08 19.10 3.41
CA PRO B 446 -38.51 20.24 4.16
C PRO B 446 -37.06 20.05 4.61
N GLY B 447 -36.22 21.05 4.34
CA GLY B 447 -34.81 21.05 4.76
C GLY B 447 -33.91 21.81 3.79
N PRO B 448 -32.69 22.15 4.24
CA PRO B 448 -31.71 22.87 3.41
C PRO B 448 -31.04 21.90 2.42
N TRP B 449 -31.36 22.07 1.15
CA TRP B 449 -30.83 21.17 0.14
C TRP B 449 -29.81 21.89 -0.72
N PHE B 450 -28.65 21.27 -0.86
CA PHE B 450 -27.54 21.82 -1.63
C PHE B 450 -27.85 21.73 -3.12
N LEU B 451 -27.55 22.78 -3.86
CA LEU B 451 -27.59 22.79 -5.31
C LEU B 451 -26.20 23.22 -5.75
N HIS B 452 -25.47 22.39 -6.47
CA HIS B 452 -24.11 22.75 -6.88
C HIS B 452 -23.66 22.03 -8.14
N CYS B 453 -22.60 22.56 -8.77
CA CYS B 453 -21.89 21.85 -9.81
C CYS B 453 -21.17 20.70 -9.12
N HIS B 454 -21.13 19.53 -9.78
CA HIS B 454 -20.61 18.35 -9.13
C HIS B 454 -19.16 18.05 -9.53
N ILE B 455 -18.56 18.98 -10.27
CA ILE B 455 -17.12 19.03 -10.44
C ILE B 455 -16.60 19.61 -9.11
N ASP B 456 -15.85 18.77 -8.38
CA ASP B 456 -15.53 19.12 -7.02
C ASP B 456 -14.68 20.39 -6.99
N TRP B 457 -13.81 20.53 -7.96
CA TRP B 457 -12.93 21.70 -8.04
C TRP B 457 -13.75 22.98 -8.18
N HIS B 458 -14.93 22.86 -8.79
CA HIS B 458 -15.82 24.01 -9.00
C HIS B 458 -16.63 24.33 -7.76
N LEU B 459 -17.02 23.28 -7.04
CA LEU B 459 -17.73 23.45 -5.79
C LEU B 459 -16.83 24.15 -4.77
N ASP B 460 -15.55 23.75 -4.64
CA ASP B 460 -14.65 24.42 -3.68
C ASP B 460 -14.34 25.87 -4.10
N ALA B 461 -14.43 26.13 -5.41
CA ALA B 461 -14.29 27.48 -5.92
C ALA B 461 -15.63 28.26 -5.85
N GLY B 462 -16.64 27.66 -5.22
CA GLY B 462 -17.87 28.36 -4.82
C GLY B 462 -19.12 28.21 -5.67
N PHE B 463 -19.16 27.22 -6.56
CA PHE B 463 -20.28 27.04 -7.51
C PHE B 463 -21.48 26.32 -6.87
N ALA B 464 -22.13 26.98 -5.93
CA ALA B 464 -23.14 26.35 -5.09
C ALA B 464 -24.09 27.39 -4.47
N ILE B 465 -25.30 26.95 -4.12
CA ILE B 465 -26.25 27.68 -3.27
C ILE B 465 -27.12 26.65 -2.54
N VAL B 466 -27.85 27.11 -1.53
CA VAL B 466 -28.72 26.25 -0.75
C VAL B 466 -30.17 26.61 -0.97
N PHE B 467 -30.96 25.64 -1.43
CA PHE B 467 -32.40 25.74 -1.33
C PHE B 467 -32.85 25.37 0.07
N ALA B 468 -33.25 26.36 0.85
CA ALA B 468 -33.90 26.09 2.15
C ALA B 468 -35.39 25.84 1.92
N GLU B 469 -35.76 24.55 1.90
CA GLU B 469 -37.10 24.13 1.54
C GLU B 469 -37.95 24.07 2.78
N ASP B 470 -39.11 24.72 2.73
CA ASP B 470 -40.06 24.76 3.85
C ASP B 470 -39.36 25.05 5.16
N ILE B 471 -38.69 26.20 5.24
CA ILE B 471 -38.02 26.64 6.47
C ILE B 471 -38.91 26.49 7.70
N PRO B 472 -40.16 27.01 7.64
CA PRO B 472 -41.07 26.91 8.80
C PRO B 472 -41.24 25.49 9.36
N ASN B 473 -41.17 24.46 8.52
CA ASN B 473 -41.46 23.10 8.98
C ASN B 473 -40.21 22.22 9.15
N THR B 474 -39.04 22.81 8.85
CA THR B 474 -37.77 22.09 8.86
C THR B 474 -37.46 21.34 10.17
N ALA B 475 -37.53 22.05 11.29
CA ALA B 475 -37.23 21.46 12.59
C ALA B 475 -38.15 20.28 12.97
N SER B 476 -39.45 20.42 12.70
CA SER B 476 -40.43 19.43 13.09
C SER B 476 -40.25 18.22 12.21
N ALA B 477 -39.95 18.46 10.94
CA ALA B 477 -39.85 17.39 9.96
C ALA B 477 -38.57 16.53 10.14
N ASN B 478 -37.54 17.15 10.71
CA ASN B 478 -36.26 16.48 10.83
C ASN B 478 -35.73 16.43 12.26
N PRO B 479 -36.37 15.67 13.17
CA PRO B 479 -35.83 15.59 14.53
C PRO B 479 -34.40 15.04 14.51
N VAL B 480 -33.53 15.66 15.30
CA VAL B 480 -32.09 15.33 15.29
C VAL B 480 -31.65 14.48 16.46
N PRO B 481 -30.82 13.46 16.19
CA PRO B 481 -30.29 12.62 17.26
C PRO B 481 -29.22 13.39 18.07
N GLU B 482 -28.97 13.00 19.32
CA GLU B 482 -27.98 13.69 20.18
C GLU B 482 -26.62 13.78 19.52
N ALA B 483 -26.22 12.71 18.83
CA ALA B 483 -24.89 12.63 18.23
C ALA B 483 -24.70 13.72 17.19
N TRP B 484 -25.79 14.06 16.49
CA TRP B 484 -25.77 15.18 15.56
C TRP B 484 -25.56 16.48 16.31
N SER B 485 -26.34 16.68 17.37
CA SER B 485 -26.21 17.90 18.20
C SER B 485 -24.80 18.09 18.74
N ASN B 486 -24.12 16.98 19.01
CA ASN B 486 -22.76 16.98 19.54
C ASN B 486 -21.70 17.34 18.49
N LEU B 487 -22.08 17.30 17.21
CA LEU B 487 -21.11 17.39 16.11
C LEU B 487 -20.35 18.70 16.11
N CYS B 488 -21.10 19.81 16.09
CA CYS B 488 -20.53 21.16 16.06
C CYS B 488 -19.71 21.52 17.30
N PRO B 489 -20.27 21.28 18.52
CA PRO B 489 -19.46 21.58 19.71
C PRO B 489 -18.08 20.92 19.66
N SER B 490 -18.07 19.64 19.32
CA SER B 490 -16.83 18.88 19.22
C SER B 490 -15.91 19.36 18.11
N TYR B 491 -16.48 19.75 16.98
CA TYR B 491 -15.69 20.20 15.85
C TYR B 491 -15.07 21.56 16.17
N ASP B 492 -15.92 22.49 16.61
CA ASP B 492 -15.52 23.85 17.00
C ASP B 492 -14.42 23.84 18.07
N SER B 493 -14.56 22.94 19.05
CA SER B 493 -13.58 22.80 20.12
C SER B 493 -12.24 22.31 19.58
N ALA B 494 -12.25 21.30 18.71
CA ALA B 494 -11.04 20.76 18.09
C ALA B 494 -10.30 21.78 17.25
N HIS B 495 -11.05 22.68 16.61
CA HIS B 495 -10.49 23.69 15.72
C HIS B 495 -10.42 25.08 16.37
N VAL C 1 5.23 14.94 -10.28
CA VAL C 1 4.66 16.04 -9.43
C VAL C 1 5.76 16.90 -8.80
N GLN C 2 5.64 18.20 -9.04
CA GLN C 2 6.58 19.21 -8.54
C GLN C 2 5.89 20.11 -7.53
N ILE C 3 6.59 20.38 -6.43
CA ILE C 3 6.11 21.25 -5.36
C ILE C 3 7.19 22.25 -5.00
N GLY C 4 6.76 23.34 -4.34
CA GLY C 4 7.67 24.37 -3.83
C GLY C 4 7.76 25.55 -4.78
N PRO C 5 8.57 26.56 -4.45
CA PRO C 5 9.53 26.69 -3.34
C PRO C 5 8.90 26.83 -1.93
N VAL C 6 7.64 27.24 -1.86
CA VAL C 6 6.94 27.28 -0.58
C VAL C 6 5.95 26.10 -0.57
N THR C 7 6.20 25.12 0.30
CA THR C 7 5.40 23.90 0.34
C THR C 7 5.45 23.22 1.70
N ASP C 8 4.37 22.50 1.99
CA ASP C 8 4.37 21.54 3.09
C ASP C 8 5.03 20.27 2.56
N LEU C 9 5.69 19.53 3.44
CA LEU C 9 6.21 18.21 3.10
C LEU C 9 5.91 17.31 4.30
N HIS C 10 4.85 16.50 4.20
CA HIS C 10 4.48 15.57 5.27
C HIS C 10 5.31 14.29 5.20
N ILE C 11 5.74 13.81 6.36
CA ILE C 11 6.57 12.62 6.45
C ILE C 11 5.71 11.57 7.08
N VAL C 12 5.36 10.58 6.26
CA VAL C 12 4.48 9.49 6.67
C VAL C 12 5.07 8.11 6.42
N ASN C 13 4.46 7.14 7.09
CA ASN C 13 4.71 5.75 6.87
C ASN C 13 3.69 5.25 5.88
N ALA C 14 4.13 4.33 5.01
CA ALA C 14 3.26 3.61 4.08
C ALA C 14 3.94 2.31 3.65
N ASP C 15 3.16 1.28 3.36
CA ASP C 15 3.72 0.10 2.70
C ASP C 15 3.70 0.38 1.21
N ILE C 16 4.83 0.06 0.58
CA ILE C 16 5.01 0.17 -0.85
C ILE C 16 5.61 -1.13 -1.39
N VAL C 17 5.30 -1.41 -2.66
CA VAL C 17 5.71 -2.63 -3.36
C VAL C 17 6.33 -2.34 -4.73
N PRO C 18 7.39 -1.51 -4.77
CA PRO C 18 7.93 -1.08 -6.09
C PRO C 18 8.41 -2.25 -6.99
N ASP C 19 8.83 -3.36 -6.38
CA ASP C 19 9.26 -4.57 -7.12
C ASP C 19 8.34 -5.80 -6.93
N GLY C 20 7.10 -5.59 -6.49
CA GLY C 20 6.19 -6.67 -6.13
C GLY C 20 6.18 -7.20 -4.69
N PHE C 21 7.12 -6.73 -3.87
CA PHE C 21 7.27 -7.20 -2.48
C PHE C 21 6.85 -6.08 -1.53
N VAL C 22 5.72 -6.24 -0.83
CA VAL C 22 5.30 -5.19 0.10
C VAL C 22 6.16 -5.13 1.37
N ARG C 23 6.53 -3.91 1.74
CA ARG C 23 7.29 -3.66 2.93
C ARG C 23 7.05 -2.21 3.36
N PRO C 24 7.28 -1.89 4.65
CA PRO C 24 7.06 -0.55 5.23
C PRO C 24 7.99 0.49 4.64
N ALA C 25 7.59 1.76 4.70
CA ALA C 25 8.46 2.82 4.18
C ALA C 25 8.33 4.10 4.99
N VAL C 26 9.32 4.97 4.85
CA VAL C 26 9.22 6.32 5.33
C VAL C 26 9.17 7.13 4.05
N ASN C 27 8.07 7.86 3.86
CA ASN C 27 7.85 8.61 2.63
C ASN C 27 7.77 10.10 2.89
N ALA C 28 8.45 10.87 2.06
CA ALA C 28 8.31 12.33 2.07
C ALA C 28 7.31 12.72 1.00
N GLY C 29 6.29 13.48 1.39
CA GLY C 29 5.23 13.91 0.46
C GLY C 29 4.38 12.77 -0.11
N GLY C 30 4.43 11.62 0.56
CA GLY C 30 3.52 10.52 0.32
C GLY C 30 3.86 9.55 -0.80
N THR C 31 5.01 9.72 -1.45
CA THR C 31 5.31 8.96 -2.66
C THR C 31 6.72 8.39 -2.60
N PHE C 32 7.00 7.42 -3.48
CA PHE C 32 8.37 6.97 -3.70
C PHE C 32 8.83 6.97 -5.16
N PRO C 33 9.90 7.74 -5.47
CA PRO C 33 10.52 8.74 -4.58
C PRO C 33 9.61 9.91 -4.21
N GLY C 34 10.07 10.70 -3.23
CA GLY C 34 9.34 11.88 -2.83
C GLY C 34 9.07 12.79 -4.01
N PRO C 35 8.10 13.72 -3.87
CA PRO C 35 7.91 14.65 -4.95
C PRO C 35 9.15 15.50 -5.21
N VAL C 36 9.26 16.02 -6.42
CA VAL C 36 10.33 16.94 -6.75
C VAL C 36 10.06 18.26 -6.04
N ILE C 37 11.02 18.71 -5.24
CA ILE C 37 10.92 20.05 -4.70
C ILE C 37 11.68 20.91 -5.69
N ALA C 38 11.05 22.02 -6.10
CA ALA C 38 11.63 22.86 -7.13
C ALA C 38 11.35 24.37 -6.95
N GLY C 39 12.25 25.18 -7.51
CA GLY C 39 12.10 26.61 -7.60
C GLY C 39 13.08 27.13 -8.64
N ASN C 40 13.22 28.46 -8.72
CA ASN C 40 14.24 29.07 -9.56
C ASN C 40 15.44 29.50 -8.75
N VAL C 41 16.59 29.75 -9.39
CA VAL C 41 17.74 30.36 -8.68
C VAL C 41 17.33 31.59 -7.88
N GLY C 42 17.89 31.74 -6.68
CA GLY C 42 17.55 32.91 -5.83
C GLY C 42 16.11 33.01 -5.31
N ASP C 43 15.33 31.94 -5.44
CA ASP C 43 14.08 31.81 -4.71
C ASP C 43 14.37 31.50 -3.25
N ASN C 44 13.42 31.89 -2.40
CA ASN C 44 13.43 31.53 -1.00
C ASN C 44 12.60 30.25 -0.90
N PHE C 45 13.20 29.21 -0.32
CA PHE C 45 12.54 27.95 -0.02
C PHE C 45 12.06 27.96 1.44
N GLN C 46 10.78 27.66 1.62
CA GLN C 46 10.18 27.50 2.93
C GLN C 46 9.47 26.17 2.88
N ILE C 47 10.12 25.15 3.44
CA ILE C 47 9.61 23.79 3.42
C ILE C 47 9.18 23.44 4.85
N VAL C 48 7.86 23.47 5.08
CA VAL C 48 7.29 23.08 6.36
C VAL C 48 7.18 21.57 6.38
N THR C 49 8.07 20.96 7.15
CA THR C 49 8.13 19.53 7.29
C THR C 49 7.32 19.08 8.47
N PHE C 50 6.27 18.31 8.17
CA PHE C 50 5.36 17.75 9.17
C PHE C 50 5.72 16.29 9.40
N ASN C 51 6.28 15.97 10.58
CA ASN C 51 6.58 14.59 10.95
C ASN C 51 5.31 13.91 11.49
N GLN C 52 4.84 12.92 10.74
CA GLN C 52 3.68 12.11 11.14
C GLN C 52 4.00 10.61 11.28
N LEU C 53 5.29 10.28 11.42
CA LEU C 53 5.76 8.88 11.47
C LEU C 53 5.24 8.14 12.70
N ILE C 54 4.85 6.88 12.52
CA ILE C 54 4.40 6.11 13.69
C ILE C 54 5.12 4.75 13.82
N GLU C 55 5.76 4.31 12.75
CA GLU C 55 6.34 2.99 12.72
C GLU C 55 7.77 3.03 13.25
N CYS C 56 7.94 2.70 14.53
CA CYS C 56 9.27 2.73 15.16
C CYS C 56 10.34 1.86 14.53
N SER C 57 9.94 0.87 13.74
CA SER C 57 10.86 -0.04 13.07
C SER C 57 11.81 0.75 12.17
N MET C 58 11.36 1.91 11.70
CA MET C 58 12.14 2.76 10.84
C MET C 58 12.51 4.12 11.49
N LEU C 59 12.29 4.21 12.81
CA LEU C 59 12.39 5.47 13.60
C LEU C 59 11.28 6.45 13.31
N VAL C 60 10.74 7.02 14.37
CA VAL C 60 9.64 7.95 14.19
C VAL C 60 10.11 9.39 14.23
N ASP C 61 11.41 9.59 14.51
CA ASP C 61 12.11 10.88 14.41
C ASP C 61 12.61 11.06 12.98
N THR C 62 12.77 12.32 12.53
CA THR C 62 13.32 12.55 11.19
C THR C 62 14.14 13.85 11.12
N SER C 63 14.96 13.95 10.09
CA SER C 63 15.73 15.17 9.80
C SER C 63 16.13 15.08 8.34
N ILE C 64 15.83 16.14 7.60
CA ILE C 64 15.99 16.15 6.16
C ILE C 64 17.13 17.07 5.69
N HIS C 65 18.01 16.53 4.86
CA HIS C 65 19.09 17.29 4.26
C HIS C 65 18.76 17.59 2.80
N TRP C 66 19.03 18.82 2.38
CA TRP C 66 18.90 19.25 1.00
C TRP C 66 20.29 19.19 0.35
N HIS C 67 20.54 18.05 -0.33
CA HIS C 67 21.88 17.67 -0.75
C HIS C 67 22.42 18.50 -1.91
N GLY C 68 23.52 19.22 -1.68
CA GLY C 68 24.13 20.06 -2.69
C GLY C 68 23.96 21.54 -2.40
N GLU C 69 22.97 21.88 -1.60
CA GLU C 69 22.67 23.27 -1.22
C GLU C 69 23.64 23.79 -0.16
N PHE C 70 24.31 24.91 -0.46
CA PHE C 70 25.38 25.44 0.42
C PHE C 70 24.86 25.88 1.79
N GLN C 71 23.65 26.39 1.84
CA GLN C 71 23.06 26.91 3.08
C GLN C 71 23.93 27.97 3.79
N LYS C 72 24.47 28.91 3.02
CA LYS C 72 25.22 30.02 3.58
C LYS C 72 24.28 30.90 4.41
N GLY C 73 24.59 31.08 5.68
CA GLY C 73 23.74 31.85 6.61
C GLY C 73 22.63 31.04 7.26
N THR C 74 22.43 29.82 6.76
CA THR C 74 21.36 28.96 7.25
C THR C 74 21.90 27.55 7.48
N ASN C 75 23.03 27.47 8.18
CA ASN C 75 23.62 26.18 8.58
C ASN C 75 22.64 25.30 9.35
N TRP C 76 21.78 25.94 10.14
CA TRP C 76 20.78 25.29 10.98
C TRP C 76 19.71 24.53 10.18
N ALA C 77 19.60 24.83 8.88
CA ALA C 77 18.61 24.19 8.03
C ALA C 77 19.22 23.07 7.18
N ASP C 78 20.48 22.70 7.46
CA ASP C 78 21.19 21.77 6.59
C ASP C 78 20.75 20.29 6.74
N GLY C 79 20.30 19.86 7.92
CA GLY C 79 19.77 18.50 8.06
C GLY C 79 20.50 17.35 8.78
N PRO C 80 21.87 17.27 8.69
CA PRO C 80 22.48 16.10 9.35
C PRO C 80 22.28 16.09 10.87
N ALA C 81 21.50 15.11 11.33
CA ALA C 81 21.23 14.87 12.73
C ALA C 81 22.53 14.95 13.54
N PHE C 82 22.51 15.81 14.56
CA PHE C 82 23.55 15.91 15.57
C PHE C 82 24.79 16.63 15.05
N ILE C 83 24.68 17.14 13.83
CA ILE C 83 25.69 18.02 13.28
C ILE C 83 25.11 19.43 13.27
N THR C 84 23.91 19.60 12.68
CA THR C 84 23.29 20.91 12.60
C THR C 84 21.96 21.06 13.35
N GLN C 85 21.37 19.93 13.75
CA GLN C 85 20.11 19.90 14.51
C GLN C 85 19.91 18.59 15.25
N CYS C 86 18.99 18.62 16.21
CA CYS C 86 18.38 17.43 16.78
C CYS C 86 17.25 17.04 15.84
N PRO C 87 16.87 15.74 15.79
CA PRO C 87 15.78 15.34 14.90
C PRO C 87 14.47 15.93 15.33
N ILE C 88 13.56 16.12 14.37
CA ILE C 88 12.18 16.48 14.63
C ILE C 88 11.49 15.22 15.17
N ILE C 89 10.79 15.34 16.30
CA ILE C 89 10.02 14.20 16.84
C ILE C 89 8.65 14.12 16.17
N VAL C 90 8.05 12.94 16.19
CA VAL C 90 6.75 12.76 15.55
C VAL C 90 5.66 13.63 16.18
N GLY C 91 4.73 14.12 15.34
CA GLY C 91 3.66 15.04 15.78
C GLY C 91 4.07 16.52 15.76
N ASN C 92 5.36 16.78 15.56
CA ASN C 92 5.86 18.15 15.43
C ASN C 92 6.19 18.47 13.97
N SER C 93 6.28 19.76 13.69
CA SER C 93 6.72 20.22 12.39
C SER C 93 7.89 21.16 12.53
N PHE C 94 8.61 21.35 11.43
CA PHE C 94 9.75 22.24 11.39
C PHE C 94 9.83 22.84 9.99
N SER C 95 9.98 24.16 9.92
CA SER C 95 10.13 24.91 8.69
C SER C 95 11.62 25.03 8.31
N TYR C 96 12.01 24.36 7.23
CA TYR C 96 13.34 24.54 6.67
C TYR C 96 13.24 25.70 5.69
N ASN C 97 13.81 26.81 6.11
CA ASN C 97 13.64 28.09 5.48
C ASN C 97 14.99 28.49 4.99
N PHE C 98 15.22 28.45 3.68
CA PHE C 98 16.53 28.83 3.16
C PHE C 98 16.51 29.53 1.81
N ASN C 99 17.66 30.04 1.38
CA ASN C 99 17.77 30.63 0.06
C ASN C 99 18.84 29.91 -0.75
N VAL C 100 18.79 30.03 -2.07
CA VAL C 100 19.80 29.41 -2.93
C VAL C 100 20.43 30.41 -3.89
N PRO C 101 21.17 31.41 -3.35
CA PRO C 101 21.81 32.34 -4.27
C PRO C 101 22.95 31.63 -5.00
N GLY C 102 23.10 31.93 -6.29
CA GLY C 102 24.24 31.47 -7.07
C GLY C 102 24.36 29.98 -7.32
N MET C 103 23.28 29.23 -7.10
CA MET C 103 23.26 27.80 -7.42
C MET C 103 22.15 27.47 -8.39
N ALA C 104 22.42 26.60 -9.35
CA ALA C 104 21.36 26.06 -10.18
C ALA C 104 21.75 24.69 -10.67
N GLY C 105 20.79 23.78 -10.66
CA GLY C 105 20.98 22.46 -11.24
C GLY C 105 20.13 21.43 -10.55
N THR C 106 20.68 20.23 -10.50
CA THR C 106 19.99 19.02 -10.10
C THR C 106 20.54 18.56 -8.75
N TYR C 107 19.65 18.51 -7.76
CA TYR C 107 20.01 18.08 -6.42
C TYR C 107 19.02 16.99 -5.97
N TRP C 108 19.02 16.71 -4.68
CA TRP C 108 18.04 15.78 -4.10
C TRP C 108 17.96 16.05 -2.60
N TYR C 109 16.90 15.58 -1.96
CA TYR C 109 16.82 15.67 -0.52
C TYR C 109 16.64 14.27 0.07
N HIS C 110 17.02 14.08 1.33
CA HIS C 110 16.89 12.80 1.97
C HIS C 110 16.98 12.91 3.47
N SER C 111 16.37 11.95 4.14
CA SER C 111 16.65 11.79 5.54
C SER C 111 18.17 11.79 5.80
N HIS C 112 18.56 12.53 6.84
CA HIS C 112 19.95 12.48 7.29
C HIS C 112 20.03 12.10 8.78
N LEU C 113 19.17 11.14 9.16
CA LEU C 113 19.15 10.54 10.48
C LEU C 113 19.37 9.04 10.33
N THR C 114 20.42 8.52 10.95
CA THR C 114 20.80 7.12 10.82
C THR C 114 20.70 6.63 9.36
N THR C 115 20.16 5.42 9.11
CA THR C 115 20.00 4.92 7.74
C THR C 115 18.56 5.11 7.20
N GLN C 116 17.84 6.11 7.72
CA GLN C 116 16.42 6.25 7.38
C GLN C 116 16.11 6.52 5.90
N TYR C 117 17.03 7.17 5.18
CA TYR C 117 16.73 7.47 3.78
C TYR C 117 16.65 6.19 2.92
N CYS C 118 17.39 5.15 3.30
CA CYS C 118 17.25 3.81 2.69
C CYS C 118 15.80 3.30 2.76
N ASP C 119 15.16 3.52 3.91
CA ASP C 119 13.75 3.16 4.10
C ASP C 119 12.74 4.01 3.35
N GLY C 120 13.23 4.97 2.59
CA GLY C 120 12.40 5.63 1.56
C GLY C 120 12.32 7.15 1.50
N LEU C 121 12.84 7.85 2.50
CA LEU C 121 12.75 9.33 2.50
C LEU C 121 13.82 9.96 1.61
N ARG C 122 13.59 9.92 0.30
CA ARG C 122 14.51 10.49 -0.69
C ARG C 122 13.74 10.94 -1.95
N GLY C 123 14.11 12.08 -2.51
CA GLY C 123 13.41 12.66 -3.66
C GLY C 123 14.30 13.64 -4.39
N PRO C 124 13.93 14.02 -5.62
CA PRO C 124 14.73 14.95 -6.42
C PRO C 124 14.52 16.39 -5.98
N PHE C 125 15.53 17.23 -6.18
CA PHE C 125 15.46 18.67 -5.81
C PHE C 125 16.09 19.46 -6.94
N VAL C 126 15.32 20.30 -7.60
CA VAL C 126 15.79 20.96 -8.83
C VAL C 126 15.67 22.46 -8.71
N VAL C 127 16.79 23.16 -8.88
CA VAL C 127 16.79 24.63 -8.96
C VAL C 127 16.94 25.02 -10.43
N TYR C 128 15.80 25.31 -11.05
CA TYR C 128 15.77 25.76 -12.42
C TYR C 128 16.43 27.14 -12.56
N ASP C 129 16.93 27.42 -13.76
CA ASP C 129 17.56 28.68 -14.05
C ASP C 129 16.91 29.27 -15.30
N PRO C 130 16.11 30.34 -15.15
CA PRO C 130 15.43 30.92 -16.31
C PRO C 130 16.43 31.28 -17.44
N ASN C 131 17.66 31.61 -17.06
CA ASN C 131 18.71 31.94 -18.03
C ASN C 131 19.80 30.89 -18.08
N ASP C 132 19.42 29.63 -17.94
CA ASP C 132 20.37 28.53 -17.92
C ASP C 132 21.33 28.58 -19.11
N PRO C 133 22.65 28.66 -18.85
CA PRO C 133 23.56 28.79 -19.99
C PRO C 133 23.40 27.69 -21.01
N ASP C 134 22.83 26.56 -20.58
CA ASP C 134 22.65 25.37 -21.41
C ASP C 134 21.26 25.24 -22.06
N ALA C 135 20.35 26.15 -21.70
CA ALA C 135 18.92 26.05 -22.07
C ALA C 135 18.65 25.79 -23.55
N ASN C 136 19.50 26.34 -24.41
CA ASN C 136 19.26 26.23 -25.83
C ASN C 136 19.73 24.89 -26.39
N LEU C 137 20.16 23.99 -25.51
CA LEU C 137 20.72 22.69 -25.94
C LEU C 137 19.69 21.58 -25.97
N TYR C 138 18.48 21.90 -25.53
CA TYR C 138 17.39 20.93 -25.49
C TYR C 138 16.09 21.67 -25.58
N ASP C 139 15.05 20.95 -25.98
CA ASP C 139 13.69 21.50 -26.06
C ASP C 139 12.87 21.25 -24.81
N VAL C 140 13.16 20.14 -24.10
CA VAL C 140 12.32 19.75 -22.98
C VAL C 140 13.11 19.51 -21.71
N ASP C 141 12.71 20.22 -20.66
CA ASP C 141 13.25 20.00 -19.32
C ASP C 141 12.10 20.19 -18.35
N ASP C 142 11.59 19.09 -17.82
CA ASP C 142 10.52 19.18 -16.83
C ASP C 142 10.54 17.93 -15.96
N ASP C 143 9.47 17.74 -15.19
CA ASP C 143 9.41 16.64 -14.24
C ASP C 143 9.48 15.29 -14.94
N THR C 144 9.03 15.24 -16.19
CA THR C 144 9.07 13.98 -16.96
C THR C 144 10.49 13.60 -17.46
N THR C 145 11.49 14.47 -17.25
CA THR C 145 12.87 14.24 -17.68
C THR C 145 13.83 13.99 -16.52
N ILE C 146 13.29 13.96 -15.30
CA ILE C 146 14.04 13.54 -14.14
C ILE C 146 14.07 12.00 -14.10
N ILE C 147 15.26 11.45 -13.95
CA ILE C 147 15.43 10.00 -13.84
C ILE C 147 16.10 9.65 -12.51
N THR C 148 15.37 8.98 -11.60
CA THR C 148 15.96 8.56 -10.32
C THR C 148 16.44 7.11 -10.36
N LEU C 149 17.67 6.88 -9.88
CA LEU C 149 18.19 5.54 -9.68
C LEU C 149 18.27 5.22 -8.18
N ALA C 150 17.56 4.17 -7.77
CA ALA C 150 17.45 3.82 -6.36
C ALA C 150 17.72 2.33 -6.07
N ASP C 151 18.53 2.06 -5.05
CA ASP C 151 18.58 0.72 -4.46
C ASP C 151 17.39 0.50 -3.52
N TRP C 152 16.80 -0.69 -3.62
CA TRP C 152 15.70 -1.04 -2.77
C TRP C 152 15.96 -2.35 -2.03
N TYR C 153 15.53 -2.39 -0.78
CA TYR C 153 15.82 -3.51 0.15
C TYR C 153 14.55 -4.15 0.67
N HIS C 154 14.56 -5.47 0.78
CA HIS C 154 13.47 -6.17 1.46
C HIS C 154 13.63 -6.26 2.98
N VAL C 155 14.84 -6.02 3.44
CA VAL C 155 15.15 -5.99 4.87
C VAL C 155 15.15 -4.55 5.33
N LEU C 156 14.57 -4.27 6.49
CA LEU C 156 14.56 -2.91 7.05
C LEU C 156 15.95 -2.36 7.41
N ALA C 157 16.15 -1.06 7.16
CA ALA C 157 17.46 -0.44 7.39
C ALA C 157 18.00 -0.68 8.80
N LYS C 158 17.13 -0.51 9.80
CA LYS C 158 17.48 -0.68 11.22
C LYS C 158 17.88 -2.13 11.55
N GLU C 159 17.49 -3.06 10.70
CA GLU C 159 17.81 -4.46 10.95
C GLU C 159 18.97 -4.99 10.14
N MET C 160 19.55 -4.17 9.26
CA MET C 160 20.86 -4.48 8.64
C MET C 160 21.87 -4.42 9.80
N GLY C 161 22.83 -5.35 9.93
CA GLY C 161 23.43 -6.13 8.87
C GLY C 161 24.84 -5.53 8.80
N ALA C 162 25.07 -4.46 9.56
CA ALA C 162 26.22 -3.58 9.29
C ALA C 162 27.25 -3.43 10.43
N GLY C 163 28.53 -3.33 10.05
CA GLY C 163 28.95 -3.39 8.65
C GLY C 163 29.82 -4.60 8.35
N GLY C 164 29.49 -5.38 7.31
CA GLY C 164 28.54 -5.00 6.25
C GLY C 164 29.29 -4.62 4.97
N ALA C 165 29.09 -5.35 3.85
CA ALA C 165 28.34 -6.61 3.76
C ALA C 165 26.81 -6.44 3.63
N ILE C 166 26.38 -5.45 2.85
CA ILE C 166 24.96 -5.24 2.62
C ILE C 166 24.68 -5.14 1.11
N THR C 167 23.70 -5.90 0.62
CA THR C 167 23.28 -5.77 -0.77
C THR C 167 21.78 -5.57 -0.92
N ALA C 168 21.44 -4.81 -1.96
CA ALA C 168 20.06 -4.50 -2.27
C ALA C 168 19.35 -5.71 -2.87
N ASP C 169 18.04 -5.58 -2.99
CA ASP C 169 17.20 -6.63 -3.54
C ASP C 169 16.57 -6.24 -4.88
N SER C 170 16.72 -4.98 -5.26
CA SER C 170 16.35 -4.55 -6.59
C SER C 170 16.76 -3.14 -6.88
N THR C 171 16.80 -2.83 -8.18
CA THR C 171 17.05 -1.49 -8.68
C THR C 171 15.75 -0.87 -9.16
N LEU C 172 15.52 0.36 -8.75
CA LEU C 172 14.30 1.07 -9.10
C LEU C 172 14.65 2.32 -9.82
N ILE C 173 14.12 2.41 -11.03
CA ILE C 173 14.31 3.58 -11.90
C ILE C 173 12.94 4.24 -11.90
N ASP C 174 12.92 5.53 -11.54
CA ASP C 174 11.66 6.24 -11.37
C ASP C 174 10.68 5.45 -10.49
N GLY C 175 11.21 4.81 -9.45
CA GLY C 175 10.37 4.18 -8.41
C GLY C 175 9.88 2.77 -8.71
N LEU C 176 10.30 2.21 -9.84
CA LEU C 176 9.86 0.88 -10.28
C LEU C 176 11.03 0.12 -10.83
N GLY C 177 11.04 -1.19 -10.60
CA GLY C 177 12.09 -2.07 -11.11
C GLY C 177 11.87 -3.45 -10.54
N ARG C 178 12.62 -4.44 -11.01
CA ARG C 178 12.29 -5.82 -10.62
C ARG C 178 13.28 -6.40 -9.65
N THR C 179 12.83 -7.43 -8.91
CA THR C 179 13.61 -8.02 -7.85
C THR C 179 14.76 -8.89 -8.41
N HIS C 180 15.93 -8.83 -7.76
CA HIS C 180 17.10 -9.56 -8.20
C HIS C 180 16.84 -11.08 -8.06
N VAL C 181 16.29 -11.52 -6.92
CA VAL C 181 16.00 -12.95 -6.78
C VAL C 181 14.53 -13.26 -6.98
N ASN C 182 14.27 -14.36 -7.71
CA ASN C 182 12.90 -14.78 -8.04
C ASN C 182 12.12 -13.60 -8.65
N VAL C 183 12.75 -12.99 -9.64
CA VAL C 183 12.19 -11.88 -10.41
C VAL C 183 10.74 -12.18 -10.81
N ALA C 184 9.81 -11.41 -10.24
CA ALA C 184 8.41 -11.41 -10.67
C ALA C 184 8.22 -10.30 -11.73
N ALA C 185 7.28 -10.51 -12.64
CA ALA C 185 7.10 -9.63 -13.79
C ALA C 185 6.23 -8.45 -13.41
N VAL C 186 6.82 -7.53 -12.65
CA VAL C 186 6.15 -6.31 -12.21
C VAL C 186 6.42 -5.13 -13.16
N PRO C 187 5.70 -4.01 -12.97
CA PRO C 187 5.77 -2.96 -14.00
C PRO C 187 7.07 -2.19 -14.00
N LEU C 188 7.57 -1.92 -15.21
CA LEU C 188 8.76 -1.11 -15.42
C LEU C 188 8.36 0.35 -15.65
N SER C 189 9.24 1.27 -15.29
CA SER C 189 9.06 2.67 -15.68
C SER C 189 9.32 2.90 -17.15
N VAL C 190 8.55 3.84 -17.71
CA VAL C 190 8.65 4.29 -19.08
C VAL C 190 9.07 5.76 -19.10
N ILE C 191 10.03 6.08 -19.97
CA ILE C 191 10.40 7.44 -20.27
C ILE C 191 10.14 7.69 -21.76
N THR C 192 9.20 8.61 -22.03
CA THR C 192 8.69 8.82 -23.37
C THR C 192 9.37 10.02 -23.99
N VAL C 193 9.73 9.87 -25.26
CA VAL C 193 10.35 10.93 -26.06
C VAL C 193 9.72 10.98 -27.45
N GLU C 194 9.87 12.09 -28.17
CA GLU C 194 9.33 12.22 -29.53
C GLU C 194 10.49 12.48 -30.49
N VAL C 195 10.47 11.82 -31.65
CA VAL C 195 11.58 12.00 -32.62
C VAL C 195 11.87 13.48 -32.90
N GLY C 196 13.14 13.82 -32.98
CA GLY C 196 13.57 15.17 -33.33
C GLY C 196 13.71 16.14 -32.16
N LYS C 197 13.12 15.78 -31.03
CA LYS C 197 13.20 16.61 -29.83
C LYS C 197 14.42 16.24 -28.98
N ARG C 198 14.96 17.25 -28.29
CA ARG C 198 16.12 17.05 -27.42
C ARG C 198 15.65 17.18 -25.97
N TYR C 199 16.22 16.36 -25.09
CA TYR C 199 15.76 16.27 -23.71
C TYR C 199 16.87 16.46 -22.69
N ARG C 200 16.67 17.35 -21.73
CA ARG C 200 17.57 17.43 -20.60
C ARG C 200 17.15 16.37 -19.59
N MET C 201 17.74 15.19 -19.70
CA MET C 201 17.54 14.14 -18.70
C MET C 201 18.34 14.52 -17.47
N ARG C 202 17.68 14.59 -16.33
CA ARG C 202 18.37 14.90 -15.10
C ARG C 202 18.52 13.58 -14.31
N LEU C 203 19.72 13.03 -14.35
CA LEU C 203 20.01 11.73 -13.76
C LEU C 203 20.40 11.92 -12.32
N VAL C 204 19.61 11.34 -11.41
CA VAL C 204 19.79 11.57 -9.98
C VAL C 204 19.94 10.24 -9.28
N SER C 205 21.13 10.00 -8.73
CA SER C 205 21.38 8.82 -7.93
C SER C 205 20.89 9.11 -6.53
N ILE C 206 19.81 8.44 -6.14
CA ILE C 206 19.34 8.49 -4.76
C ILE C 206 19.73 7.20 -4.00
N SER C 207 20.87 6.64 -4.39
CA SER C 207 21.32 5.33 -3.89
C SER C 207 21.80 5.46 -2.46
N CYS C 208 21.43 4.48 -1.61
CA CYS C 208 22.11 4.23 -0.31
C CYS C 208 23.50 3.61 -0.39
N ASP C 209 23.82 3.00 -1.53
CA ASP C 209 25.03 2.20 -1.61
C ASP C 209 25.60 2.05 -3.02
N PRO C 210 24.99 1.18 -3.85
CA PRO C 210 25.64 0.87 -5.12
C PRO C 210 25.82 2.04 -6.08
N ASN C 211 26.84 1.94 -6.90
CA ASN C 211 26.98 2.82 -8.06
C ASN C 211 26.40 2.09 -9.26
N TYR C 212 25.97 2.84 -10.26
CA TYR C 212 25.31 2.26 -11.42
C TYR C 212 26.03 2.56 -12.72
N ASP C 213 26.06 1.58 -13.61
CA ASP C 213 26.52 1.75 -14.96
C ASP C 213 25.26 2.06 -15.77
N PHE C 214 25.08 3.32 -16.14
CA PHE C 214 23.85 3.74 -16.80
C PHE C 214 24.08 3.94 -18.30
N SER C 215 23.15 3.45 -19.10
CA SER C 215 23.23 3.60 -20.54
C SER C 215 21.83 3.42 -21.12
N ILE C 216 21.58 3.97 -22.31
CA ILE C 216 20.32 3.82 -23.00
C ILE C 216 20.67 3.18 -24.34
N ASP C 217 20.14 1.99 -24.59
CA ASP C 217 20.39 1.31 -25.86
C ASP C 217 20.11 2.22 -27.07
N GLY C 218 21.02 2.19 -28.03
CA GLY C 218 20.84 2.88 -29.29
C GLY C 218 21.15 4.37 -29.20
N HIS C 219 21.40 4.85 -27.98
CA HIS C 219 21.54 6.29 -27.81
C HIS C 219 22.83 6.71 -27.12
N ASP C 220 23.21 7.93 -27.44
CA ASP C 220 24.29 8.66 -26.81
C ASP C 220 23.71 9.58 -25.77
N MET C 221 24.58 10.10 -24.90
CA MET C 221 24.18 11.07 -23.89
C MET C 221 25.21 12.19 -23.83
N THR C 222 24.75 13.44 -23.85
CA THR C 222 25.66 14.60 -23.78
C THR C 222 25.55 15.31 -22.44
N ILE C 223 26.54 15.04 -21.59
CA ILE C 223 26.60 15.61 -20.26
C ILE C 223 26.82 17.13 -20.33
N ILE C 224 26.03 17.85 -19.54
CA ILE C 224 26.07 19.31 -19.51
C ILE C 224 26.08 19.86 -18.07
N GLU C 225 25.93 18.96 -17.08
CA GLU C 225 25.88 19.32 -15.65
C GLU C 225 26.37 18.19 -14.79
N THR C 226 27.20 18.50 -13.80
CA THR C 226 27.60 17.49 -12.83
C THR C 226 27.51 18.00 -11.41
N ASP C 227 26.68 17.34 -10.59
CA ASP C 227 26.47 17.77 -9.19
C ASP C 227 26.16 19.28 -9.12
N GLY C 228 25.28 19.78 -9.99
CA GLY C 228 24.92 21.20 -9.97
C GLY C 228 25.90 22.13 -10.70
N VAL C 229 27.06 21.59 -11.05
CA VAL C 229 28.06 22.39 -11.74
C VAL C 229 27.95 22.15 -13.24
N ASP C 230 27.59 23.21 -13.97
CA ASP C 230 27.50 23.19 -15.43
C ASP C 230 28.81 22.75 -16.04
N SER C 231 28.75 21.78 -16.96
CA SER C 231 29.95 21.31 -17.66
C SER C 231 29.97 21.69 -19.13
N GLN C 232 31.17 21.80 -19.69
CA GLN C 232 31.39 21.71 -21.12
C GLN C 232 30.74 20.42 -21.61
N GLU C 233 30.23 20.46 -22.83
CA GLU C 233 29.60 19.29 -23.41
C GLU C 233 30.58 18.11 -23.52
N LEU C 234 30.16 16.96 -22.99
CA LEU C 234 30.91 15.71 -23.13
C LEU C 234 29.96 14.60 -23.47
N THR C 235 30.14 14.01 -24.64
CA THR C 235 29.24 12.97 -25.16
C THR C 235 29.76 11.58 -24.80
N VAL C 236 28.92 10.80 -24.14
CA VAL C 236 29.29 9.49 -23.67
C VAL C 236 28.21 8.48 -24.05
N ASP C 237 28.57 7.19 -24.07
CA ASP C 237 27.57 6.14 -24.24
C ASP C 237 27.34 5.31 -22.98
N GLU C 238 28.03 5.67 -21.89
CA GLU C 238 27.78 5.06 -20.58
C GLU C 238 28.23 5.97 -19.46
N ILE C 239 27.48 5.98 -18.37
CA ILE C 239 27.79 6.82 -17.21
C ILE C 239 27.82 5.94 -15.95
N GLN C 240 29.00 5.86 -15.33
CA GLN C 240 29.11 5.28 -14.01
C GLN C 240 28.79 6.37 -13.01
N ILE C 241 27.72 6.18 -12.23
CA ILE C 241 27.23 7.21 -11.34
C ILE C 241 27.17 6.67 -9.92
N PHE C 242 27.85 7.38 -9.02
CA PHE C 242 28.01 6.93 -7.65
C PHE C 242 26.93 7.52 -6.75
N ALA C 243 26.78 6.96 -5.56
CA ALA C 243 25.71 7.33 -4.63
C ALA C 243 25.70 8.84 -4.44
N ALA C 244 24.54 9.47 -4.66
CA ALA C 244 24.30 10.89 -4.39
C ALA C 244 24.78 11.83 -5.50
N GLN C 245 25.40 11.30 -6.55
CA GLN C 245 25.82 12.11 -7.68
C GLN C 245 24.65 12.49 -8.59
N ARG C 246 24.84 13.54 -9.38
CA ARG C 246 23.87 13.95 -10.41
C ARG C 246 24.60 14.31 -11.70
N TYR C 247 23.95 13.99 -12.82
CA TYR C 247 24.29 14.51 -14.14
C TYR C 247 23.02 14.94 -14.83
N SER C 248 23.10 16.05 -15.56
CA SER C 248 22.14 16.33 -16.63
C SER C 248 22.83 15.96 -17.94
N PHE C 249 22.14 15.19 -18.78
CA PHE C 249 22.62 14.92 -20.12
C PHE C 249 21.56 15.22 -21.17
N VAL C 250 21.99 15.67 -22.34
CA VAL C 250 21.05 15.85 -23.41
C VAL C 250 20.86 14.51 -24.07
N LEU C 251 19.58 14.12 -24.12
CA LEU C 251 19.15 13.02 -24.96
C LEU C 251 18.51 13.57 -26.22
N ASN C 252 19.16 13.34 -27.35
CA ASN C 252 18.57 13.67 -28.63
C ASN C 252 17.82 12.47 -29.16
N ALA C 253 16.51 12.59 -29.31
CA ALA C 253 15.74 11.47 -29.80
C ALA C 253 15.79 11.43 -31.32
N ASN C 254 16.80 10.75 -31.85
CA ASN C 254 17.15 10.77 -33.27
C ASN C 254 17.29 9.37 -33.84
N GLN C 255 16.76 8.40 -33.10
CA GLN C 255 16.81 7.00 -33.47
C GLN C 255 15.45 6.61 -34.02
N PRO C 256 15.35 5.44 -34.70
CA PRO C 256 14.03 5.10 -35.27
C PRO C 256 13.01 4.93 -34.15
N VAL C 257 11.75 5.29 -34.44
CA VAL C 257 10.66 5.16 -33.49
C VAL C 257 10.54 3.71 -33.08
N GLY C 258 10.74 3.45 -31.77
CA GLY C 258 10.63 2.11 -31.22
C GLY C 258 10.84 2.17 -29.71
N ASN C 259 11.24 1.02 -29.17
CA ASN C 259 11.48 0.82 -27.76
C ASN C 259 12.91 0.45 -27.50
N TYR C 260 13.53 1.13 -26.53
CA TYR C 260 14.93 0.94 -26.20
C TYR C 260 15.05 0.72 -24.69
N TRP C 261 15.87 -0.26 -24.29
CA TRP C 261 16.13 -0.48 -22.89
C TRP C 261 16.94 0.65 -22.30
N ILE C 262 16.47 1.13 -21.15
CA ILE C 262 17.29 1.93 -20.24
C ILE C 262 17.96 0.98 -19.24
N ARG C 263 19.28 1.07 -19.12
CA ARG C 263 20.06 0.15 -18.28
C ARG C 263 20.75 0.89 -17.13
N ALA C 264 20.85 0.22 -15.98
CA ALA C 264 21.53 0.75 -14.80
C ALA C 264 21.97 -0.45 -13.95
N ASN C 265 23.21 -0.92 -14.16
CA ASN C 265 23.78 -2.09 -13.52
CA ASN C 265 23.72 -2.09 -13.45
C ASN C 265 24.51 -1.67 -12.23
N PRO C 266 24.07 -2.17 -11.07
CA PRO C 266 24.77 -1.84 -9.84
C PRO C 266 26.06 -2.62 -9.71
N ASN C 267 27.01 -2.05 -8.96
CA ASN C 267 28.27 -2.73 -8.68
C ASN C 267 28.05 -3.95 -7.80
N SER C 268 26.91 -4.00 -7.12
CA SER C 268 26.59 -5.15 -6.26
C SER C 268 25.11 -5.47 -6.34
N GLY C 269 24.72 -6.66 -5.86
CA GLY C 269 23.38 -7.15 -6.07
C GLY C 269 23.29 -7.77 -7.44
N GLY C 270 22.09 -7.71 -8.03
CA GLY C 270 21.78 -8.39 -9.28
C GLY C 270 22.62 -7.95 -10.46
N GLU C 271 23.33 -8.89 -11.06
CA GLU C 271 24.13 -8.65 -12.26
C GLU C 271 23.37 -9.04 -13.53
N GLY C 272 23.40 -8.14 -14.52
CA GLY C 272 22.73 -8.39 -15.78
C GLY C 272 21.31 -7.83 -15.79
N PHE C 273 20.47 -8.33 -16.70
CA PHE C 273 19.17 -7.71 -16.99
C PHE C 273 18.13 -8.78 -17.34
N ASP C 274 18.36 -10.01 -16.88
CA ASP C 274 17.43 -11.09 -17.12
C ASP C 274 16.11 -10.80 -16.48
N GLY C 275 15.04 -11.09 -17.18
CA GLY C 275 13.68 -10.81 -16.69
C GLY C 275 13.36 -9.32 -16.53
N GLY C 276 14.26 -8.44 -16.98
CA GLY C 276 13.99 -7.01 -16.89
C GLY C 276 14.40 -6.37 -15.57
N ILE C 277 15.33 -7.02 -14.86
CA ILE C 277 15.93 -6.35 -13.69
C ILE C 277 16.80 -5.23 -14.18
N ASN C 278 17.11 -4.27 -13.31
CA ASN C 278 18.07 -3.21 -13.62
C ASN C 278 17.69 -2.45 -14.90
N SER C 279 16.39 -2.34 -15.16
CA SER C 279 15.88 -1.83 -16.43
C SER C 279 14.68 -0.91 -16.32
N ALA C 280 14.61 0.00 -17.30
CA ALA C 280 13.43 0.80 -17.58
C ALA C 280 13.31 0.88 -19.12
N ILE C 281 12.29 1.55 -19.63
CA ILE C 281 12.00 1.53 -21.05
C ILE C 281 11.99 2.96 -21.63
N LEU C 282 12.82 3.20 -22.63
CA LEU C 282 12.70 4.42 -23.42
C LEU C 282 11.73 4.16 -24.58
N ARG C 283 10.65 4.93 -24.62
CA ARG C 283 9.63 4.74 -25.65
C ARG C 283 9.45 6.01 -26.45
N TYR C 284 9.56 5.90 -27.77
CA TYR C 284 9.22 7.01 -28.68
C TYR C 284 7.70 7.04 -28.82
N ASP C 285 7.11 8.24 -28.86
CA ASP C 285 5.69 8.33 -29.07
C ASP C 285 5.37 7.75 -30.44
N GLY C 286 4.31 6.96 -30.51
CA GLY C 286 3.96 6.26 -31.73
C GLY C 286 4.57 4.87 -31.86
N ALA C 287 5.52 4.53 -31.01
CA ALA C 287 6.05 3.15 -30.95
C ALA C 287 4.97 2.17 -30.45
N THR C 288 5.09 0.90 -30.85
CA THR C 288 4.25 -0.17 -30.29
C THR C 288 4.49 -0.21 -28.80
N THR C 289 3.42 -0.32 -28.00
CA THR C 289 3.61 -0.50 -26.56
C THR C 289 4.03 -1.94 -26.31
N ALA C 290 5.34 -2.15 -26.21
CA ALA C 290 5.92 -3.47 -26.00
C ALA C 290 7.29 -3.30 -25.36
N ASP C 291 7.80 -4.37 -24.77
CA ASP C 291 9.15 -4.35 -24.25
C ASP C 291 10.15 -4.11 -25.35
N PRO C 292 11.23 -3.39 -25.03
CA PRO C 292 12.37 -3.33 -25.95
C PRO C 292 12.92 -4.72 -26.21
N VAL C 293 13.46 -4.91 -27.40
CA VAL C 293 14.18 -6.13 -27.76
C VAL C 293 15.61 -5.76 -28.16
N THR C 294 16.03 -4.55 -27.79
CA THR C 294 17.34 -4.04 -28.14
C THR C 294 18.43 -4.69 -27.28
N VAL C 295 19.67 -4.65 -27.77
CA VAL C 295 20.84 -5.04 -26.98
C VAL C 295 21.72 -3.82 -26.71
N ALA C 296 22.54 -3.89 -25.67
CA ALA C 296 23.56 -2.86 -25.45
C ALA C 296 24.75 -3.13 -26.39
N SER C 297 25.59 -2.13 -26.61
CA SER C 297 26.83 -2.34 -27.36
C SER C 297 27.72 -3.39 -26.68
N THR C 298 28.30 -4.28 -27.49
CA THR C 298 29.20 -5.32 -26.96
C THR C 298 30.25 -4.72 -26.02
N VAL C 299 30.80 -3.58 -26.42
CA VAL C 299 31.68 -2.77 -25.56
C VAL C 299 31.31 -1.28 -25.73
N HIS C 300 31.25 -0.56 -24.62
CA HIS C 300 31.01 0.88 -24.68
C HIS C 300 32.29 1.63 -25.08
N THR C 301 32.14 2.55 -26.02
CA THR C 301 33.28 3.20 -26.68
C THR C 301 33.64 4.54 -26.05
N LYS C 302 32.64 5.26 -25.55
CA LYS C 302 32.89 6.59 -24.98
C LYS C 302 32.29 6.69 -23.55
N CYS C 303 32.77 5.82 -22.67
CA CYS C 303 32.33 5.75 -21.29
C CYS C 303 32.84 6.97 -20.53
N LEU C 304 32.02 7.45 -19.60
CA LEU C 304 32.40 8.61 -18.79
C LEU C 304 33.68 8.33 -18.02
N ILE C 305 34.63 9.26 -18.11
CA ILE C 305 35.84 9.27 -17.28
C ILE C 305 35.78 10.62 -16.65
N GLU C 306 35.90 10.70 -15.33
CA GLU C 306 35.77 11.97 -14.62
C GLU C 306 36.75 13.08 -15.06
N THR C 307 37.96 12.70 -15.48
CA THR C 307 38.94 13.66 -16.00
C THR C 307 38.61 14.23 -17.38
N ASP C 308 37.54 13.79 -18.03
CA ASP C 308 37.13 14.33 -19.33
C ASP C 308 36.11 15.44 -19.17
N LEU C 309 35.72 15.69 -17.91
CA LEU C 309 34.73 16.71 -17.59
C LEU C 309 35.38 18.01 -17.15
N HIS C 310 34.83 19.12 -17.64
CA HIS C 310 35.29 20.46 -17.24
C HIS C 310 34.12 21.40 -17.04
N PRO C 311 34.26 22.35 -16.11
CA PRO C 311 33.20 23.33 -15.90
C PRO C 311 32.90 24.09 -17.19
N LEU C 312 31.65 24.55 -17.34
CA LEU C 312 31.30 25.42 -18.44
C LEU C 312 31.91 26.79 -18.14
N SER C 313 31.86 27.20 -16.86
CA SER C 313 32.53 28.42 -16.42
C SER C 313 34.01 28.20 -16.26
N ARG C 314 34.81 29.25 -16.48
CA ARG C 314 36.24 29.23 -16.17
C ARG C 314 36.36 29.28 -14.65
N ASN C 315 36.18 28.10 -14.04
CA ASN C 315 36.29 27.90 -12.60
C ASN C 315 37.70 27.84 -12.06
N GLY C 316 38.64 27.35 -12.86
CA GLY C 316 40.00 27.14 -12.38
C GLY C 316 40.09 26.20 -11.20
N VAL C 317 41.11 26.43 -10.37
CA VAL C 317 41.40 25.66 -9.16
C VAL C 317 42.00 26.65 -8.19
N PRO C 318 41.47 26.72 -6.95
CA PRO C 318 42.16 27.57 -5.97
C PRO C 318 43.55 27.02 -5.58
N GLY C 319 44.44 27.91 -5.13
CA GLY C 319 45.78 27.55 -4.64
C GLY C 319 46.88 27.50 -5.69
N ASN C 320 47.85 26.60 -5.50
CA ASN C 320 49.03 26.47 -6.37
C ASN C 320 49.08 25.18 -7.19
N PRO C 321 49.75 25.22 -8.36
CA PRO C 321 49.72 24.03 -9.21
C PRO C 321 50.69 22.92 -8.80
N HIS C 322 50.55 22.40 -7.58
CA HIS C 322 51.32 21.22 -7.18
C HIS C 322 50.75 20.59 -5.94
N GLN C 323 51.03 19.30 -5.75
CA GLN C 323 50.49 18.53 -4.63
C GLN C 323 50.88 19.18 -3.30
N GLY C 324 49.88 19.67 -2.57
CA GLY C 324 50.10 20.39 -1.32
C GLY C 324 50.18 21.90 -1.51
N GLY C 325 49.95 22.37 -2.74
CA GLY C 325 49.94 23.80 -3.05
C GLY C 325 48.72 24.52 -2.50
N ALA C 326 48.42 24.27 -1.21
CA ALA C 326 47.28 24.88 -0.53
C ALA C 326 47.63 25.34 0.90
N ASP C 327 46.94 26.38 1.37
CA ASP C 327 47.07 26.90 2.73
C ASP C 327 46.98 25.79 3.77
N CYS C 328 45.79 25.22 3.89
CA CYS C 328 45.54 24.14 4.83
C CYS C 328 45.38 22.85 4.01
N ASN C 329 46.49 22.12 3.88
CA ASN C 329 46.50 20.89 3.09
C ASN C 329 46.45 19.67 4.00
N LEU C 330 45.30 19.01 3.96
CA LEU C 330 45.05 17.86 4.77
C LEU C 330 45.24 16.59 3.96
N ASN C 331 45.63 15.55 4.66
CA ASN C 331 45.63 14.22 4.11
C ASN C 331 44.94 13.34 5.15
N LEU C 332 43.82 12.75 4.78
CA LEU C 332 43.03 11.96 5.74
C LEU C 332 43.42 10.48 5.68
N SER C 333 43.46 9.83 6.85
CA SER C 333 43.68 8.38 6.94
C SER C 333 42.33 7.68 7.05
N LEU C 334 41.93 7.08 5.93
CA LEU C 334 40.61 6.48 5.80
C LEU C 334 40.77 5.00 5.98
N GLY C 335 40.19 4.47 7.05
CA GLY C 335 40.36 3.05 7.36
C GLY C 335 39.10 2.33 7.79
N PHE C 336 39.21 1.00 7.86
CA PHE C 336 38.13 0.17 8.32
C PHE C 336 38.70 -1.06 8.99
N ALA C 337 38.22 -1.32 10.20
CA ALA C 337 38.56 -2.54 10.94
C ALA C 337 37.49 -2.80 11.98
N CYS C 338 37.24 -4.08 12.25
CA CYS C 338 36.36 -4.50 13.33
C CYS C 338 34.97 -3.88 13.22
N GLY C 339 34.44 -3.88 12.00
CA GLY C 339 33.08 -3.44 11.72
C GLY C 339 32.81 -1.95 11.77
N ASN C 340 33.86 -1.16 11.97
CA ASN C 340 33.76 0.29 12.03
C ASN C 340 34.74 0.98 11.08
N PHE C 341 34.26 2.06 10.46
CA PHE C 341 35.10 2.92 9.62
C PHE C 341 35.71 4.00 10.48
N VAL C 342 36.89 4.46 10.08
CA VAL C 342 37.64 5.44 10.83
C VAL C 342 38.19 6.50 9.88
N ILE C 343 38.26 7.73 10.38
CA ILE C 343 38.91 8.83 9.67
C ILE C 343 39.91 9.42 10.67
N ASN C 344 41.20 9.35 10.31
CA ASN C 344 42.30 9.67 11.23
C ASN C 344 42.19 8.91 12.55
N GLY C 345 41.91 7.61 12.41
CA GLY C 345 41.78 6.70 13.55
C GLY C 345 40.58 6.90 14.45
N VAL C 346 39.67 7.79 14.07
CA VAL C 346 38.47 7.99 14.89
C VAL C 346 37.16 7.72 14.10
N SER C 347 36.35 6.83 14.66
CA SER C 347 35.08 6.43 14.05
C SER C 347 34.01 7.43 14.47
N PHE C 348 33.20 7.89 13.53
CA PHE C 348 32.20 8.88 13.87
C PHE C 348 31.06 8.22 14.63
N THR C 349 30.74 8.78 15.79
CA THR C 349 29.53 8.41 16.53
C THR C 349 28.90 9.71 17.02
N PRO C 350 27.65 9.96 16.64
CA PRO C 350 26.92 11.23 16.80
C PRO C 350 26.99 11.78 18.22
N PRO C 351 27.28 13.09 18.39
CA PRO C 351 27.28 13.70 19.71
C PRO C 351 25.85 13.96 20.23
N THR C 352 25.69 14.03 21.55
CA THR C 352 24.39 14.31 22.17
C THR C 352 23.89 15.71 21.84
N VAL C 353 24.80 16.68 21.77
CA VAL C 353 24.44 18.05 21.41
C VAL C 353 24.95 18.32 20.00
N PRO C 354 24.05 18.76 19.08
CA PRO C 354 24.53 19.03 17.75
C PRO C 354 25.73 19.99 17.77
N VAL C 355 26.76 19.62 17.04
CA VAL C 355 27.92 20.47 16.86
C VAL C 355 27.52 21.93 16.68
N LEU C 356 26.55 22.23 15.81
CA LEU C 356 26.11 23.63 15.65
C LEU C 356 25.71 24.28 16.97
N LEU C 357 24.95 23.58 17.82
CA LEU C 357 24.47 24.14 19.09
C LEU C 357 25.64 24.33 20.07
N GLN C 358 26.56 23.37 20.11
CA GLN C 358 27.78 23.51 20.89
C GLN C 358 28.49 24.84 20.61
N ILE C 359 28.56 25.21 19.34
CA ILE C 359 29.18 26.44 18.89
C ILE C 359 28.36 27.67 19.30
N CYS C 360 27.06 27.63 19.01
CA CYS C 360 26.14 28.66 19.49
C CYS C 360 26.22 28.80 21.01
N SER C 361 26.59 27.70 21.69
CA SER C 361 26.67 27.68 23.16
C SER C 361 27.99 28.23 23.71
N GLY C 362 28.93 28.58 22.83
CA GLY C 362 30.16 29.18 23.27
C GLY C 362 31.43 28.47 22.87
N ALA C 363 31.35 27.50 21.96
CA ALA C 363 32.56 26.92 21.37
C ALA C 363 33.35 27.99 20.57
N ASN C 364 34.65 28.05 20.84
CA ASN C 364 35.59 28.97 20.18
C ASN C 364 36.47 28.17 19.24
N THR C 365 36.94 27.05 19.78
CA THR C 365 37.66 26.02 19.08
C THR C 365 36.68 24.89 19.36
N ALA C 366 36.81 23.71 18.77
CA ALA C 366 37.94 23.21 18.05
C ALA C 366 38.20 22.02 18.94
N ALA C 367 38.99 22.23 19.99
CA ALA C 367 39.21 21.23 21.01
C ALA C 367 38.00 21.30 21.97
N ASP C 368 37.25 22.38 21.86
CA ASP C 368 36.02 22.57 22.64
C ASP C 368 34.83 21.74 22.17
N LEU C 369 34.90 21.20 20.95
CA LEU C 369 33.78 20.51 20.31
C LEU C 369 33.79 19.00 20.49
N LEU C 370 32.59 18.41 20.59
CA LEU C 370 32.42 16.95 20.63
C LEU C 370 31.75 16.44 19.32
N PRO C 371 32.06 15.19 18.88
CA PRO C 371 33.03 14.26 19.50
C PRO C 371 34.51 14.58 19.25
N SER C 372 35.31 14.34 20.29
CA SER C 372 36.76 14.45 20.22
C SER C 372 37.33 13.60 19.08
N GLY C 373 38.18 14.27 18.29
CA GLY C 373 38.87 13.63 17.17
C GLY C 373 38.01 13.52 15.93
N SER C 374 36.80 14.11 15.96
CA SER C 374 35.87 14.02 14.82
C SER C 374 35.46 15.39 14.25
N VAL C 375 36.04 16.44 14.82
CA VAL C 375 35.87 17.79 14.32
C VAL C 375 37.23 18.39 13.96
N ILE C 376 37.35 18.89 12.72
CA ILE C 376 38.50 19.67 12.30
C ILE C 376 38.00 21.09 11.98
N SER C 377 38.56 22.10 12.63
CA SER C 377 38.28 23.46 12.20
C SER C 377 39.03 23.79 10.91
N LEU C 378 38.44 24.68 10.12
CA LEU C 378 39.08 25.21 8.93
C LEU C 378 39.11 26.72 9.05
N PRO C 379 40.23 27.35 8.68
CA PRO C 379 40.32 28.80 8.76
C PRO C 379 39.49 29.47 7.68
N SER C 380 38.93 30.62 8.02
CA SER C 380 38.12 31.37 7.09
C SER C 380 38.94 31.89 5.91
N ASN C 381 38.27 32.03 4.76
CA ASN C 381 38.86 32.59 3.54
C ASN C 381 40.22 31.96 3.17
N SER C 382 40.24 30.63 3.18
CA SER C 382 41.47 29.88 2.96
C SER C 382 41.31 28.81 1.89
N THR C 383 42.40 28.49 1.22
CA THR C 383 42.42 27.40 0.25
C THR C 383 42.72 26.12 0.99
N ILE C 384 41.74 25.22 0.95
CA ILE C 384 41.85 23.94 1.63
C ILE C 384 42.04 22.88 0.55
N GLU C 385 43.02 22.00 0.73
CA GLU C 385 43.14 20.81 -0.09
C GLU C 385 42.99 19.57 0.78
N ILE C 386 42.10 18.65 0.38
CA ILE C 386 41.96 17.37 1.08
C ILE C 386 42.32 16.19 0.20
N ALA C 387 43.33 15.42 0.62
CA ALA C 387 43.64 14.15 -0.03
C ALA C 387 42.87 13.01 0.66
N LEU C 388 42.21 12.16 -0.13
CA LEU C 388 41.41 11.06 0.39
C LEU C 388 41.88 9.71 -0.18
N PRO C 389 43.14 9.32 0.14
CA PRO C 389 43.74 8.14 -0.45
C PRO C 389 42.92 6.88 -0.14
N ALA C 390 42.62 6.11 -1.18
CA ALA C 390 41.74 4.95 -1.08
C ALA C 390 42.45 3.74 -0.44
N GLY C 391 41.66 2.71 -0.12
CA GLY C 391 42.21 1.51 0.49
C GLY C 391 41.23 0.79 1.40
N ALA C 392 40.57 1.54 2.28
CA ALA C 392 39.61 0.97 3.19
C ALA C 392 38.53 0.25 2.41
N ALA C 393 38.15 -0.93 2.88
CA ALA C 393 37.04 -1.64 2.28
C ALA C 393 35.85 -0.80 2.68
N GLY C 394 34.87 -0.63 1.80
CA GLY C 394 34.85 -1.10 0.43
C GLY C 394 33.61 -0.41 -0.07
N GLY C 395 33.73 0.51 -1.01
CA GLY C 395 34.93 0.77 -1.77
C GLY C 395 34.44 0.35 -3.13
N PRO C 396 34.31 1.26 -4.09
CA PRO C 396 34.82 2.61 -4.07
C PRO C 396 33.88 3.58 -3.33
N HIS C 397 34.45 4.36 -2.42
CA HIS C 397 33.68 5.21 -1.51
C HIS C 397 33.47 6.59 -2.12
N PRO C 398 32.19 6.96 -2.32
CA PRO C 398 31.81 8.29 -2.81
C PRO C 398 31.81 9.31 -1.67
N PHE C 399 32.84 10.12 -1.58
CA PHE C 399 32.89 11.10 -0.51
C PHE C 399 32.15 12.37 -0.89
N HIS C 400 31.43 12.91 0.10
CA HIS C 400 30.60 14.08 -0.06
C HIS C 400 30.88 15.09 1.07
N LEU C 401 30.90 16.37 0.69
CA LEU C 401 31.08 17.46 1.62
C LEU C 401 29.86 18.33 1.59
N HIS C 402 29.33 18.61 2.77
CA HIS C 402 28.21 19.53 2.91
C HIS C 402 28.70 20.96 2.75
N GLY C 403 27.77 21.84 2.47
CA GLY C 403 27.98 23.27 2.41
C GLY C 403 28.93 23.78 1.35
N HIS C 404 29.36 22.89 0.47
CA HIS C 404 30.35 23.25 -0.52
C HIS C 404 30.36 22.35 -1.72
N ASP C 405 30.96 22.85 -2.78
CA ASP C 405 31.44 21.99 -3.83
C ASP C 405 32.93 22.23 -3.91
N PHE C 406 33.61 21.42 -4.69
CA PHE C 406 35.06 21.38 -4.66
C PHE C 406 35.63 21.01 -6.03
N ALA C 407 36.86 21.45 -6.30
CA ALA C 407 37.57 21.08 -7.51
C ALA C 407 38.12 19.69 -7.31
N VAL C 408 37.94 18.82 -8.30
CA VAL C 408 38.52 17.48 -8.20
C VAL C 408 39.86 17.46 -8.91
N SER C 409 40.90 17.86 -8.16
CA SER C 409 42.26 17.97 -8.68
C SER C 409 42.83 16.64 -9.16
N GLU C 410 42.47 15.55 -8.48
CA GLU C 410 42.92 14.24 -8.91
C GLU C 410 41.83 13.20 -8.70
N SER C 411 41.45 12.56 -9.79
CA SER C 411 40.36 11.59 -9.79
C SER C 411 40.88 10.19 -9.57
N ALA C 412 39.93 9.27 -9.41
CA ALA C 412 40.19 7.85 -9.31
C ALA C 412 40.90 7.29 -10.54
N SER C 413 41.71 6.24 -10.34
CA SER C 413 42.42 5.50 -11.40
C SER C 413 43.18 6.40 -12.38
N ASN C 414 43.91 7.36 -11.83
CA ASN C 414 44.70 8.30 -12.61
C ASN C 414 45.50 9.16 -11.65
N SER C 415 46.81 9.02 -11.68
CA SER C 415 47.67 9.81 -10.78
C SER C 415 48.09 11.17 -11.37
N THR C 416 47.60 11.48 -12.58
CA THR C 416 47.85 12.78 -13.21
C THR C 416 46.84 13.77 -12.65
N SER C 417 47.31 14.66 -11.79
CA SER C 417 46.48 15.74 -11.25
C SER C 417 46.23 16.83 -12.31
N ASN C 418 45.13 17.59 -12.14
CA ASN C 418 44.75 18.69 -13.04
C ASN C 418 44.52 19.96 -12.25
N TYR C 419 45.42 20.93 -12.41
CA TYR C 419 45.35 22.21 -11.72
C TYR C 419 44.85 23.30 -12.64
N ASP C 420 44.36 22.91 -13.81
CA ASP C 420 43.91 23.88 -14.80
CA ASP C 420 43.90 23.89 -14.78
C ASP C 420 42.39 23.97 -14.89
N ASP C 421 41.76 22.88 -15.35
CA ASP C 421 40.33 22.92 -15.57
C ASP C 421 39.59 21.66 -15.11
N PRO C 422 39.92 21.13 -13.90
CA PRO C 422 39.20 19.95 -13.42
C PRO C 422 37.74 20.29 -13.17
N ILE C 423 36.89 19.28 -13.23
CA ILE C 423 35.48 19.41 -12.89
C ILE C 423 35.33 19.75 -11.39
N TRP C 424 34.32 20.56 -11.07
CA TRP C 424 33.91 20.79 -9.69
C TRP C 424 32.60 20.06 -9.46
N ARG C 425 32.44 19.51 -8.27
CA ARG C 425 31.26 18.73 -7.92
C ARG C 425 31.18 18.67 -6.39
N ASP C 426 30.27 17.88 -5.84
CA ASP C 426 30.10 17.79 -4.39
C ASP C 426 30.20 16.37 -3.83
N VAL C 427 30.25 15.37 -4.72
CA VAL C 427 30.37 13.95 -4.34
C VAL C 427 31.29 13.26 -5.34
N VAL C 428 32.37 12.65 -4.85
CA VAL C 428 33.37 12.05 -5.73
C VAL C 428 33.78 10.64 -5.29
N SER C 429 33.85 9.69 -6.24
CA SER C 429 34.45 8.39 -5.93
C SER C 429 35.94 8.51 -5.61
N ILE C 430 36.39 7.94 -4.49
CA ILE C 430 37.81 8.00 -4.16
C ILE C 430 38.63 6.87 -4.79
N GLY C 431 37.97 6.02 -5.57
CA GLY C 431 38.68 5.03 -6.37
C GLY C 431 39.13 3.83 -5.56
N GLY C 432 40.28 3.26 -5.92
CA GLY C 432 40.77 2.02 -5.33
C GLY C 432 42.18 2.14 -4.74
N VAL C 433 42.64 1.08 -4.08
CA VAL C 433 43.96 1.09 -3.45
C VAL C 433 45.02 1.65 -4.41
N GLY C 434 45.84 2.57 -3.90
CA GLY C 434 46.83 3.27 -4.73
C GLY C 434 46.36 4.64 -5.20
N ASP C 435 45.06 4.85 -5.23
CA ASP C 435 44.51 6.12 -5.73
C ASP C 435 44.71 7.23 -4.70
N ASN C 436 44.76 8.47 -5.16
CA ASN C 436 44.98 9.59 -4.26
C ASN C 436 44.07 10.77 -4.61
N VAL C 437 42.77 10.49 -4.60
CA VAL C 437 41.75 11.46 -4.99
C VAL C 437 41.88 12.68 -4.11
N THR C 438 41.92 13.85 -4.73
CA THR C 438 42.18 15.09 -4.02
C THR C 438 41.26 16.24 -4.48
N ILE C 439 40.77 16.99 -3.49
CA ILE C 439 39.84 18.08 -3.76
C ILE C 439 40.32 19.42 -3.18
N ARG C 440 39.98 20.52 -3.84
CA ARG C 440 40.21 21.82 -3.22
C ARG C 440 38.96 22.68 -3.21
N PHE C 441 38.89 23.60 -2.23
CA PHE C 441 37.79 24.54 -2.09
C PHE C 441 38.22 25.69 -1.19
N CYS C 442 37.49 26.80 -1.28
CA CYS C 442 37.68 27.96 -0.41
C CYS C 442 36.62 28.05 0.67
N THR C 443 37.06 28.43 1.88
CA THR C 443 36.15 28.55 2.98
C THR C 443 35.49 29.92 2.97
N ASP C 444 34.35 30.04 2.30
CA ASP C 444 33.58 31.28 2.39
C ASP C 444 32.21 31.03 3.01
N ASN C 445 32.11 30.03 3.91
CA ASN C 445 30.82 29.54 4.40
C ASN C 445 30.91 29.04 5.84
N PRO C 446 30.81 29.97 6.82
CA PRO C 446 30.92 29.59 8.24
C PRO C 446 29.85 28.56 8.68
N GLY C 447 30.30 27.57 9.43
CA GLY C 447 29.42 26.55 9.99
C GLY C 447 30.08 25.19 10.00
N PRO C 448 29.49 24.22 10.73
CA PRO C 448 30.02 22.86 10.73
C PRO C 448 29.45 22.05 9.56
N TRP C 449 30.34 21.60 8.68
CA TRP C 449 29.93 20.94 7.47
C TRP C 449 30.40 19.49 7.48
N PHE C 450 29.44 18.58 7.36
CA PHE C 450 29.68 17.14 7.35
C PHE C 450 30.56 16.78 6.16
N LEU C 451 31.49 15.85 6.38
CA LEU C 451 32.27 15.25 5.31
C LEU C 451 32.21 13.77 5.57
N HIS C 452 31.63 13.00 4.63
CA HIS C 452 31.42 11.58 4.86
C HIS C 452 31.35 10.75 3.59
N CYS C 453 31.54 9.44 3.72
CA CYS C 453 31.27 8.56 2.60
C CYS C 453 29.75 8.48 2.48
N HIS C 454 29.21 8.60 1.27
CA HIS C 454 27.74 8.60 1.04
C HIS C 454 27.10 7.22 0.83
N ILE C 455 27.89 6.15 1.01
CA ILE C 455 27.28 4.82 1.23
C ILE C 455 26.73 4.85 2.65
N ASP C 456 25.42 4.90 2.75
CA ASP C 456 24.78 5.23 4.03
C ASP C 456 25.13 4.23 5.13
N TRP C 457 25.27 2.97 4.73
CA TRP C 457 25.73 1.92 5.65
C TRP C 457 27.09 2.24 6.22
N HIS C 458 27.99 2.82 5.40
CA HIS C 458 29.34 3.18 5.87
C HIS C 458 29.28 4.42 6.79
N LEU C 459 28.52 5.44 6.39
CA LEU C 459 28.32 6.58 7.28
C LEU C 459 27.87 6.09 8.66
N ASP C 460 26.93 5.14 8.66
CA ASP C 460 26.38 4.56 9.88
C ASP C 460 27.45 3.76 10.66
N ALA C 461 28.35 3.10 9.93
CA ALA C 461 29.48 2.42 10.56
C ALA C 461 30.64 3.41 10.88
N GLY C 462 30.35 4.72 10.75
CA GLY C 462 31.19 5.77 11.30
C GLY C 462 32.15 6.50 10.36
N PHE C 463 31.98 6.33 9.05
CA PHE C 463 32.89 6.91 8.06
C PHE C 463 32.59 8.40 7.80
N ALA C 464 32.89 9.28 8.77
CA ALA C 464 32.57 10.71 8.68
C ALA C 464 33.43 11.56 9.62
N ILE C 465 33.54 12.86 9.31
CA ILE C 465 34.02 13.90 10.24
C ILE C 465 33.35 15.24 9.97
N VAL C 466 33.57 16.22 10.86
CA VAL C 466 32.93 17.53 10.72
C VAL C 466 33.96 18.62 10.51
N PHE C 467 33.86 19.35 9.40
CA PHE C 467 34.68 20.52 9.18
C PHE C 467 34.00 21.72 9.84
N ALA C 468 34.54 22.13 10.97
CA ALA C 468 33.98 23.25 11.71
C ALA C 468 34.56 24.54 11.13
N GLU C 469 33.97 24.98 10.03
CA GLU C 469 34.48 26.12 9.27
C GLU C 469 34.22 27.44 9.98
N ASP C 470 35.31 28.20 10.18
CA ASP C 470 35.26 29.52 10.83
C ASP C 470 34.35 29.48 12.05
N ILE C 471 34.73 28.67 13.04
CA ILE C 471 34.01 28.57 14.32
C ILE C 471 33.60 29.95 14.92
N PRO C 472 34.54 30.94 14.96
CA PRO C 472 34.25 32.23 15.60
C PRO C 472 33.15 33.04 14.94
N ASN C 473 33.05 32.96 13.61
CA ASN C 473 31.98 33.65 12.89
C ASN C 473 30.71 32.82 12.71
N THR C 474 30.67 31.61 13.28
CA THR C 474 29.54 30.69 13.07
C THR C 474 28.17 31.22 13.59
N ALA C 475 28.16 31.82 14.77
CA ALA C 475 26.91 32.30 15.35
C ALA C 475 26.36 33.59 14.75
N SER C 476 27.24 34.52 14.37
CA SER C 476 26.77 35.76 13.74
C SER C 476 26.30 35.47 12.33
N ALA C 477 26.98 34.51 11.70
CA ALA C 477 26.74 34.11 10.32
C ALA C 477 25.45 33.33 10.14
N ASN C 478 25.01 32.61 11.17
CA ASN C 478 23.86 31.73 11.07
C ASN C 478 22.88 32.01 12.19
N PRO C 479 22.18 33.17 12.12
CA PRO C 479 21.13 33.33 13.11
C PRO C 479 20.08 32.20 13.02
N VAL C 480 19.76 31.59 14.16
CA VAL C 480 18.82 30.47 14.24
C VAL C 480 17.41 30.90 14.65
N PRO C 481 16.39 30.29 14.02
CA PRO C 481 15.05 30.60 14.48
C PRO C 481 14.73 29.92 15.82
N GLU C 482 13.70 30.41 16.50
CA GLU C 482 13.20 29.86 17.75
C GLU C 482 12.81 28.37 17.65
N ALA C 483 12.11 28.02 16.58
CA ALA C 483 11.73 26.61 16.31
C ALA C 483 12.94 25.66 16.28
N TRP C 484 14.08 26.16 15.80
CA TRP C 484 15.30 25.36 15.79
C TRP C 484 15.79 25.15 17.22
N SER C 485 15.77 26.24 18.00
CA SER C 485 16.09 26.18 19.42
C SER C 485 15.25 25.18 20.20
N ASN C 486 13.99 25.01 19.78
CA ASN C 486 13.07 24.07 20.44
C ASN C 486 13.30 22.60 20.12
N LEU C 487 14.06 22.32 19.05
CA LEU C 487 14.29 20.93 18.62
C LEU C 487 14.89 20.03 19.69
N CYS C 488 16.06 20.42 20.20
CA CYS C 488 16.81 19.55 21.11
C CYS C 488 16.10 19.37 22.46
N PRO C 489 15.52 20.46 23.04
CA PRO C 489 14.70 20.25 24.24
C PRO C 489 13.53 19.24 24.00
N SER C 490 12.85 19.34 22.86
CA SER C 490 11.77 18.38 22.53
C SER C 490 12.33 16.96 22.37
N TYR C 491 13.45 16.85 21.69
CA TYR C 491 14.03 15.55 21.36
C TYR C 491 14.57 14.82 22.57
N ASP C 492 15.35 15.49 23.41
CA ASP C 492 15.89 14.87 24.61
C ASP C 492 14.78 14.54 25.61
N SER C 493 13.79 15.43 25.71
CA SER C 493 12.62 15.24 26.57
C SER C 493 11.90 13.95 26.18
N ALA C 494 11.60 13.82 24.88
CA ALA C 494 10.94 12.63 24.31
C ALA C 494 11.73 11.32 24.45
N HIS C 495 13.06 11.44 24.45
CA HIS C 495 13.96 10.29 24.57
C HIS C 495 14.64 10.25 25.94
#